data_8IO8
#
_entry.id   8IO8
#
_cell.length_a   1.00
_cell.length_b   1.00
_cell.length_c   1.00
_cell.angle_alpha   90.00
_cell.angle_beta   90.00
_cell.angle_gamma   90.00
#
_symmetry.space_group_name_H-M   'P 1'
#
loop_
_entity.id
_entity.type
_entity.pdbx_description
1 polymer 'Probable phosphoketolase'
2 non-polymer 'PHOSPHOAMINOPHOSPHONIC ACID-ADENYLATE ESTER'
3 non-polymer 'THIAMINE DIPHOSPHATE'
4 non-polymer 'MAGNESIUM ION'
#
_entity_poly.entity_id   1
_entity_poly.type   'polypeptide(L)'
_entity_poly.pdbx_seq_one_letter_code
;MTSTLQATDIATLSPNEQAAIDAWWRAANYLSVGQIYLRDNPLLQEPLRPEHIKQRLLGHWGSDPGLSFVYVHLNRLIRR
LDLNLIYVTGPGHGAPALLANAWLEGTYSEVYPNCQQSTAGLQQFFKQFSFPGGIGSHCTPETPGSIHEGGELGYSLSHA
FGAALDNPDLIVACVIGDGEAETGPLATSWHSNKFLNPAQDGAVLPILHLNGYKIANPTLLSRISHEELRSLFIGYGYEP
FFVEGNDPAILHGVMASTLATCVQKIQAIQAAARSGESSDRPMWPMIVLRTPKGWTGPATIKGHVVEGSWRSHQVPMADV
LTNPEHLQLLEDWLRSYRPEELFDASGAPVAELQAIAPIGDRRMSANPVTNGGLLRRALTLPDFRDQAVSVPAPGKSRAD
STRPLGQFLREVIRHNPDNFRLFGPDETASNRLDAVYEVTSKVWLGDRIPEDEDGGHLSDRGRVMEILSEHTLEGWLEAY
LLTGRHGFFATYEAFAHVIDSMVNQHAKWLDVSKREVDWRAPVSSLNILLSSTVWRQDHNGFSHQDPGFIDLVTNKSARV
TRIYLPPDANCLLSVADHCLRSTDYINVIVADKQSHLQYLDAEAAARHCAKGIGIWDWASNDQGASPDVVIASCGDVVTL
EALAATALLREHFPDLKIRFVNVVDLFRLQPDTEHPHGLSDRDFDSLFTVDKPIIFNFHGYPWLIHKLAYRRHNHNNLHV
RGYKEVGNINTPLELAIRNQVDRFNLAIDVIDRVPHLRDRGAHVKEWLKDQIHDHIQYAYQEGIDRPEINQWQWPF
;
_entity_poly.pdbx_strand_id   A,B
#
loop_
_chem_comp.id
_chem_comp.type
_chem_comp.name
_chem_comp.formula
ANP non-polymer 'PHOSPHOAMINOPHOSPHONIC ACID-ADENYLATE ESTER' 'C10 H17 N6 O12 P3'
MG non-polymer 'MAGNESIUM ION' 'Mg 2'
TPP non-polymer 'THIAMINE DIPHOSPHATE' 'C12 H19 N4 O7 P2 S 1'
#
# COMPACT_ATOMS: atom_id res chain seq x y z
N ASP A 9 33.06 -35.23 3.99
CA ASP A 9 31.90 -36.09 3.76
C ASP A 9 30.62 -35.40 4.20
N ILE A 10 30.71 -34.08 4.41
CA ILE A 10 29.53 -33.32 4.80
C ILE A 10 28.53 -33.26 3.67
N ALA A 11 29.01 -33.16 2.43
CA ALA A 11 28.11 -33.13 1.28
C ALA A 11 27.39 -34.46 1.10
N THR A 12 28.10 -35.57 1.26
CA THR A 12 27.50 -36.88 1.06
C THR A 12 26.60 -37.25 2.24
N LEU A 13 25.47 -37.85 1.93
CA LEU A 13 24.48 -38.26 2.93
C LEU A 13 24.57 -39.77 3.10
N SER A 14 24.84 -40.21 4.32
CA SER A 14 24.93 -41.64 4.59
C SER A 14 23.56 -42.30 4.45
N PRO A 15 23.52 -43.55 3.98
CA PRO A 15 22.23 -44.26 3.94
C PRO A 15 21.60 -44.41 5.31
N ASN A 16 22.42 -44.62 6.34
CA ASN A 16 21.90 -44.66 7.69
C ASN A 16 21.42 -43.28 8.14
N GLU A 17 22.16 -42.23 7.78
CA GLU A 17 21.75 -40.87 8.11
C GLU A 17 20.52 -40.46 7.33
N GLN A 18 20.37 -40.94 6.10
CA GLN A 18 19.20 -40.58 5.31
C GLN A 18 17.93 -41.19 5.91
N ALA A 19 18.04 -42.38 6.49
CA ALA A 19 16.86 -43.02 7.07
C ALA A 19 16.29 -42.20 8.21
N ALA A 20 17.15 -41.68 9.09
CA ALA A 20 16.67 -40.86 10.19
C ALA A 20 16.11 -39.53 9.69
N ILE A 21 16.75 -38.94 8.68
CA ILE A 21 16.23 -37.70 8.11
C ILE A 21 14.87 -37.95 7.46
N ASP A 22 14.74 -39.05 6.72
CA ASP A 22 13.45 -39.38 6.12
C ASP A 22 12.41 -39.70 7.18
N ALA A 23 12.81 -40.38 8.25
CA ALA A 23 11.88 -40.67 9.34
C ALA A 23 11.39 -39.39 9.99
N TRP A 24 12.29 -38.44 10.21
CA TRP A 24 11.89 -37.16 10.76
C TRP A 24 10.90 -36.45 9.85
N TRP A 25 11.15 -36.50 8.54
CA TRP A 25 10.28 -35.83 7.59
C TRP A 25 8.88 -36.42 7.59
N ARG A 26 8.78 -37.75 7.68
CA ARG A 26 7.47 -38.39 7.77
C ARG A 26 6.76 -38.02 9.06
N ALA A 27 7.50 -37.96 10.17
CA ALA A 27 6.89 -37.55 11.42
C ALA A 27 6.39 -36.11 11.36
N ALA A 28 7.17 -35.23 10.74
CA ALA A 28 6.74 -33.85 10.58
C ALA A 28 5.51 -33.75 9.70
N ASN A 29 5.47 -34.52 8.61
CA ASN A 29 4.30 -34.52 7.75
C ASN A 29 3.09 -35.11 8.44
N TYR A 30 3.29 -36.15 9.25
CA TYR A 30 2.17 -36.74 9.98
C TYR A 30 1.54 -35.76 10.94
N LEU A 31 2.37 -35.00 11.66
CA LEU A 31 1.83 -34.03 12.60
C LEU A 31 1.16 -32.86 11.89
N SER A 32 1.65 -32.50 10.70
CA SER A 32 0.99 -31.45 9.92
C SER A 32 -0.42 -31.87 9.53
N VAL A 33 -0.58 -33.12 9.08
CA VAL A 33 -1.91 -33.60 8.72
C VAL A 33 -2.79 -33.71 9.95
N GLY A 34 -2.23 -34.17 11.06
CA GLY A 34 -3.01 -34.28 12.28
C GLY A 34 -3.51 -32.95 12.78
N GLN A 35 -2.69 -31.91 12.66
CA GLN A 35 -3.10 -30.58 13.09
C GLN A 35 -4.26 -30.07 12.24
N ILE A 36 -4.24 -30.36 10.94
CA ILE A 36 -5.29 -29.86 10.06
C ILE A 36 -6.61 -30.59 10.32
N TYR A 37 -6.56 -31.90 10.50
CA TYR A 37 -7.76 -32.73 10.50
C TYR A 37 -8.20 -33.19 11.88
N LEU A 38 -7.30 -33.78 12.65
CA LEU A 38 -7.70 -34.49 13.86
C LEU A 38 -7.89 -33.54 15.04
N ARG A 39 -8.90 -33.81 15.85
CA ARG A 39 -9.04 -33.20 17.16
C ARG A 39 -9.01 -34.23 18.28
N ASP A 40 -8.88 -35.51 17.95
CA ASP A 40 -8.79 -36.57 18.93
C ASP A 40 -8.13 -37.75 18.26
N ASN A 41 -7.71 -38.72 19.06
CA ASN A 41 -7.08 -39.94 18.58
C ASN A 41 -5.85 -39.60 17.75
N PRO A 42 -4.82 -39.01 18.35
CA PRO A 42 -3.69 -38.51 17.53
C PRO A 42 -2.94 -39.63 16.83
N LEU A 43 -2.51 -40.62 17.58
CA LEU A 43 -1.97 -41.85 17.00
C LEU A 43 -3.12 -42.80 16.80
N LEU A 44 -3.24 -43.36 15.60
CA LEU A 44 -4.43 -44.10 15.24
C LEU A 44 -4.50 -45.44 15.96
N GLN A 45 -4.65 -45.39 17.28
CA GLN A 45 -4.78 -46.63 18.05
C GLN A 45 -6.13 -47.28 17.85
N GLU A 46 -7.16 -46.48 17.61
CA GLU A 46 -8.51 -46.95 17.31
C GLU A 46 -8.90 -46.48 15.92
N PRO A 47 -9.87 -47.14 15.28
CA PRO A 47 -10.28 -46.71 13.94
C PRO A 47 -10.77 -45.27 13.94
N LEU A 48 -10.45 -44.57 12.86
CA LEU A 48 -10.77 -43.15 12.76
C LEU A 48 -12.27 -42.97 12.57
N ARG A 49 -12.92 -42.35 13.54
CA ARG A 49 -14.34 -42.07 13.54
C ARG A 49 -14.60 -40.60 13.28
N PRO A 50 -15.75 -40.24 12.72
CA PRO A 50 -15.99 -38.82 12.38
C PRO A 50 -15.98 -37.89 13.57
N GLU A 51 -16.16 -38.39 14.79
CA GLU A 51 -16.06 -37.53 15.95
C GLU A 51 -14.63 -37.13 16.27
N HIS A 52 -13.64 -37.82 15.69
CA HIS A 52 -12.24 -37.43 15.84
C HIS A 52 -11.84 -36.30 14.90
N ILE A 53 -12.64 -36.03 13.89
CA ILE A 53 -12.27 -35.09 12.83
C ILE A 53 -12.75 -33.70 13.22
N LYS A 54 -11.92 -32.70 12.95
CA LYS A 54 -12.32 -31.32 13.17
C LYS A 54 -13.45 -30.92 12.24
N GLN A 55 -14.29 -30.01 12.73
CA GLN A 55 -15.27 -29.33 11.91
C GLN A 55 -14.74 -27.95 11.55
N ARG A 56 -15.07 -27.49 10.35
CA ARG A 56 -14.54 -26.23 9.81
C ARG A 56 -13.02 -26.29 9.71
N LEU A 57 -12.56 -27.16 8.80
CA LEU A 57 -11.13 -27.25 8.50
C LEU A 57 -10.63 -25.93 7.91
N LEU A 58 -9.52 -25.43 8.45
CA LEU A 58 -8.97 -24.16 8.01
C LEU A 58 -7.48 -24.20 7.69
N GLY A 59 -6.78 -25.29 8.01
CA GLY A 59 -5.37 -25.35 7.73
C GLY A 59 -5.06 -25.61 6.28
N HIS A 60 -3.81 -25.37 5.91
CA HIS A 60 -3.34 -25.56 4.54
C HIS A 60 -2.33 -26.69 4.50
N TRP A 61 -2.39 -27.49 3.45
CA TRP A 61 -1.55 -28.66 3.31
C TRP A 61 -0.49 -28.54 2.22
N GLY A 62 -0.78 -27.85 1.13
CA GLY A 62 0.07 -27.94 -0.06
C GLY A 62 1.51 -27.55 0.20
N SER A 63 1.73 -26.51 0.99
CA SER A 63 3.09 -26.04 1.23
C SER A 63 3.81 -26.77 2.34
N ASP A 64 3.09 -27.54 3.17
CA ASP A 64 3.70 -28.14 4.35
C ASP A 64 4.83 -29.11 4.04
N PRO A 65 4.68 -30.08 3.13
CA PRO A 65 5.79 -31.04 2.91
C PRO A 65 7.07 -30.37 2.47
N GLY A 66 6.98 -29.34 1.65
CA GLY A 66 8.19 -28.62 1.23
C GLY A 66 8.86 -27.90 2.38
N LEU A 67 8.06 -27.27 3.24
CA LEU A 67 8.63 -26.56 4.38
C LEU A 67 9.32 -27.51 5.35
N SER A 68 8.70 -28.66 5.63
CA SER A 68 9.32 -29.63 6.51
C SER A 68 10.53 -30.27 5.86
N PHE A 69 10.51 -30.43 4.54
CA PHE A 69 11.66 -30.98 3.83
C PHE A 69 12.87 -30.09 3.99
N VAL A 70 12.69 -28.78 3.89
CA VAL A 70 13.78 -27.85 4.08
C VAL A 70 14.23 -27.84 5.54
N TYR A 71 13.28 -27.93 6.47
CA TYR A 71 13.60 -27.83 7.89
C TYR A 71 14.51 -28.96 8.34
N VAL A 72 14.19 -30.19 7.95
CA VAL A 72 14.98 -31.33 8.42
C VAL A 72 16.38 -31.29 7.86
N HIS A 73 16.54 -30.82 6.62
CA HIS A 73 17.87 -30.75 6.03
C HIS A 73 18.68 -29.59 6.59
N LEU A 74 18.02 -28.51 7.04
CA LEU A 74 18.74 -27.45 7.72
C LEU A 74 19.22 -27.92 9.09
N ASN A 75 18.43 -28.74 9.77
CA ASN A 75 18.85 -29.27 11.07
C ASN A 75 20.09 -30.13 10.94
N ARG A 76 20.26 -30.79 9.80
CA ARG A 76 21.44 -31.63 9.60
C ARG A 76 22.71 -30.80 9.62
N LEU A 77 22.70 -29.64 8.96
CA LEU A 77 23.88 -28.80 8.93
C LEU A 77 24.12 -28.12 10.28
N ILE A 78 23.07 -27.85 11.04
CA ILE A 78 23.23 -27.28 12.37
C ILE A 78 23.97 -28.25 13.28
N ARG A 79 23.60 -29.52 13.24
CA ARG A 79 24.27 -30.51 14.07
C ARG A 79 25.71 -30.75 13.62
N ARG A 80 25.96 -30.67 12.31
CA ARG A 80 27.28 -30.98 11.77
C ARG A 80 28.23 -29.79 11.84
N LEU A 81 27.79 -28.63 11.37
CA LEU A 81 28.65 -27.47 11.26
C LEU A 81 28.45 -26.46 12.38
N ASP A 82 27.56 -26.74 13.33
CA ASP A 82 27.27 -25.84 14.44
C ASP A 82 26.85 -24.45 13.94
N LEU A 83 26.00 -24.44 12.92
CA LEU A 83 25.55 -23.19 12.33
C LEU A 83 24.51 -22.51 13.23
N ASN A 84 24.47 -21.19 13.15
CA ASN A 84 23.48 -20.38 13.83
C ASN A 84 22.43 -19.98 12.79
N LEU A 85 21.38 -20.79 12.68
CA LEU A 85 20.35 -20.59 11.68
C LEU A 85 19.05 -20.10 12.32
N ILE A 86 18.27 -19.37 11.53
CA ILE A 86 16.87 -19.13 11.83
C ILE A 86 16.08 -19.43 10.57
N TYR A 87 14.78 -19.61 10.74
CA TYR A 87 13.89 -20.06 9.67
C TYR A 87 12.81 -19.00 9.49
N VAL A 88 12.82 -18.34 8.34
CA VAL A 88 11.79 -17.35 7.98
C VAL A 88 10.90 -17.98 6.93
N THR A 89 9.60 -18.04 7.22
CA THR A 89 8.64 -18.75 6.40
C THR A 89 7.83 -17.76 5.56
N GLY A 90 8.00 -17.83 4.25
CA GLY A 90 7.21 -17.05 3.34
C GLY A 90 5.76 -17.49 3.31
N PRO A 91 5.51 -18.77 2.98
CA PRO A 91 4.14 -19.28 3.02
C PRO A 91 3.66 -19.48 4.44
N GLY A 92 3.17 -18.41 5.06
CA GLY A 92 2.73 -18.48 6.44
C GLY A 92 1.58 -19.42 6.67
N HIS A 93 0.81 -19.74 5.62
CA HIS A 93 -0.24 -20.74 5.74
C HIS A 93 0.32 -22.13 5.97
N GLY A 94 1.62 -22.33 5.78
CA GLY A 94 2.25 -23.59 6.10
C GLY A 94 2.73 -23.65 7.53
N ALA A 95 2.03 -22.92 8.41
CA ALA A 95 2.37 -22.92 9.83
C ALA A 95 2.39 -24.30 10.46
N PRO A 96 1.46 -25.23 10.18
CA PRO A 96 1.54 -26.54 10.85
C PRO A 96 2.82 -27.30 10.60
N ALA A 97 3.51 -27.05 9.49
CA ALA A 97 4.84 -27.63 9.29
C ALA A 97 5.83 -27.09 10.31
N LEU A 98 5.81 -25.77 10.55
CA LEU A 98 6.74 -25.17 11.50
C LEU A 98 6.46 -25.64 12.92
N LEU A 99 5.18 -25.74 13.28
CA LEU A 99 4.83 -26.21 14.61
C LEU A 99 5.19 -27.68 14.79
N ALA A 100 5.02 -28.48 13.73
CA ALA A 100 5.35 -29.90 13.82
C ALA A 100 6.82 -30.12 14.08
N ASN A 101 7.68 -29.36 13.39
CA ASN A 101 9.11 -29.51 13.59
C ASN A 101 9.54 -28.96 14.94
N ALA A 102 8.90 -27.88 15.39
CA ALA A 102 9.19 -27.36 16.72
C ALA A 102 8.81 -28.37 17.80
N TRP A 103 7.71 -29.09 17.60
CA TRP A 103 7.30 -30.12 18.54
C TRP A 103 8.30 -31.26 18.57
N LEU A 104 8.78 -31.70 17.41
CA LEU A 104 9.73 -32.81 17.36
C LEU A 104 11.04 -32.44 18.04
N GLU A 105 11.53 -31.22 17.83
CA GLU A 105 12.75 -30.77 18.49
C GLU A 105 12.60 -30.67 20.00
N GLY A 106 11.37 -30.60 20.50
CA GLY A 106 11.14 -30.38 21.90
C GLY A 106 10.98 -28.92 22.29
N THR A 107 11.13 -28.00 21.35
CA THR A 107 10.96 -26.58 21.67
C THR A 107 9.53 -26.27 22.07
N TYR A 108 8.55 -26.84 21.37
CA TYR A 108 7.17 -26.49 21.64
C TYR A 108 6.73 -26.98 23.01
N SER A 109 7.25 -28.12 23.47
CA SER A 109 6.90 -28.61 24.79
C SER A 109 7.48 -27.73 25.89
N GLU A 110 8.66 -27.17 25.68
CA GLU A 110 9.24 -26.26 26.67
C GLU A 110 8.45 -24.97 26.76
N VAL A 111 8.11 -24.38 25.62
CA VAL A 111 7.38 -23.12 25.61
C VAL A 111 5.95 -23.33 26.09
N TYR A 112 5.31 -24.40 25.62
CA TYR A 112 3.92 -24.70 25.98
C TYR A 112 3.88 -26.06 26.65
N PRO A 113 4.00 -26.12 27.98
CA PRO A 113 4.06 -27.42 28.66
C PRO A 113 2.79 -28.26 28.54
N ASN A 114 1.66 -27.65 28.17
CA ASN A 114 0.45 -28.44 27.99
C ASN A 114 0.55 -29.38 26.80
N CYS A 115 1.37 -29.04 25.81
CA CYS A 115 1.58 -29.88 24.63
C CYS A 115 2.88 -30.66 24.82
N GLN A 116 2.82 -31.68 25.67
CA GLN A 116 3.98 -32.51 25.94
C GLN A 116 4.24 -33.46 24.79
N GLN A 117 5.35 -34.22 24.89
CA GLN A 117 5.70 -35.21 23.88
C GLN A 117 4.80 -36.44 23.93
N SER A 118 3.96 -36.58 24.94
CA SER A 118 3.17 -37.77 25.14
C SER A 118 1.98 -37.82 24.18
N THR A 119 1.19 -38.89 24.28
CA THR A 119 -0.04 -38.98 23.51
C THR A 119 -1.04 -37.92 23.95
N ALA A 120 -1.12 -37.67 25.26
CA ALA A 120 -2.00 -36.62 25.75
C ALA A 120 -1.56 -35.26 25.24
N GLY A 121 -0.25 -35.04 25.13
CA GLY A 121 0.22 -33.80 24.54
C GLY A 121 -0.15 -33.67 23.08
N LEU A 122 -0.18 -34.79 22.36
CA LEU A 122 -0.56 -34.77 20.95
C LEU A 122 -2.04 -34.48 20.77
N GLN A 123 -2.88 -34.89 21.73
CA GLN A 123 -4.28 -34.53 21.66
C GLN A 123 -4.46 -33.02 21.69
N GLN A 124 -3.75 -32.35 22.59
CA GLN A 124 -3.83 -30.90 22.66
C GLN A 124 -3.14 -30.23 21.49
N PHE A 125 -2.04 -30.81 21.01
CA PHE A 125 -1.32 -30.21 19.90
C PHE A 125 -2.16 -30.22 18.63
N PHE A 126 -2.85 -31.32 18.35
CA PHE A 126 -3.70 -31.38 17.17
C PHE A 126 -4.95 -30.54 17.34
N LYS A 127 -5.57 -30.60 18.53
CA LYS A 127 -6.84 -29.95 18.77
C LYS A 127 -6.73 -28.43 18.64
N GLN A 128 -5.60 -27.86 19.06
CA GLN A 128 -5.49 -26.41 19.17
C GLN A 128 -5.39 -25.71 17.81
N PHE A 129 -4.96 -26.38 16.76
CA PHE A 129 -4.64 -25.69 15.52
C PHE A 129 -5.91 -25.26 14.79
N SER A 130 -5.97 -23.98 14.44
CA SER A 130 -7.10 -23.39 13.72
C SER A 130 -8.41 -23.69 14.44
N PHE A 131 -8.40 -23.54 15.75
CA PHE A 131 -9.54 -23.85 16.59
C PHE A 131 -9.86 -22.66 17.47
N PRO A 132 -11.13 -22.41 17.75
CA PRO A 132 -11.48 -21.34 18.69
C PRO A 132 -10.88 -21.60 20.06
N GLY A 133 -10.16 -20.62 20.57
CA GLY A 133 -9.42 -20.78 21.80
C GLY A 133 -8.08 -21.46 21.67
N GLY A 134 -7.68 -21.82 20.44
CA GLY A 134 -6.39 -22.43 20.22
C GLY A 134 -5.39 -21.47 19.61
N ILE A 135 -4.75 -21.88 18.52
CA ILE A 135 -3.78 -21.04 17.83
C ILE A 135 -4.22 -20.86 16.38
N GLY A 136 -3.71 -19.83 15.74
CA GLY A 136 -4.11 -19.48 14.40
C GLY A 136 -3.51 -20.39 13.34
N SER A 137 -3.86 -20.10 12.10
CA SER A 137 -3.42 -20.89 10.96
C SER A 137 -2.14 -20.35 10.31
N HIS A 138 -1.60 -19.25 10.81
CA HIS A 138 -0.38 -18.66 10.28
C HIS A 138 0.68 -18.63 11.37
N CYS A 139 1.86 -18.10 11.02
CA CYS A 139 3.00 -18.05 11.93
C CYS A 139 2.89 -16.81 12.81
N THR A 140 1.88 -16.82 13.67
CA THR A 140 1.60 -15.72 14.58
C THR A 140 2.72 -15.61 15.61
N PRO A 141 2.71 -14.56 16.44
CA PRO A 141 3.72 -14.48 17.51
C PRO A 141 3.71 -15.65 18.47
N GLU A 142 2.61 -16.41 18.55
CA GLU A 142 2.58 -17.59 19.40
C GLU A 142 3.50 -18.69 18.90
N THR A 143 3.94 -18.62 17.65
CA THR A 143 4.79 -19.65 17.09
C THR A 143 6.23 -19.46 17.56
N PRO A 144 6.84 -20.44 18.22
CA PRO A 144 8.26 -20.31 18.57
C PRO A 144 9.13 -20.23 17.32
N GLY A 145 10.14 -19.38 17.40
CA GLY A 145 11.07 -19.23 16.29
C GLY A 145 10.54 -18.46 15.10
N SER A 146 9.50 -17.66 15.28
CA SER A 146 8.89 -16.92 14.19
C SER A 146 9.04 -15.43 14.42
N ILE A 147 9.52 -14.72 13.40
CA ILE A 147 9.54 -13.26 13.40
C ILE A 147 8.62 -12.68 12.35
N HIS A 148 7.87 -13.51 11.63
CA HIS A 148 7.12 -13.04 10.48
C HIS A 148 6.02 -14.04 10.18
N GLU A 149 4.79 -13.55 10.09
CA GLU A 149 3.68 -14.36 9.62
C GLU A 149 3.45 -14.09 8.15
N GLY A 150 3.28 -15.16 7.38
CA GLY A 150 3.10 -15.02 5.95
C GLY A 150 1.65 -14.83 5.57
N GLY A 151 0.90 -14.08 6.37
CA GLY A 151 -0.47 -13.79 6.04
C GLY A 151 -0.56 -12.88 4.83
N GLU A 152 0.05 -11.71 4.95
CA GLU A 152 0.20 -10.80 3.81
C GLU A 152 1.53 -11.11 3.13
N LEU A 153 1.47 -11.59 1.91
CA LEU A 153 2.65 -12.10 1.23
C LEU A 153 3.48 -10.97 0.63
N GLY A 154 4.77 -11.23 0.47
CA GLY A 154 5.69 -10.33 -0.18
C GLY A 154 6.74 -9.72 0.71
N TYR A 155 6.66 -9.93 2.03
CA TYR A 155 7.57 -9.28 2.96
C TYR A 155 8.55 -10.25 3.62
N SER A 156 8.49 -11.53 3.28
CA SER A 156 9.34 -12.51 3.96
C SER A 156 10.81 -12.26 3.68
N LEU A 157 11.17 -11.96 2.43
CA LEU A 157 12.58 -11.83 2.08
C LEU A 157 13.19 -10.57 2.68
N SER A 158 12.45 -9.46 2.67
CA SER A 158 12.98 -8.24 3.29
C SER A 158 13.15 -8.41 4.79
N HIS A 159 12.30 -9.22 5.42
CA HIS A 159 12.50 -9.56 6.83
C HIS A 159 13.74 -10.41 7.02
N ALA A 160 14.05 -11.29 6.08
CA ALA A 160 15.25 -12.11 6.21
C ALA A 160 16.51 -11.25 6.22
N PHE A 161 16.57 -10.23 5.36
CA PHE A 161 17.73 -9.36 5.31
C PHE A 161 17.79 -8.43 6.53
N GLY A 162 16.63 -8.05 7.07
CA GLY A 162 16.63 -7.24 8.27
C GLY A 162 17.18 -7.97 9.47
N ALA A 163 16.92 -9.28 9.57
CA ALA A 163 17.45 -10.07 10.67
C ALA A 163 18.95 -10.29 10.51
N ALA A 164 19.44 -10.35 9.28
CA ALA A 164 20.85 -10.62 9.04
C ALA A 164 21.75 -9.41 9.27
N LEU A 165 21.18 -8.22 9.38
CA LEU A 165 21.98 -7.01 9.59
C LEU A 165 22.65 -7.05 10.96
N ASP A 166 23.95 -6.76 10.98
CA ASP A 166 24.74 -6.69 12.20
C ASP A 166 24.72 -8.01 12.98
N ASN A 167 24.54 -9.12 12.28
CA ASN A 167 24.51 -10.45 12.89
C ASN A 167 25.48 -11.35 12.13
N PRO A 168 26.79 -11.12 12.30
CA PRO A 168 27.76 -11.78 11.41
C PRO A 168 27.74 -13.30 11.46
N ASP A 169 27.41 -13.91 12.59
CA ASP A 169 27.42 -15.36 12.70
C ASP A 169 26.08 -15.99 12.37
N LEU A 170 25.10 -15.20 11.95
CA LEU A 170 23.74 -15.69 11.70
C LEU A 170 23.56 -15.95 10.22
N ILE A 171 22.94 -17.08 9.89
CA ILE A 171 22.50 -17.39 8.54
C ILE A 171 20.98 -17.52 8.58
N VAL A 172 20.31 -16.73 7.76
CA VAL A 172 18.85 -16.71 7.73
C VAL A 172 18.39 -17.47 6.49
N ALA A 173 17.70 -18.58 6.71
CA ALA A 173 17.13 -19.37 5.62
C ALA A 173 15.69 -18.92 5.42
N CYS A 174 15.43 -18.29 4.29
CA CYS A 174 14.11 -17.77 3.96
C CYS A 174 13.50 -18.62 2.86
N VAL A 175 12.38 -19.25 3.14
CA VAL A 175 11.66 -20.05 2.16
C VAL A 175 10.58 -19.18 1.55
N ILE A 176 10.63 -19.02 0.24
CA ILE A 176 9.75 -18.10 -0.48
C ILE A 176 8.84 -18.93 -1.38
N GLY A 177 7.54 -18.79 -1.19
CA GLY A 177 6.60 -19.44 -2.08
C GLY A 177 6.62 -18.80 -3.46
N ASP A 178 6.46 -19.64 -4.48
CA ASP A 178 6.53 -19.13 -5.85
C ASP A 178 5.36 -18.20 -6.17
N GLY A 179 4.21 -18.40 -5.53
CA GLY A 179 3.15 -17.42 -5.65
C GLY A 179 3.51 -16.10 -5.00
N GLU A 180 4.13 -16.15 -3.82
CA GLU A 180 4.56 -14.94 -3.13
C GLU A 180 5.59 -14.17 -3.96
N ALA A 181 6.41 -14.88 -4.73
CA ALA A 181 7.42 -14.21 -5.53
C ALA A 181 6.83 -13.37 -6.65
N GLU A 182 5.55 -13.55 -6.97
CA GLU A 182 4.88 -12.71 -7.96
C GLU A 182 4.46 -11.36 -7.41
N THR A 183 4.57 -11.14 -6.11
CA THR A 183 4.14 -9.88 -5.53
C THR A 183 5.18 -8.79 -5.77
N GLY A 184 4.71 -7.55 -5.68
CA GLY A 184 5.56 -6.39 -5.86
C GLY A 184 6.69 -6.28 -4.84
N PRO A 185 6.35 -6.27 -3.55
CA PRO A 185 7.40 -6.13 -2.54
C PRO A 185 8.48 -7.19 -2.60
N LEU A 186 8.13 -8.44 -2.90
CA LEU A 186 9.13 -9.49 -2.90
C LEU A 186 10.06 -9.39 -4.11
N ALA A 187 9.54 -8.96 -5.25
CA ALA A 187 10.35 -8.91 -6.46
C ALA A 187 11.52 -7.95 -6.30
N THR A 188 11.29 -6.80 -5.66
CA THR A 188 12.38 -5.84 -5.46
C THR A 188 13.27 -6.18 -4.27
N SER A 189 12.81 -7.03 -3.36
CA SER A 189 13.62 -7.35 -2.18
C SER A 189 14.74 -8.32 -2.49
N TRP A 190 14.78 -8.90 -3.69
CA TRP A 190 15.93 -9.70 -4.09
C TRP A 190 17.18 -8.85 -4.17
N HIS A 191 17.05 -7.57 -4.46
CA HIS A 191 18.18 -6.67 -4.60
C HIS A 191 18.78 -6.26 -3.26
N SER A 192 18.25 -6.77 -2.16
CA SER A 192 18.79 -6.42 -0.84
C SER A 192 20.21 -6.91 -0.65
N ASN A 193 20.68 -7.86 -1.47
CA ASN A 193 22.04 -8.34 -1.36
C ASN A 193 23.07 -7.28 -1.72
N LYS A 194 22.66 -6.18 -2.35
CA LYS A 194 23.54 -5.06 -2.64
C LYS A 194 23.68 -4.12 -1.44
N PHE A 195 23.02 -4.41 -0.34
CA PHE A 195 23.13 -3.62 0.89
C PHE A 195 23.58 -4.46 2.07
N LEU A 196 23.90 -5.73 1.87
CA LEU A 196 24.25 -6.64 2.95
C LEU A 196 25.77 -6.86 2.94
N ASN A 197 26.46 -6.26 3.89
CA ASN A 197 27.91 -6.26 3.90
C ASN A 197 28.41 -7.58 4.47
N PRO A 198 29.14 -8.40 3.70
CA PRO A 198 29.57 -9.70 4.21
C PRO A 198 30.50 -9.62 5.40
N ALA A 199 31.24 -8.52 5.57
CA ALA A 199 32.21 -8.43 6.64
C ALA A 199 31.53 -8.25 7.99
N GLN A 200 30.46 -7.46 8.04
CA GLN A 200 29.82 -7.13 9.31
C GLN A 200 28.44 -7.72 9.48
N ASP A 201 27.75 -8.06 8.40
CA ASP A 201 26.40 -8.59 8.48
C ASP A 201 26.38 -10.10 8.32
N GLY A 202 25.22 -10.68 8.54
CA GLY A 202 25.03 -12.09 8.35
C GLY A 202 24.77 -12.44 6.90
N ALA A 203 24.26 -13.63 6.68
CA ALA A 203 23.96 -14.11 5.34
C ALA A 203 22.52 -14.57 5.27
N VAL A 204 21.90 -14.31 4.13
CA VAL A 204 20.56 -14.81 3.83
C VAL A 204 20.69 -15.89 2.78
N LEU A 205 20.09 -17.06 3.05
CA LEU A 205 20.04 -18.16 2.10
C LEU A 205 18.61 -18.28 1.61
N PRO A 206 18.23 -17.56 0.55
CA PRO A 206 16.85 -17.66 0.06
C PRO A 206 16.62 -18.99 -0.62
N ILE A 207 15.50 -19.62 -0.30
CA ILE A 207 15.09 -20.88 -0.91
C ILE A 207 13.74 -20.66 -1.56
N LEU A 208 13.68 -20.81 -2.86
CA LEU A 208 12.45 -20.58 -3.60
C LEU A 208 11.67 -21.88 -3.66
N HIS A 209 10.55 -21.94 -2.95
CA HIS A 209 9.71 -23.13 -2.91
C HIS A 209 8.85 -23.14 -4.17
N LEU A 210 9.38 -23.70 -5.23
CA LEU A 210 8.75 -23.65 -6.54
C LEU A 210 7.91 -24.92 -6.76
N ASN A 211 6.79 -24.98 -6.05
CA ASN A 211 5.91 -26.13 -6.19
C ASN A 211 4.98 -26.02 -7.40
N GLY A 212 5.03 -24.91 -8.13
CA GLY A 212 4.35 -24.79 -9.40
C GLY A 212 2.99 -24.14 -9.35
N TYR A 213 2.41 -23.96 -8.16
CA TYR A 213 1.06 -23.43 -8.06
C TYR A 213 0.97 -22.54 -6.82
N LYS A 214 -0.04 -21.68 -6.80
CA LYS A 214 -0.28 -20.84 -5.63
C LYS A 214 -1.59 -21.16 -4.93
N ILE A 215 -2.74 -20.95 -5.59
CA ILE A 215 -4.02 -21.35 -5.03
C ILE A 215 -4.80 -22.16 -6.05
N ALA A 216 -5.01 -21.57 -7.23
CA ALA A 216 -5.72 -22.25 -8.30
C ALA A 216 -5.07 -22.03 -9.65
N ASN A 217 -3.91 -21.39 -9.71
CA ASN A 217 -3.21 -21.07 -10.95
C ASN A 217 -1.77 -21.55 -10.86
N PRO A 218 -1.16 -21.88 -11.99
CA PRO A 218 0.29 -22.07 -12.00
C PRO A 218 0.99 -20.74 -11.76
N THR A 219 2.08 -20.79 -11.02
CA THR A 219 2.86 -19.59 -10.78
C THR A 219 3.71 -19.28 -12.01
N LEU A 220 3.88 -17.98 -12.28
CA LEU A 220 4.61 -17.61 -13.49
C LEU A 220 6.08 -17.96 -13.40
N LEU A 221 6.65 -18.00 -12.19
CA LEU A 221 8.06 -18.37 -12.07
C LEU A 221 8.27 -19.84 -12.39
N SER A 222 7.29 -20.69 -12.11
CA SER A 222 7.42 -22.10 -12.42
C SER A 222 7.24 -22.37 -13.91
N ARG A 223 6.42 -21.58 -14.59
CA ARG A 223 6.09 -21.84 -15.98
C ARG A 223 7.01 -21.12 -16.97
N ILE A 224 7.94 -20.29 -16.51
CA ILE A 224 8.96 -19.79 -17.42
C ILE A 224 10.05 -20.85 -17.58
N SER A 225 10.86 -20.70 -18.62
CA SER A 225 11.86 -21.71 -18.92
C SER A 225 12.94 -21.72 -17.85
N HIS A 226 13.67 -22.83 -17.78
CA HIS A 226 14.74 -22.95 -16.80
C HIS A 226 15.84 -21.94 -17.06
N GLU A 227 16.14 -21.67 -18.33
CA GLU A 227 17.15 -20.66 -18.65
C GLU A 227 16.71 -19.28 -18.21
N GLU A 228 15.44 -18.94 -18.42
CA GLU A 228 14.93 -17.66 -17.94
C GLU A 228 14.99 -17.57 -16.42
N LEU A 229 14.61 -18.65 -15.74
CA LEU A 229 14.64 -18.65 -14.28
C LEU A 229 16.05 -18.50 -13.76
N ARG A 230 17.01 -19.19 -14.38
CA ARG A 230 18.40 -19.05 -13.97
C ARG A 230 18.92 -17.64 -14.24
N SER A 231 18.60 -17.08 -15.40
CA SER A 231 19.05 -15.74 -15.73
C SER A 231 18.43 -14.69 -14.82
N LEU A 232 17.20 -14.93 -14.36
CA LEU A 232 16.55 -13.96 -13.49
C LEU A 232 17.30 -13.80 -12.18
N PHE A 233 17.76 -14.90 -11.60
CA PHE A 233 18.43 -14.83 -10.31
C PHE A 233 19.90 -14.48 -10.43
N ILE A 234 20.52 -14.74 -11.58
CA ILE A 234 21.84 -14.17 -11.84
C ILE A 234 21.74 -12.65 -11.91
N GLY A 235 20.71 -12.15 -12.59
CA GLY A 235 20.52 -10.71 -12.65
C GLY A 235 20.23 -10.09 -11.30
N TYR A 236 19.55 -10.82 -10.42
CA TYR A 236 19.33 -10.34 -9.05
C TYR A 236 20.60 -10.37 -8.21
N GLY A 237 21.67 -10.99 -8.70
CA GLY A 237 22.91 -11.05 -7.96
C GLY A 237 23.14 -12.31 -7.18
N TYR A 238 22.47 -13.41 -7.52
CA TYR A 238 22.61 -14.67 -6.82
C TYR A 238 23.28 -15.71 -7.71
N GLU A 239 23.64 -16.83 -7.09
CA GLU A 239 24.14 -18.00 -7.80
C GLU A 239 23.14 -19.12 -7.56
N PRO A 240 22.20 -19.34 -8.46
CA PRO A 240 21.10 -20.27 -8.16
C PRO A 240 21.53 -21.71 -8.23
N PHE A 241 21.02 -22.51 -7.31
CA PHE A 241 21.19 -23.96 -7.32
C PHE A 241 19.81 -24.59 -7.36
N PHE A 242 19.62 -25.55 -8.26
CA PHE A 242 18.31 -26.13 -8.52
C PHE A 242 18.23 -27.53 -7.92
N VAL A 243 17.22 -27.74 -7.08
CA VAL A 243 16.93 -29.04 -6.48
C VAL A 243 15.54 -29.42 -6.96
N GLU A 244 15.47 -30.31 -7.95
CA GLU A 244 14.21 -30.63 -8.60
C GLU A 244 13.98 -32.13 -8.58
N GLY A 245 12.75 -32.52 -8.33
CA GLY A 245 12.40 -33.92 -8.33
C GLY A 245 11.10 -34.16 -7.59
N ASN A 246 10.69 -35.43 -7.57
CA ASN A 246 9.52 -35.85 -6.83
C ASN A 246 9.73 -37.10 -6.00
N ASP A 247 10.84 -37.81 -6.19
CA ASP A 247 11.11 -39.02 -5.39
C ASP A 247 11.92 -38.60 -4.17
N PRO A 248 11.38 -38.71 -2.96
CA PRO A 248 12.15 -38.30 -1.77
C PRO A 248 13.43 -39.09 -1.57
N ALA A 249 13.47 -40.36 -1.95
CA ALA A 249 14.67 -41.15 -1.76
C ALA A 249 15.84 -40.60 -2.57
N ILE A 250 15.56 -40.00 -3.72
CA ILE A 250 16.59 -39.37 -4.52
C ILE A 250 16.81 -37.92 -4.09
N LEU A 251 15.74 -37.20 -3.81
CA LEU A 251 15.85 -35.79 -3.50
C LEU A 251 16.52 -35.52 -2.16
N HIS A 252 16.51 -36.49 -1.24
CA HIS A 252 17.17 -36.30 0.04
C HIS A 252 18.66 -36.08 -0.13
N GLY A 253 19.31 -36.88 -0.96
CA GLY A 253 20.75 -36.74 -1.15
C GLY A 253 21.07 -35.49 -1.96
N VAL A 254 20.23 -35.15 -2.93
CA VAL A 254 20.44 -33.93 -3.71
C VAL A 254 20.33 -32.70 -2.82
N MET A 255 19.31 -32.66 -1.96
CA MET A 255 19.14 -31.51 -1.08
C MET A 255 20.28 -31.39 -0.08
N ALA A 256 20.76 -32.51 0.44
CA ALA A 256 21.87 -32.47 1.39
C ALA A 256 23.14 -31.94 0.72
N SER A 257 23.40 -32.38 -0.51
CA SER A 257 24.57 -31.89 -1.23
C SER A 257 24.47 -30.40 -1.51
N THR A 258 23.29 -29.95 -1.96
CA THR A 258 23.15 -28.55 -2.36
C THR A 258 23.27 -27.64 -1.15
N LEU A 259 22.62 -28.00 -0.04
CA LEU A 259 22.70 -27.16 1.15
C LEU A 259 24.12 -27.07 1.68
N ALA A 260 24.84 -28.20 1.66
CA ALA A 260 26.24 -28.17 2.10
C ALA A 260 27.09 -27.28 1.21
N THR A 261 26.87 -27.34 -0.11
CA THR A 261 27.61 -26.48 -1.02
C THR A 261 27.26 -25.01 -0.79
N CYS A 262 25.99 -24.71 -0.55
CA CYS A 262 25.57 -23.32 -0.34
C CYS A 262 26.19 -22.76 0.94
N VAL A 263 26.21 -23.53 2.02
CA VAL A 263 26.74 -23.04 3.27
C VAL A 263 28.25 -22.82 3.17
N GLN A 264 28.95 -23.74 2.49
CA GLN A 264 30.39 -23.58 2.31
C GLN A 264 30.70 -22.32 1.50
N LYS A 265 29.91 -22.05 0.46
CA LYS A 265 30.11 -20.83 -0.30
C LYS A 265 29.82 -19.59 0.54
N ILE A 266 28.83 -19.66 1.42
CA ILE A 266 28.51 -18.53 2.28
C ILE A 266 29.67 -18.26 3.24
N GLN A 267 30.20 -19.33 3.86
CA GLN A 267 31.32 -19.14 4.78
C GLN A 267 32.59 -18.72 4.06
N ALA A 268 32.78 -19.21 2.83
CA ALA A 268 33.90 -18.73 2.03
C ALA A 268 33.77 -17.25 1.72
N ILE A 269 32.55 -16.80 1.43
CA ILE A 269 32.31 -15.38 1.17
C ILE A 269 32.65 -14.55 2.39
N GLN A 270 32.17 -14.97 3.56
CA GLN A 270 32.41 -14.21 4.77
C GLN A 270 33.87 -14.24 5.19
N ALA A 271 34.53 -15.39 5.01
CA ALA A 271 35.94 -15.48 5.36
C ALA A 271 36.80 -14.57 4.50
N ALA A 272 36.49 -14.50 3.21
CA ALA A 272 37.25 -13.62 2.32
C ALA A 272 36.99 -12.16 2.65
N ALA A 273 35.76 -11.80 3.01
CA ALA A 273 35.44 -10.41 3.30
C ALA A 273 35.99 -9.96 4.63
N ARG A 274 36.03 -10.85 5.63
CA ARG A 274 36.47 -10.46 6.96
C ARG A 274 37.98 -10.42 7.12
N SER A 275 38.73 -10.93 6.15
CA SER A 275 40.18 -10.80 6.14
C SER A 275 40.65 -9.61 5.32
N GLY A 276 39.73 -8.82 4.79
CA GLY A 276 40.09 -7.74 3.89
C GLY A 276 40.69 -8.23 2.59
N GLU A 277 40.30 -9.41 2.18
CA GLU A 277 40.85 -9.97 0.98
C GLU A 277 40.10 -9.53 -0.25
N SER A 278 38.80 -9.30 -0.12
CA SER A 278 38.01 -8.86 -1.24
C SER A 278 36.76 -8.20 -0.76
N SER A 279 36.66 -6.90 -0.94
CA SER A 279 35.50 -6.16 -0.49
C SER A 279 34.48 -5.92 -1.58
N ASP A 280 34.42 -6.80 -2.56
CA ASP A 280 33.48 -6.66 -3.65
C ASP A 280 32.21 -7.42 -3.32
N ARG A 281 31.13 -7.04 -3.97
CA ARG A 281 29.85 -7.69 -3.73
C ARG A 281 29.88 -9.10 -4.29
N PRO A 282 29.63 -10.12 -3.49
CA PRO A 282 29.70 -11.49 -3.99
C PRO A 282 28.39 -11.95 -4.60
N MET A 283 28.38 -13.15 -5.18
CA MET A 283 27.16 -13.77 -5.68
C MET A 283 26.68 -14.76 -4.63
N TRP A 284 25.68 -14.35 -3.86
CA TRP A 284 25.19 -15.18 -2.79
C TRP A 284 24.47 -16.40 -3.35
N PRO A 285 24.69 -17.58 -2.79
CA PRO A 285 23.96 -18.76 -3.25
C PRO A 285 22.49 -18.67 -2.89
N MET A 286 21.67 -19.25 -3.76
CA MET A 286 20.25 -19.41 -3.49
C MET A 286 19.81 -20.75 -4.07
N ILE A 287 18.71 -21.27 -3.55
CA ILE A 287 18.23 -22.60 -3.90
C ILE A 287 16.85 -22.47 -4.50
N VAL A 288 16.64 -23.12 -5.64
CA VAL A 288 15.32 -23.27 -6.25
C VAL A 288 14.89 -24.71 -6.03
N LEU A 289 13.84 -24.89 -5.23
CA LEU A 289 13.34 -26.21 -4.88
C LEU A 289 12.04 -26.45 -5.63
N ARG A 290 12.08 -27.36 -6.59
CA ARG A 290 10.89 -27.70 -7.38
C ARG A 290 10.41 -29.08 -6.94
N THR A 291 9.36 -29.09 -6.14
CA THR A 291 8.74 -30.31 -5.63
C THR A 291 7.25 -30.26 -5.89
N PRO A 292 6.59 -31.42 -5.97
CA PRO A 292 5.13 -31.42 -6.14
C PRO A 292 4.45 -30.74 -4.96
N LYS A 293 3.37 -30.03 -5.25
CA LYS A 293 2.56 -29.43 -4.19
C LYS A 293 1.65 -30.49 -3.59
N GLY A 294 1.57 -30.51 -2.27
CA GLY A 294 0.91 -31.61 -1.59
C GLY A 294 1.68 -32.88 -1.82
N TRP A 295 2.98 -32.81 -1.54
CA TRP A 295 3.94 -33.79 -2.06
C TRP A 295 3.59 -35.22 -1.64
N THR A 296 3.36 -35.45 -0.36
CA THR A 296 3.11 -36.81 0.11
C THR A 296 1.63 -37.07 0.38
N GLY A 297 0.74 -36.21 -0.09
CA GLY A 297 -0.67 -36.35 0.18
C GLY A 297 -1.35 -37.32 -0.76
N PRO A 298 -2.68 -37.34 -0.74
CA PRO A 298 -3.43 -38.22 -1.64
C PRO A 298 -3.12 -37.91 -3.09
N ALA A 299 -2.96 -38.96 -3.89
CA ALA A 299 -2.60 -38.76 -5.29
C ALA A 299 -3.75 -38.16 -6.08
N THR A 300 -4.94 -38.74 -5.95
CA THR A 300 -6.12 -38.28 -6.67
C THR A 300 -7.33 -38.30 -5.75
N ILE A 301 -8.17 -37.27 -5.87
CA ILE A 301 -9.44 -37.21 -5.18
C ILE A 301 -10.52 -36.93 -6.21
N LYS A 302 -11.55 -37.77 -6.24
CA LYS A 302 -12.66 -37.65 -7.19
C LYS A 302 -12.18 -37.72 -8.63
N GLY A 303 -11.08 -38.43 -8.87
CA GLY A 303 -10.54 -38.58 -10.21
C GLY A 303 -9.67 -37.43 -10.68
N HIS A 304 -9.48 -36.39 -9.86
CA HIS A 304 -8.66 -35.25 -10.23
C HIS A 304 -7.31 -35.36 -9.54
N VAL A 305 -6.26 -34.90 -10.23
CA VAL A 305 -4.92 -34.91 -9.66
C VAL A 305 -4.86 -33.89 -8.52
N VAL A 306 -4.38 -34.33 -7.37
CA VAL A 306 -4.26 -33.49 -6.18
C VAL A 306 -2.80 -33.22 -5.83
N GLU A 307 -2.01 -34.27 -5.68
CA GLU A 307 -0.58 -34.10 -5.42
C GLU A 307 0.09 -33.50 -6.65
N GLY A 308 0.93 -32.50 -6.42
CA GLY A 308 1.52 -31.79 -7.53
C GLY A 308 0.56 -30.91 -8.29
N SER A 309 -0.53 -30.49 -7.64
CA SER A 309 -1.55 -29.67 -8.26
C SER A 309 -1.96 -28.57 -7.30
N TRP A 310 -2.71 -27.60 -7.81
CA TRP A 310 -3.24 -26.53 -6.97
C TRP A 310 -4.36 -27.02 -6.07
N ARG A 311 -4.93 -28.20 -6.36
CA ARG A 311 -6.03 -28.72 -5.56
C ARG A 311 -5.61 -29.16 -4.18
N SER A 312 -4.31 -29.28 -3.92
CA SER A 312 -3.81 -29.65 -2.60
C SER A 312 -3.47 -28.44 -1.73
N HIS A 313 -3.76 -27.23 -2.21
CA HIS A 313 -3.32 -26.02 -1.51
C HIS A 313 -3.94 -25.92 -0.12
N GLN A 314 -5.27 -26.05 -0.03
CA GLN A 314 -5.93 -25.89 1.25
C GLN A 314 -6.13 -27.23 1.95
N VAL A 315 -6.94 -28.11 1.34
CA VAL A 315 -7.17 -29.46 1.87
C VAL A 315 -7.43 -30.37 0.68
N PRO A 316 -6.74 -31.51 0.59
CA PRO A 316 -7.10 -32.49 -0.45
C PRO A 316 -8.52 -32.99 -0.33
N MET A 317 -9.05 -33.10 0.89
CA MET A 317 -10.41 -33.57 1.12
C MET A 317 -11.05 -32.66 2.14
N ALA A 318 -12.06 -31.90 1.72
CA ALA A 318 -12.80 -31.03 2.63
C ALA A 318 -14.12 -31.65 3.08
N ASP A 319 -14.37 -32.91 2.72
CA ASP A 319 -15.64 -33.56 3.01
C ASP A 319 -15.48 -34.84 3.81
N VAL A 320 -14.37 -34.98 4.53
CA VAL A 320 -14.11 -36.22 5.27
C VAL A 320 -15.14 -36.45 6.36
N LEU A 321 -15.73 -35.37 6.88
CA LEU A 321 -16.70 -35.50 7.97
C LEU A 321 -17.98 -36.18 7.49
N THR A 322 -18.41 -35.91 6.26
CA THR A 322 -19.68 -36.44 5.79
C THR A 322 -19.53 -37.85 5.22
N ASN A 323 -18.74 -38.00 4.15
CA ASN A 323 -18.86 -39.34 3.59
C ASN A 323 -17.75 -40.25 4.09
N PRO A 324 -18.10 -41.52 4.36
CA PRO A 324 -17.10 -42.46 4.88
C PRO A 324 -15.95 -42.72 3.94
N GLU A 325 -16.16 -42.61 2.62
CA GLU A 325 -15.10 -42.91 1.67
C GLU A 325 -13.91 -41.98 1.84
N HIS A 326 -14.19 -40.68 2.00
CA HIS A 326 -13.10 -39.73 2.23
C HIS A 326 -12.49 -39.90 3.61
N LEU A 327 -13.29 -40.28 4.60
CA LEU A 327 -12.73 -40.58 5.92
C LEU A 327 -11.75 -41.73 5.85
N GLN A 328 -12.06 -42.74 5.04
CA GLN A 328 -11.13 -43.86 4.88
C GLN A 328 -9.85 -43.43 4.18
N LEU A 329 -9.96 -42.51 3.21
CA LEU A 329 -8.77 -42.00 2.54
C LEU A 329 -7.90 -41.20 3.49
N LEU A 330 -8.52 -40.45 4.41
CA LEU A 330 -7.75 -39.70 5.39
C LEU A 330 -6.96 -40.63 6.31
N GLU A 331 -7.58 -41.72 6.75
CA GLU A 331 -6.87 -42.67 7.58
C GLU A 331 -5.76 -43.36 6.81
N ASP A 332 -6.01 -43.69 5.54
CA ASP A 332 -4.96 -44.28 4.70
C ASP A 332 -3.84 -43.28 4.47
N TRP A 333 -4.18 -42.00 4.33
CA TRP A 333 -3.17 -40.96 4.21
C TRP A 333 -2.31 -40.88 5.47
N LEU A 334 -2.93 -40.91 6.64
CA LEU A 334 -2.18 -40.84 7.89
C LEU A 334 -1.30 -42.07 8.09
N ARG A 335 -1.80 -43.26 7.74
CA ARG A 335 -1.03 -44.46 7.92
C ARG A 335 0.08 -44.62 6.89
N SER A 336 0.05 -43.85 5.81
CA SER A 336 1.13 -43.90 4.83
C SER A 336 2.44 -43.39 5.40
N TYR A 337 2.39 -42.56 6.44
CA TYR A 337 3.60 -42.10 7.11
C TYR A 337 4.13 -43.12 8.10
N ARG A 338 3.40 -44.20 8.35
CA ARG A 338 3.76 -45.25 9.28
C ARG A 338 4.05 -44.68 10.66
N PRO A 339 3.03 -44.13 11.35
CA PRO A 339 3.28 -43.57 12.68
C PRO A 339 3.66 -44.60 13.73
N GLU A 340 3.40 -45.88 13.48
CA GLU A 340 3.78 -46.91 14.45
C GLU A 340 5.29 -47.00 14.61
N GLU A 341 6.04 -46.63 13.57
CA GLU A 341 7.49 -46.64 13.62
C GLU A 341 8.09 -45.31 14.09
N LEU A 342 7.28 -44.26 14.20
CA LEU A 342 7.78 -42.92 14.45
C LEU A 342 7.56 -42.45 15.88
N PHE A 343 6.55 -42.94 16.56
CA PHE A 343 6.24 -42.52 17.92
C PHE A 343 6.29 -43.72 18.85
N ASP A 344 6.73 -43.47 20.08
CA ASP A 344 6.81 -44.51 21.08
C ASP A 344 5.41 -44.84 21.60
N ALA A 345 5.34 -45.86 22.46
CA ALA A 345 4.06 -46.23 23.05
C ALA A 345 3.47 -45.09 23.87
N SER A 346 4.32 -44.37 24.61
CA SER A 346 3.88 -43.21 25.36
C SER A 346 3.52 -42.03 24.47
N GLY A 347 3.88 -42.07 23.19
CA GLY A 347 3.58 -41.00 22.27
C GLY A 347 4.76 -40.11 21.93
N ALA A 348 5.89 -40.27 22.62
CA ALA A 348 7.07 -39.49 22.29
C ALA A 348 7.70 -40.00 21.00
N PRO A 349 8.37 -39.13 20.25
CA PRO A 349 9.13 -39.61 19.09
C PRO A 349 10.23 -40.56 19.52
N VAL A 350 10.50 -41.54 18.64
CA VAL A 350 11.44 -42.59 18.99
C VAL A 350 12.85 -42.03 19.14
N ALA A 351 13.72 -42.83 19.77
CA ALA A 351 15.09 -42.41 20.03
C ALA A 351 15.87 -42.13 18.76
N GLU A 352 15.48 -42.74 17.64
CA GLU A 352 16.10 -42.43 16.36
C GLU A 352 15.89 -40.98 15.98
N LEU A 353 14.68 -40.46 16.20
CA LEU A 353 14.39 -39.06 15.90
C LEU A 353 15.01 -38.12 16.93
N GLN A 354 15.11 -38.54 18.19
CA GLN A 354 15.69 -37.68 19.21
C GLN A 354 17.17 -37.43 18.95
N ALA A 355 17.87 -38.39 18.33
CA ALA A 355 19.30 -38.25 18.11
C ALA A 355 19.61 -37.11 17.16
N ILE A 356 18.79 -36.89 16.15
CA ILE A 356 19.08 -35.90 15.13
C ILE A 356 18.39 -34.58 15.45
N ALA A 357 17.95 -34.42 16.68
CA ALA A 357 17.44 -33.07 16.91
C ALA A 357 18.56 -32.18 17.45
N PRO A 358 18.61 -30.92 17.02
CA PRO A 358 19.60 -29.99 17.59
C PRO A 358 19.33 -29.73 19.06
N ILE A 359 20.32 -29.13 19.71
CA ILE A 359 20.32 -28.98 21.16
C ILE A 359 20.37 -27.50 21.52
N GLY A 360 19.49 -27.10 22.43
CA GLY A 360 19.60 -25.78 23.02
C GLY A 360 19.14 -24.68 22.08
N ASP A 361 19.91 -23.58 22.06
CA ASP A 361 19.59 -22.42 21.24
C ASP A 361 20.03 -22.58 19.79
N ARG A 362 20.34 -23.80 19.37
CA ARG A 362 20.70 -24.08 17.99
C ARG A 362 19.53 -24.62 17.17
N ARG A 363 18.33 -24.62 17.73
CA ARG A 363 17.22 -25.40 17.17
C ARG A 363 16.36 -24.65 16.17
N MET A 364 16.67 -23.37 15.87
CA MET A 364 15.94 -22.55 14.91
C MET A 364 14.57 -22.15 15.41
N SER A 365 14.09 -22.80 16.47
CA SER A 365 12.85 -22.42 17.13
C SER A 365 13.08 -21.99 18.56
N ALA A 366 14.21 -22.36 19.16
CA ALA A 366 14.67 -21.81 20.43
C ALA A 366 15.79 -20.80 20.24
N ASN A 367 16.05 -20.38 19.01
CA ASN A 367 17.09 -19.40 18.75
C ASN A 367 16.70 -18.05 19.36
N PRO A 368 17.54 -17.45 20.20
CA PRO A 368 17.16 -16.18 20.84
C PRO A 368 16.95 -15.04 19.87
N VAL A 369 17.49 -15.13 18.66
CA VAL A 369 17.32 -14.05 17.68
C VAL A 369 15.85 -13.87 17.33
N THR A 370 15.11 -14.97 17.21
CA THR A 370 13.69 -14.89 16.87
C THR A 370 12.85 -14.31 18.01
N ASN A 371 13.39 -14.27 19.22
CA ASN A 371 12.74 -13.59 20.33
C ASN A 371 13.62 -12.41 20.72
N GLY A 372 14.02 -11.63 19.73
CA GLY A 372 15.03 -10.60 19.84
C GLY A 372 14.93 -9.64 21.01
N GLY A 373 13.73 -9.51 21.59
CA GLY A 373 13.59 -8.67 22.77
C GLY A 373 14.47 -9.11 23.92
N LEU A 374 14.81 -10.40 23.97
CA LEU A 374 15.74 -10.89 24.98
C LEU A 374 17.15 -10.38 24.72
N LEU A 375 17.50 -10.11 23.47
CA LEU A 375 18.81 -9.62 23.11
C LEU A 375 18.87 -8.09 23.05
N ARG A 376 17.77 -7.42 23.35
CA ARG A 376 17.71 -5.97 23.16
C ARG A 376 18.51 -5.25 24.23
N ARG A 377 19.37 -4.33 23.81
CA ARG A 377 20.10 -3.44 24.70
C ARG A 377 19.62 -2.03 24.46
N ALA A 378 19.35 -1.29 25.53
CA ALA A 378 18.89 0.08 25.40
C ALA A 378 19.96 0.96 24.79
N LEU A 379 19.54 1.91 23.97
CA LEU A 379 20.47 2.82 23.31
C LEU A 379 21.15 3.72 24.33
N THR A 380 22.41 4.04 24.05
CA THR A 380 23.15 5.03 24.84
C THR A 380 22.84 6.41 24.25
N LEU A 381 21.73 6.97 24.67
CA LEU A 381 21.26 8.22 24.11
C LEU A 381 22.03 9.39 24.70
N PRO A 382 22.62 10.25 23.88
CA PRO A 382 23.21 11.48 24.40
C PRO A 382 22.12 12.46 24.81
N ASP A 383 22.52 13.45 25.60
CA ASP A 383 21.58 14.48 26.02
C ASP A 383 21.19 15.32 24.81
N PHE A 384 19.90 15.34 24.50
CA PHE A 384 19.44 16.09 23.33
C PHE A 384 19.53 17.59 23.52
N ARG A 385 19.71 18.05 24.76
CA ARG A 385 19.83 19.48 25.01
C ARG A 385 21.11 20.08 24.45
N ASP A 386 22.08 19.25 24.07
CA ASP A 386 23.27 19.77 23.41
C ASP A 386 22.98 20.17 21.97
N GLN A 387 21.98 19.55 21.35
CA GLN A 387 21.58 19.90 19.99
C GLN A 387 20.43 20.90 19.96
N ALA A 388 19.91 21.30 21.10
CA ALA A 388 18.74 22.18 21.14
C ALA A 388 19.09 23.56 20.61
N VAL A 389 18.17 24.14 19.85
CA VAL A 389 18.35 25.50 19.36
C VAL A 389 18.09 26.49 20.49
N SER A 390 18.64 27.69 20.33
CA SER A 390 18.48 28.75 21.31
C SER A 390 17.21 29.54 20.98
N VAL A 391 16.30 29.63 21.94
CA VAL A 391 15.06 30.38 21.76
C VAL A 391 14.95 31.40 22.89
N PRO A 392 15.68 32.51 22.83
CA PRO A 392 15.54 33.54 23.87
C PRO A 392 14.15 34.13 23.95
N ALA A 393 13.46 34.27 22.82
CA ALA A 393 12.11 34.83 22.79
C ALA A 393 11.23 33.92 21.93
N PRO A 394 10.14 33.40 22.45
CA PRO A 394 9.28 32.51 21.66
C PRO A 394 8.69 33.22 20.45
N GLY A 395 8.63 32.50 19.33
CA GLY A 395 7.96 33.00 18.16
C GLY A 395 8.67 34.10 17.42
N LYS A 396 9.95 34.34 17.71
CA LYS A 396 10.69 35.40 17.05
C LYS A 396 11.90 34.92 16.27
N SER A 397 12.54 33.84 16.69
CA SER A 397 13.68 33.30 15.96
C SER A 397 13.24 32.22 14.99
N ARG A 398 14.07 31.98 13.98
CA ARG A 398 13.80 30.96 12.97
C ARG A 398 14.98 30.02 12.85
N ALA A 399 14.69 28.75 12.59
CA ALA A 399 15.72 27.74 12.40
C ALA A 399 15.11 26.57 11.64
N ASP A 400 15.97 25.80 10.99
CA ASP A 400 15.51 24.58 10.33
C ASP A 400 15.09 23.57 11.38
N SER A 401 13.91 22.98 11.19
CA SER A 401 13.34 22.15 12.25
C SER A 401 14.05 20.82 12.39
N THR A 402 14.38 20.17 11.27
CA THR A 402 14.92 18.82 11.31
C THR A 402 16.44 18.78 11.42
N ARG A 403 17.13 19.91 11.23
CA ARG A 403 18.58 19.89 11.34
C ARG A 403 19.09 19.56 12.75
N PRO A 404 18.54 20.11 13.83
CA PRO A 404 18.95 19.62 15.16
C PRO A 404 18.69 18.14 15.36
N LEU A 405 17.61 17.61 14.77
CA LEU A 405 17.35 16.18 14.86
C LEU A 405 18.43 15.38 14.14
N GLY A 406 18.89 15.88 12.99
CA GLY A 406 19.97 15.20 12.29
C GLY A 406 21.24 15.14 13.11
N GLN A 407 21.55 16.23 13.81
CA GLN A 407 22.72 16.24 14.67
C GLN A 407 22.54 15.32 15.87
N PHE A 408 21.33 15.22 16.40
CA PHE A 408 21.07 14.30 17.50
C PHE A 408 21.21 12.85 17.04
N LEU A 409 20.61 12.52 15.89
CA LEU A 409 20.75 11.17 15.35
C LEU A 409 22.19 10.86 14.97
N ARG A 410 22.96 11.90 14.65
CA ARG A 410 24.38 11.70 14.40
C ARG A 410 25.10 11.19 15.65
N GLU A 411 24.75 11.74 16.81
CA GLU A 411 25.37 11.30 18.06
C GLU A 411 24.83 9.95 18.53
N VAL A 412 23.58 9.65 18.20
CA VAL A 412 23.05 8.32 18.51
C VAL A 412 23.80 7.25 17.72
N ILE A 413 24.08 7.53 16.45
CA ILE A 413 24.85 6.60 15.62
C ILE A 413 26.26 6.44 16.17
N ARG A 414 26.86 7.53 16.61
CA ARG A 414 28.23 7.47 17.10
C ARG A 414 28.34 6.60 18.35
N HIS A 415 27.38 6.72 19.27
CA HIS A 415 27.44 5.99 20.52
C HIS A 415 26.88 4.57 20.41
N ASN A 416 26.23 4.23 19.31
CA ASN A 416 25.65 2.90 19.10
C ASN A 416 26.09 2.39 17.75
N PRO A 417 27.36 1.99 17.61
CA PRO A 417 27.91 1.69 16.28
C PRO A 417 27.33 0.46 15.62
N ASP A 418 26.70 -0.45 16.37
CA ASP A 418 26.20 -1.69 15.80
C ASP A 418 24.76 -1.97 16.19
N ASN A 419 24.11 -1.06 16.91
CA ASN A 419 22.81 -1.29 17.48
C ASN A 419 21.71 -0.48 16.83
N PHE A 420 22.06 0.52 16.03
CA PHE A 420 21.13 1.51 15.55
C PHE A 420 21.36 1.75 14.06
N ARG A 421 20.28 1.93 13.32
CA ARG A 421 20.37 2.23 11.89
C ARG A 421 19.32 3.26 11.53
N LEU A 422 19.56 3.96 10.43
CA LEU A 422 18.66 4.97 9.91
C LEU A 422 18.18 4.51 8.54
N PHE A 423 16.87 4.56 8.32
CA PHE A 423 16.24 4.05 7.11
C PHE A 423 15.51 5.19 6.40
N GLY A 424 15.77 5.36 5.11
CA GLY A 424 15.14 6.41 4.34
C GLY A 424 15.18 6.15 2.85
N PRO A 425 14.11 6.52 2.15
CA PRO A 425 14.01 6.27 0.70
C PRO A 425 14.61 7.39 -0.14
N ASP A 426 15.93 7.52 -0.08
CA ASP A 426 16.67 8.54 -0.81
C ASP A 426 16.12 9.94 -0.49
N GLU A 427 15.79 10.14 0.78
CA GLU A 427 15.25 11.42 1.23
C GLU A 427 15.97 11.96 2.45
N THR A 428 17.07 11.31 2.88
CA THR A 428 17.83 11.82 4.01
C THR A 428 18.38 13.20 3.72
N ALA A 429 18.91 13.41 2.51
CA ALA A 429 19.36 14.75 2.13
C ALA A 429 18.19 15.70 1.95
N SER A 430 17.09 15.21 1.37
CA SER A 430 15.92 16.07 1.16
C SER A 430 15.29 16.47 2.48
N ASN A 431 15.23 15.55 3.45
CA ASN A 431 14.67 15.83 4.77
C ASN A 431 15.61 16.63 5.65
N ARG A 432 16.73 17.11 5.11
CA ARG A 432 17.68 17.94 5.83
C ARG A 432 18.23 17.23 7.08
N LEU A 433 18.58 15.96 6.91
CA LEU A 433 19.26 15.19 7.94
C LEU A 433 20.69 14.86 7.55
N ASP A 434 21.34 15.78 6.81
CA ASP A 434 22.70 15.53 6.32
C ASP A 434 23.71 15.43 7.45
N ALA A 435 23.37 15.92 8.65
CA ALA A 435 24.31 15.90 9.76
C ALA A 435 24.77 14.49 10.10
N VAL A 436 23.96 13.48 9.80
CA VAL A 436 24.35 12.11 10.10
C VAL A 436 25.50 11.66 9.22
N TYR A 437 25.72 12.32 8.07
CA TYR A 437 26.84 11.97 7.20
C TYR A 437 28.18 12.42 7.76
N GLU A 438 28.19 13.19 8.85
CA GLU A 438 29.44 13.63 9.45
C GLU A 438 30.14 12.51 10.22
N VAL A 439 29.43 11.45 10.58
CA VAL A 439 30.01 10.31 11.28
C VAL A 439 29.92 9.02 10.46
N THR A 440 28.82 8.83 9.74
CA THR A 440 28.64 7.62 8.96
C THR A 440 28.30 7.97 7.51
N SER A 441 27.91 6.97 6.73
CA SER A 441 27.53 7.19 5.34
C SER A 441 26.39 6.24 5.01
N LYS A 442 26.06 6.15 3.72
CA LYS A 442 25.01 5.26 3.25
C LYS A 442 25.66 3.96 2.77
N VAL A 443 25.10 2.84 3.21
CA VAL A 443 25.64 1.54 2.81
C VAL A 443 25.43 1.33 1.32
N TRP A 444 26.48 0.91 0.63
CA TRP A 444 26.42 0.71 -0.81
C TRP A 444 27.47 -0.31 -1.21
N LEU A 445 27.05 -1.49 -1.64
CA LEU A 445 27.96 -2.51 -2.12
C LEU A 445 28.02 -2.59 -3.63
N GLY A 446 27.25 -1.78 -4.34
CA GLY A 446 27.35 -1.75 -5.79
C GLY A 446 28.67 -1.12 -6.24
N ASP A 447 28.85 -1.12 -7.55
CA ASP A 447 30.04 -0.50 -8.13
C ASP A 447 30.12 0.96 -7.72
N ARG A 448 31.33 1.42 -7.42
CA ARG A 448 31.57 2.79 -7.00
C ARG A 448 32.46 3.48 -8.02
N ILE A 449 32.25 4.78 -8.17
CA ILE A 449 33.00 5.58 -9.14
C ILE A 449 33.64 6.73 -8.38
N PRO A 450 34.75 7.29 -8.90
CA PRO A 450 35.41 8.39 -8.19
C PRO A 450 34.55 9.63 -8.06
N GLU A 451 33.50 9.78 -8.86
CA GLU A 451 32.58 10.91 -8.70
C GLU A 451 31.78 10.81 -7.42
N ASP A 452 31.69 9.63 -6.82
CA ASP A 452 30.97 9.46 -5.56
C ASP A 452 31.75 10.00 -4.37
N GLU A 453 33.01 10.37 -4.54
CA GLU A 453 33.81 10.87 -3.42
C GLU A 453 33.48 12.30 -3.05
N ASP A 454 32.82 13.05 -3.94
CA ASP A 454 32.55 14.46 -3.65
C ASP A 454 31.46 14.61 -2.60
N GLY A 455 30.26 14.11 -2.90
CA GLY A 455 29.16 14.20 -1.96
C GLY A 455 28.30 12.95 -1.97
N GLY A 456 28.83 11.84 -2.46
CA GLY A 456 28.06 10.62 -2.55
C GLY A 456 27.68 10.06 -1.19
N HIS A 457 28.61 10.11 -0.23
CA HIS A 457 28.42 9.56 1.11
C HIS A 457 28.07 8.07 1.05
N LEU A 458 28.93 7.32 0.36
CA LEU A 458 28.74 5.89 0.18
C LEU A 458 29.92 5.14 0.76
N SER A 459 29.63 4.08 1.51
CA SER A 459 30.66 3.16 1.99
C SER A 459 30.00 1.83 2.29
N ASP A 460 30.83 0.79 2.40
CA ASP A 460 30.33 -0.55 2.66
C ASP A 460 29.84 -0.73 4.09
N ARG A 461 30.20 0.16 5.01
CA ARG A 461 29.83 0.02 6.42
C ARG A 461 29.02 1.20 6.92
N GLY A 462 28.19 1.77 6.05
CA GLY A 462 27.34 2.86 6.47
C GLY A 462 26.23 2.39 7.38
N ARG A 463 25.79 3.28 8.27
CA ARG A 463 24.68 3.00 9.18
C ARG A 463 23.36 3.54 8.66
N VAL A 464 23.33 4.06 7.44
CA VAL A 464 22.12 4.62 6.85
C VAL A 464 21.75 3.76 5.65
N MET A 465 20.54 3.22 5.66
CA MET A 465 20.04 2.39 4.57
C MET A 465 19.23 3.25 3.63
N GLU A 466 19.53 3.16 2.34
CA GLU A 466 18.94 4.07 1.35
C GLU A 466 18.59 3.28 0.10
N ILE A 467 17.31 2.91 -0.04
CA ILE A 467 16.79 2.32 -1.25
C ILE A 467 15.43 2.95 -1.51
N LEU A 468 15.05 3.01 -2.79
CA LEU A 468 13.83 3.72 -3.15
C LEU A 468 12.56 2.95 -2.85
N SER A 469 12.66 1.67 -2.53
CA SER A 469 11.48 0.86 -2.22
C SER A 469 11.07 1.08 -0.78
N GLU A 470 9.89 1.67 -0.57
CA GLU A 470 9.38 1.82 0.79
C GLU A 470 9.05 0.48 1.41
N HIS A 471 8.58 -0.48 0.59
CA HIS A 471 8.29 -1.81 1.12
C HIS A 471 9.54 -2.48 1.66
N THR A 472 10.66 -2.36 0.94
CA THR A 472 11.88 -3.02 1.36
C THR A 472 12.47 -2.38 2.62
N LEU A 473 12.45 -1.05 2.69
CA LEU A 473 12.95 -0.36 3.87
C LEU A 473 12.13 -0.71 5.10
N GLU A 474 10.81 -0.74 4.96
CA GLU A 474 9.95 -1.11 6.08
C GLU A 474 10.19 -2.55 6.50
N GLY A 475 10.38 -3.45 5.55
CA GLY A 475 10.67 -4.83 5.89
C GLY A 475 12.01 -4.98 6.61
N TRP A 476 13.03 -4.26 6.15
CA TRP A 476 14.32 -4.30 6.82
C TRP A 476 14.20 -3.84 8.26
N LEU A 477 13.52 -2.71 8.47
CA LEU A 477 13.45 -2.13 9.81
C LEU A 477 12.61 -2.97 10.75
N GLU A 478 11.49 -3.51 10.27
CA GLU A 478 10.62 -4.32 11.12
C GLU A 478 11.36 -5.54 11.64
N ALA A 479 12.12 -6.22 10.79
CA ALA A 479 12.90 -7.36 11.23
C ALA A 479 14.10 -6.94 12.07
N TYR A 480 14.64 -5.75 11.79
CA TYR A 480 15.73 -5.23 12.61
C TYR A 480 15.27 -5.00 14.04
N LEU A 481 14.05 -4.48 14.22
CA LEU A 481 13.51 -4.28 15.55
C LEU A 481 13.15 -5.60 16.21
N LEU A 482 12.51 -6.51 15.47
CA LEU A 482 12.07 -7.76 16.05
C LEU A 482 13.23 -8.66 16.46
N THR A 483 14.42 -8.41 15.94
CA THR A 483 15.61 -9.14 16.36
C THR A 483 16.37 -8.40 17.44
N GLY A 484 15.80 -7.36 18.03
CA GLY A 484 16.35 -6.73 19.21
C GLY A 484 17.17 -5.48 18.99
N ARG A 485 17.10 -4.86 17.83
CA ARG A 485 17.88 -3.67 17.54
C ARG A 485 16.98 -2.44 17.50
N HIS A 486 17.57 -1.30 17.15
CA HIS A 486 16.89 -0.02 17.16
C HIS A 486 17.03 0.64 15.80
N GLY A 487 16.04 1.45 15.44
CA GLY A 487 16.11 2.12 14.16
C GLY A 487 15.23 3.35 14.12
N PHE A 488 15.40 4.11 13.04
CA PHE A 488 14.61 5.30 12.79
C PHE A 488 14.29 5.36 11.30
N PHE A 489 13.02 5.54 10.98
CA PHE A 489 12.55 5.59 9.60
C PHE A 489 12.08 7.00 9.28
N ALA A 490 12.70 7.62 8.30
CA ALA A 490 12.36 8.98 7.88
C ALA A 490 11.91 8.96 6.44
N THR A 491 10.76 9.54 6.16
CA THR A 491 10.20 9.54 4.82
C THR A 491 9.28 10.73 4.66
N TYR A 492 8.73 10.87 3.47
CA TYR A 492 7.73 11.90 3.18
C TYR A 492 6.35 11.42 3.59
N GLU A 493 5.52 12.37 4.03
CA GLU A 493 4.14 12.03 4.35
C GLU A 493 3.35 11.63 3.12
N ALA A 494 3.74 12.14 1.94
CA ALA A 494 3.02 11.83 0.71
C ALA A 494 3.10 10.35 0.38
N PHE A 495 4.27 9.74 0.59
CA PHE A 495 4.50 8.35 0.24
C PHE A 495 4.30 7.40 1.42
N ALA A 496 3.54 7.83 2.43
CA ALA A 496 3.28 6.98 3.57
C ALA A 496 2.16 5.97 3.33
N HIS A 497 1.30 6.23 2.35
CA HIS A 497 0.26 5.25 2.01
C HIS A 497 0.84 3.98 1.41
N VAL A 498 2.08 4.02 0.96
CA VAL A 498 2.70 2.84 0.36
C VAL A 498 2.87 1.74 1.39
N ILE A 499 3.17 2.11 2.64
CA ILE A 499 3.46 1.15 3.68
C ILE A 499 2.26 0.94 4.61
N ASP A 500 1.05 1.21 4.14
CA ASP A 500 -0.14 1.02 4.96
C ASP A 500 -0.29 -0.43 5.38
N SER A 501 -0.14 -1.37 4.43
CA SER A 501 -0.33 -2.77 4.75
C SER A 501 0.77 -3.29 5.68
N MET A 502 2.01 -2.87 5.44
CA MET A 502 3.12 -3.34 6.29
C MET A 502 2.98 -2.85 7.72
N VAL A 503 2.59 -1.59 7.90
CA VAL A 503 2.42 -1.06 9.25
C VAL A 503 1.26 -1.76 9.95
N ASN A 504 0.21 -2.10 9.21
CA ASN A 504 -0.88 -2.87 9.81
C ASN A 504 -0.39 -4.23 10.29
N GLN A 505 0.45 -4.90 9.51
CA GLN A 505 0.98 -6.19 9.92
C GLN A 505 1.82 -6.08 11.18
N HIS A 506 2.68 -5.07 11.25
CA HIS A 506 3.54 -4.90 12.42
C HIS A 506 2.71 -4.49 13.64
N ALA A 507 1.63 -3.74 13.44
CA ALA A 507 0.75 -3.40 14.55
C ALA A 507 0.09 -4.63 15.13
N LYS A 508 -0.35 -5.56 14.27
CA LYS A 508 -0.91 -6.81 14.77
C LYS A 508 0.12 -7.61 15.54
N TRP A 509 1.34 -7.68 15.01
CA TRP A 509 2.38 -8.45 15.69
C TRP A 509 2.69 -7.88 17.06
N LEU A 510 2.80 -6.55 17.16
CA LEU A 510 3.07 -5.93 18.46
C LEU A 510 1.91 -6.12 19.42
N ASP A 511 0.69 -5.98 18.94
CA ASP A 511 -0.48 -6.07 19.81
C ASP A 511 -0.64 -7.47 20.37
N VAL A 512 -0.49 -8.49 19.52
CA VAL A 512 -0.63 -9.86 19.99
C VAL A 512 0.52 -10.25 20.91
N SER A 513 1.74 -9.83 20.57
CA SER A 513 2.89 -10.17 21.39
C SER A 513 2.78 -9.57 22.79
N LYS A 514 2.30 -8.33 22.87
CA LYS A 514 2.25 -7.66 24.17
C LYS A 514 1.13 -8.20 25.05
N ARG A 515 0.00 -8.58 24.47
CA ARG A 515 -1.17 -9.02 25.23
C ARG A 515 -1.26 -10.53 25.38
N GLU A 516 -1.19 -11.27 24.28
CA GLU A 516 -1.57 -12.67 24.29
C GLU A 516 -0.40 -13.64 24.48
N VAL A 517 0.82 -13.24 24.18
CA VAL A 517 1.97 -14.12 24.25
C VAL A 517 2.87 -13.65 25.39
N ASP A 518 2.94 -14.43 26.46
CA ASP A 518 3.67 -14.00 27.65
C ASP A 518 5.18 -14.14 27.49
N TRP A 519 5.64 -15.13 26.73
CA TRP A 519 7.07 -15.41 26.66
C TRP A 519 7.83 -14.53 25.67
N ARG A 520 7.15 -13.69 24.90
CA ARG A 520 7.82 -12.84 23.93
C ARG A 520 8.23 -11.53 24.62
N ALA A 521 9.53 -11.27 24.64
CA ALA A 521 10.03 -10.06 25.28
C ALA A 521 9.70 -8.83 24.43
N PRO A 522 9.54 -7.67 25.06
CA PRO A 522 9.28 -6.45 24.29
C PRO A 522 10.46 -6.08 23.40
N VAL A 523 10.14 -5.55 22.23
CA VAL A 523 11.14 -5.14 21.25
C VAL A 523 11.10 -3.62 21.14
N SER A 524 12.02 -3.03 20.38
CA SER A 524 12.04 -1.58 20.22
C SER A 524 10.87 -1.11 19.37
N SER A 525 10.52 0.16 19.54
CA SER A 525 9.41 0.75 18.82
C SER A 525 9.75 1.00 17.36
N LEU A 526 8.72 1.02 16.53
CA LEU A 526 8.83 1.40 15.12
C LEU A 526 8.63 2.91 15.04
N ASN A 527 9.73 3.64 14.88
CA ASN A 527 9.73 5.09 14.91
C ASN A 527 9.72 5.62 13.49
N ILE A 528 8.61 6.20 13.08
CA ILE A 528 8.42 6.71 11.72
C ILE A 528 8.35 8.23 11.78
N LEU A 529 9.24 8.89 11.06
CA LEU A 529 9.25 10.35 10.97
C LEU A 529 8.79 10.74 9.57
N LEU A 530 7.71 11.52 9.50
CA LEU A 530 7.19 12.03 8.24
C LEU A 530 7.73 13.45 8.09
N SER A 531 8.92 13.56 7.49
CA SER A 531 9.69 14.78 7.57
C SER A 531 9.17 15.90 6.68
N SER A 532 8.40 15.58 5.65
CA SER A 532 7.80 16.58 4.79
C SER A 532 6.29 16.44 4.85
N THR A 533 5.61 17.54 5.14
CA THR A 533 4.17 17.51 5.36
C THR A 533 3.44 17.96 4.10
N VAL A 534 2.10 17.90 4.17
CA VAL A 534 1.26 18.27 3.03
C VAL A 534 1.01 19.77 2.96
N TRP A 535 1.36 20.54 3.99
CA TRP A 535 1.15 21.97 3.97
C TRP A 535 2.31 22.73 3.34
N ARG A 536 3.53 22.23 3.49
CA ARG A 536 4.70 22.85 2.87
C ARG A 536 5.09 22.00 1.66
N GLN A 537 4.41 22.15 0.55
CA GLN A 537 4.77 21.29 -0.56
C GLN A 537 6.02 21.78 -1.26
N ASP A 538 6.96 20.88 -1.52
CA ASP A 538 8.24 21.24 -2.14
C ASP A 538 8.34 20.79 -3.60
N HIS A 539 9.55 20.55 -4.08
CA HIS A 539 9.72 20.13 -5.47
C HIS A 539 9.23 18.70 -5.69
N ASN A 540 9.60 17.80 -4.79
CA ASN A 540 9.18 16.40 -4.89
C ASN A 540 7.82 16.19 -4.23
N GLY A 541 7.12 15.15 -4.66
CA GLY A 541 5.81 14.86 -4.10
C GLY A 541 4.71 15.18 -5.09
N PHE A 542 3.75 14.28 -5.24
CA PHE A 542 2.71 14.43 -6.24
C PHE A 542 1.74 15.54 -5.83
N SER A 543 0.87 15.89 -6.78
CA SER A 543 -0.02 17.04 -6.60
C SER A 543 -0.97 16.83 -5.43
N HIS A 544 -1.84 15.83 -5.51
CA HIS A 544 -2.86 15.61 -4.50
C HIS A 544 -2.32 14.64 -3.44
N GLN A 545 -1.55 15.19 -2.52
CA GLN A 545 -1.04 14.45 -1.37
C GLN A 545 -1.87 14.79 -0.14
N ASP A 546 -2.19 13.78 0.65
CA ASP A 546 -3.09 13.93 1.77
C ASP A 546 -2.49 13.29 3.01
N PRO A 547 -2.91 13.73 4.20
CA PRO A 547 -2.44 13.12 5.45
C PRO A 547 -3.31 11.94 5.88
N GLY A 548 -3.61 11.04 4.94
CA GLY A 548 -4.44 9.89 5.25
C GLY A 548 -3.76 8.81 6.05
N PHE A 549 -2.42 8.79 6.03
CA PHE A 549 -1.69 7.79 6.80
C PHE A 549 -1.93 7.97 8.29
N ILE A 550 -2.09 9.22 8.73
CA ILE A 550 -2.36 9.48 10.15
C ILE A 550 -3.68 8.84 10.56
N ASP A 551 -4.67 8.94 9.68
CA ASP A 551 -5.99 8.37 9.94
C ASP A 551 -5.94 6.84 10.00
N LEU A 552 -5.17 6.23 9.11
CA LEU A 552 -5.05 4.78 9.07
C LEU A 552 -4.37 4.25 10.33
N VAL A 553 -3.35 4.97 10.81
CA VAL A 553 -2.69 4.56 12.03
C VAL A 553 -3.62 4.65 13.23
N THR A 554 -4.41 5.69 13.28
CA THR A 554 -5.30 5.85 14.39
C THR A 554 -6.43 4.86 14.45
N ASN A 555 -6.55 3.99 13.47
CA ASN A 555 -7.56 2.95 13.51
C ASN A 555 -7.06 1.94 14.49
N LYS A 556 -5.75 1.70 14.51
CA LYS A 556 -5.13 0.90 15.54
C LYS A 556 -5.19 1.87 16.71
N SER A 557 -5.47 1.40 17.87
CA SER A 557 -5.74 2.32 18.96
C SER A 557 -4.46 2.73 19.68
N ALA A 558 -4.60 3.50 20.76
CA ALA A 558 -3.47 4.00 21.50
C ALA A 558 -2.67 2.90 22.18
N ARG A 559 -3.21 1.68 22.24
CA ARG A 559 -2.48 0.57 22.85
C ARG A 559 -1.18 0.30 22.11
N VAL A 560 -1.17 0.47 20.80
CA VAL A 560 -0.01 0.11 19.99
C VAL A 560 0.55 1.26 19.18
N THR A 561 -0.19 2.34 18.96
CA THR A 561 0.28 3.43 18.11
C THR A 561 0.22 4.75 18.86
N ARG A 562 1.14 5.65 18.51
CA ARG A 562 1.17 7.01 19.05
C ARG A 562 1.46 7.97 17.92
N ILE A 563 0.81 9.12 17.95
CA ILE A 563 0.99 10.17 16.95
C ILE A 563 1.52 11.41 17.65
N TYR A 564 2.62 11.95 17.15
CA TYR A 564 3.23 13.14 17.71
C TYR A 564 3.37 14.19 16.62
N LEU A 565 2.97 15.41 16.92
CA LEU A 565 3.07 16.54 15.99
C LEU A 565 3.79 17.66 16.70
N PRO A 566 5.10 17.56 16.86
CA PRO A 566 5.85 18.61 17.55
C PRO A 566 5.77 19.92 16.78
N PRO A 567 5.63 21.05 17.49
CA PRO A 567 5.47 22.34 16.79
C PRO A 567 6.77 22.97 16.33
N ASP A 568 7.92 22.65 16.92
CA ASP A 568 9.17 23.29 16.55
C ASP A 568 10.31 22.28 16.68
N ALA A 569 11.54 22.78 16.60
CA ALA A 569 12.70 21.90 16.56
C ALA A 569 13.00 21.29 17.93
N ASN A 570 12.89 22.08 18.99
CA ASN A 570 13.19 21.57 20.32
C ASN A 570 12.17 20.53 20.76
N CYS A 571 10.91 20.71 20.36
CA CYS A 571 9.91 19.67 20.63
C CYS A 571 10.19 18.41 19.83
N LEU A 572 10.71 18.55 18.62
CA LEU A 572 11.06 17.37 17.82
C LEU A 572 12.17 16.58 18.47
N LEU A 573 13.15 17.27 19.05
CA LEU A 573 14.22 16.58 19.76
C LEU A 573 13.69 15.82 20.97
N SER A 574 12.81 16.44 21.74
CA SER A 574 12.25 15.77 22.91
C SER A 574 11.41 14.58 22.52
N VAL A 575 10.62 14.72 21.45
CA VAL A 575 9.78 13.61 20.99
C VAL A 575 10.65 12.47 20.48
N ALA A 576 11.67 12.79 19.68
CA ALA A 576 12.54 11.75 19.16
C ALA A 576 13.33 11.05 20.26
N ASP A 577 13.79 11.82 21.25
CA ASP A 577 14.50 11.22 22.38
C ASP A 577 13.61 10.29 23.18
N HIS A 578 12.36 10.69 23.41
CA HIS A 578 11.44 9.84 24.16
C HIS A 578 11.09 8.58 23.38
N CYS A 579 10.87 8.71 22.08
CA CYS A 579 10.46 7.56 21.28
C CYS A 579 11.59 6.58 21.06
N LEU A 580 12.85 7.01 21.17
CA LEU A 580 13.96 6.08 21.08
C LEU A 580 14.12 5.22 22.33
N ARG A 581 13.34 5.49 23.38
CA ARG A 581 13.34 4.67 24.58
C ARG A 581 12.11 3.78 24.70
N SER A 582 11.03 4.08 24.00
CA SER A 582 9.82 3.29 24.08
C SER A 582 10.02 1.94 23.39
N THR A 583 9.17 0.97 23.75
CA THR A 583 9.37 -0.39 23.25
C THR A 583 8.26 -0.89 22.34
N ASP A 584 7.04 -1.07 22.83
CA ASP A 584 6.04 -1.81 22.07
C ASP A 584 5.05 -0.87 21.37
N TYR A 585 5.58 0.02 20.52
CA TYR A 585 4.72 1.03 19.92
C TYR A 585 5.14 1.30 18.49
N ILE A 586 4.21 1.86 17.74
CA ILE A 586 4.47 2.43 16.43
C ILE A 586 4.36 3.93 16.61
N ASN A 587 5.50 4.62 16.64
CA ASN A 587 5.54 6.05 16.85
C ASN A 587 5.58 6.76 15.51
N VAL A 588 4.55 7.56 15.23
CA VAL A 588 4.49 8.35 14.01
C VAL A 588 4.72 9.80 14.41
N ILE A 589 5.82 10.37 13.92
CA ILE A 589 6.20 11.74 14.23
C ILE A 589 6.06 12.57 12.95
N VAL A 590 5.24 13.59 13.00
CA VAL A 590 5.00 14.47 11.87
C VAL A 590 5.70 15.79 12.15
N ALA A 591 6.67 16.14 11.32
CA ALA A 591 7.43 17.37 11.53
C ALA A 591 7.96 17.85 10.19
N ASP A 592 7.54 19.04 9.77
CA ASP A 592 8.00 19.59 8.51
C ASP A 592 9.44 20.08 8.62
N LYS A 593 10.18 19.97 7.54
CA LYS A 593 11.56 20.33 7.53
C LYS A 593 11.89 21.76 7.18
N GLN A 594 10.94 22.54 6.75
CA GLN A 594 11.23 23.89 6.30
C GLN A 594 11.65 24.77 7.49
N SER A 595 12.21 25.94 7.16
CA SER A 595 12.59 26.90 8.18
C SER A 595 11.34 27.44 8.85
N HIS A 596 11.25 27.28 10.17
CA HIS A 596 10.06 27.63 10.91
C HIS A 596 10.42 28.47 12.12
N LEU A 597 9.40 29.11 12.69
CA LEU A 597 9.56 29.80 13.95
C LEU A 597 9.82 28.79 15.07
N GLN A 598 10.57 29.24 16.07
CA GLN A 598 10.87 28.43 17.24
C GLN A 598 10.14 29.02 18.43
N TYR A 599 9.51 28.16 19.22
CA TYR A 599 8.65 28.59 20.32
C TYR A 599 9.20 28.23 21.69
N LEU A 600 9.63 27.00 21.88
CA LEU A 600 10.02 26.52 23.20
C LEU A 600 11.53 26.25 23.24
N ASP A 601 12.17 26.67 24.32
CA ASP A 601 13.57 26.34 24.54
C ASP A 601 13.67 24.89 25.02
N ALA A 602 14.88 24.45 25.35
CA ALA A 602 15.10 23.04 25.63
C ALA A 602 14.31 22.57 26.85
N GLU A 603 14.28 23.38 27.91
CA GLU A 603 13.59 22.96 29.12
C GLU A 603 12.08 23.02 28.94
N ALA A 604 11.57 24.07 28.30
CA ALA A 604 10.13 24.17 28.07
C ALA A 604 9.64 23.09 27.13
N ALA A 605 10.44 22.76 26.10
CA ALA A 605 10.04 21.71 25.17
C ALA A 605 9.94 20.36 25.85
N ALA A 606 10.86 20.06 26.76
CA ALA A 606 10.81 18.79 27.48
C ALA A 606 9.58 18.71 28.36
N ARG A 607 9.24 19.80 29.06
CA ARG A 607 8.03 19.79 29.88
C ARG A 607 6.78 19.66 29.02
N HIS A 608 6.74 20.36 27.90
CA HIS A 608 5.55 20.32 27.04
C HIS A 608 5.36 18.94 26.44
N CYS A 609 6.44 18.28 26.02
CA CYS A 609 6.30 16.96 25.43
C CYS A 609 5.93 15.92 26.48
N ALA A 610 6.40 16.07 27.71
CA ALA A 610 6.01 15.14 28.77
C ALA A 610 4.52 15.23 29.04
N LYS A 611 3.97 16.45 29.08
CA LYS A 611 2.54 16.60 29.26
C LYS A 611 1.76 16.20 28.01
N GLY A 612 2.38 16.32 26.84
CA GLY A 612 1.72 15.96 25.59
C GLY A 612 0.84 17.06 25.05
N ILE A 613 0.30 17.88 25.96
CA ILE A 613 -0.62 18.95 25.60
C ILE A 613 -0.59 19.97 26.72
N GLY A 614 -0.55 21.26 26.37
CA GLY A 614 -0.47 22.26 27.41
C GLY A 614 -0.82 23.64 26.89
N ILE A 615 -0.92 24.57 27.83
CA ILE A 615 -1.22 25.96 27.54
C ILE A 615 0.10 26.70 27.34
N TRP A 616 0.21 27.43 26.23
CA TRP A 616 1.36 28.28 26.00
C TRP A 616 1.10 29.62 26.66
N ASP A 617 1.79 29.88 27.77
CA ASP A 617 1.52 31.07 28.57
C ASP A 617 1.88 32.34 27.82
N TRP A 618 2.98 32.32 27.07
CA TRP A 618 3.43 33.52 26.38
C TRP A 618 2.45 33.94 25.28
N ALA A 619 1.79 32.98 24.65
CA ALA A 619 0.81 33.26 23.60
C ALA A 619 -0.60 33.44 24.13
N SER A 620 -0.81 33.23 25.42
CA SER A 620 -2.14 33.35 25.98
C SER A 620 -2.36 34.74 26.56
N ASN A 621 -3.63 35.04 26.82
CA ASN A 621 -4.05 36.37 27.20
C ASN A 621 -4.99 36.36 28.39
N ASP A 622 -5.34 35.18 28.90
CA ASP A 622 -6.42 35.02 29.87
C ASP A 622 -5.90 34.64 31.26
N GLN A 623 -4.73 35.16 31.64
CA GLN A 623 -4.17 34.84 32.95
C GLN A 623 -5.07 35.41 34.04
N GLY A 624 -5.55 34.55 34.93
CA GLY A 624 -6.41 35.00 36.00
C GLY A 624 -7.80 35.39 35.58
N ALA A 625 -8.26 34.88 34.44
CA ALA A 625 -9.60 35.21 33.95
C ALA A 625 -10.09 34.05 33.08
N SER A 626 -11.40 34.02 32.88
CA SER A 626 -11.99 33.03 32.00
C SER A 626 -11.77 33.45 30.55
N PRO A 627 -11.18 32.60 29.72
CA PRO A 627 -10.97 32.98 28.32
C PRO A 627 -12.28 33.10 27.57
N ASP A 628 -12.30 34.00 26.59
CA ASP A 628 -13.43 34.10 25.69
C ASP A 628 -13.42 32.99 24.66
N VAL A 629 -12.25 32.50 24.28
CA VAL A 629 -12.10 31.49 23.25
C VAL A 629 -10.80 30.75 23.49
N VAL A 630 -10.79 29.46 23.16
CA VAL A 630 -9.59 28.64 23.22
C VAL A 630 -9.16 28.36 21.79
N ILE A 631 -7.95 28.77 21.44
CA ILE A 631 -7.38 28.48 20.14
C ILE A 631 -6.35 27.38 20.31
N ALA A 632 -6.58 26.25 19.66
CA ALA A 632 -5.72 25.08 19.78
C ALA A 632 -5.13 24.73 18.43
N SER A 633 -3.90 24.23 18.45
CA SER A 633 -3.20 23.84 17.25
C SER A 633 -2.52 22.49 17.45
N CYS A 634 -2.31 21.79 16.35
CA CYS A 634 -1.65 20.48 16.38
C CYS A 634 -0.91 20.33 15.05
N GLY A 635 0.39 20.63 15.05
CA GLY A 635 1.17 20.62 13.84
C GLY A 635 1.96 21.91 13.70
N ASP A 636 3.17 21.83 13.14
CA ASP A 636 4.05 22.99 13.12
C ASP A 636 3.52 24.10 12.22
N VAL A 637 3.10 23.76 11.01
CA VAL A 637 2.60 24.77 10.08
C VAL A 637 1.26 25.30 10.56
N VAL A 638 0.43 24.41 11.09
CA VAL A 638 -0.87 24.78 11.61
C VAL A 638 -0.70 25.72 12.80
N THR A 639 0.29 25.43 13.64
CA THR A 639 0.54 26.26 14.83
C THR A 639 0.92 27.68 14.43
N LEU A 640 1.66 27.86 13.38
CA LEU A 640 2.02 29.18 12.95
C LEU A 640 0.82 29.98 12.56
N GLU A 641 -0.12 29.41 11.85
CA GLU A 641 -1.31 30.14 11.46
C GLU A 641 -2.18 30.45 12.66
N ALA A 642 -2.24 29.54 13.63
CA ALA A 642 -3.03 29.79 14.84
C ALA A 642 -2.44 30.94 15.64
N LEU A 643 -1.12 31.01 15.74
CA LEU A 643 -0.48 32.11 16.45
C LEU A 643 -0.69 33.43 15.72
N ALA A 644 -0.59 33.42 14.39
CA ALA A 644 -0.80 34.64 13.63
C ALA A 644 -2.24 35.11 13.74
N ALA A 645 -3.20 34.18 13.76
CA ALA A 645 -4.59 34.55 13.99
C ALA A 645 -4.79 35.13 15.38
N THR A 646 -4.10 34.56 16.37
CA THR A 646 -4.16 35.10 17.72
C THR A 646 -3.61 36.52 17.76
N ALA A 647 -2.50 36.77 17.07
CA ALA A 647 -1.92 38.11 17.05
C ALA A 647 -2.85 39.10 16.37
N LEU A 648 -3.51 38.68 15.30
CA LEU A 648 -4.47 39.56 14.63
C LEU A 648 -5.63 39.92 15.55
N LEU A 649 -6.17 38.94 16.28
CA LEU A 649 -7.29 39.20 17.16
C LEU A 649 -6.88 40.11 18.32
N ARG A 650 -5.65 39.95 18.81
CA ARG A 650 -5.18 40.80 19.91
C ARG A 650 -5.07 42.26 19.47
N GLU A 651 -4.71 42.49 18.21
CA GLU A 651 -4.55 43.86 17.72
C GLU A 651 -5.89 44.54 17.51
N HIS A 652 -6.87 43.82 16.98
CA HIS A 652 -8.15 44.41 16.63
C HIS A 652 -9.16 44.36 17.77
N PHE A 653 -9.01 43.41 18.69
CA PHE A 653 -9.91 43.30 19.85
C PHE A 653 -9.04 43.26 21.10
N PRO A 654 -8.62 44.43 21.58
CA PRO A 654 -7.72 44.45 22.76
C PRO A 654 -8.32 43.83 24.00
N ASP A 655 -9.64 43.81 24.13
CA ASP A 655 -10.30 43.24 25.30
C ASP A 655 -10.55 41.75 25.17
N LEU A 656 -10.30 41.16 24.01
CA LEU A 656 -10.57 39.74 23.82
C LEU A 656 -9.51 38.90 24.53
N LYS A 657 -9.95 37.91 25.30
CA LYS A 657 -9.06 37.04 26.05
C LYS A 657 -8.98 35.69 25.36
N ILE A 658 -7.77 35.30 24.97
CA ILE A 658 -7.54 34.10 24.19
C ILE A 658 -6.59 33.20 24.96
N ARG A 659 -6.97 31.94 25.11
CA ARG A 659 -6.09 30.92 25.66
C ARG A 659 -5.55 30.08 24.52
N PHE A 660 -4.24 29.96 24.45
CA PHE A 660 -3.59 29.19 23.41
C PHE A 660 -3.16 27.84 23.95
N VAL A 661 -3.59 26.77 23.30
CA VAL A 661 -3.28 25.41 23.69
C VAL A 661 -2.60 24.74 22.51
N ASN A 662 -1.51 24.03 22.77
CA ASN A 662 -0.81 23.27 21.75
C ASN A 662 -0.87 21.79 22.09
N VAL A 663 -1.21 20.97 21.11
CA VAL A 663 -1.31 19.53 21.27
C VAL A 663 -0.15 18.90 20.50
N VAL A 664 0.66 18.11 21.20
CA VAL A 664 1.73 17.33 20.60
C VAL A 664 1.37 15.86 20.53
N ASP A 665 0.99 15.28 21.67
CA ASP A 665 0.56 13.89 21.72
C ASP A 665 -0.93 13.85 21.38
N LEU A 666 -1.24 13.41 20.16
CA LEU A 666 -2.61 13.51 19.66
C LEU A 666 -3.57 12.62 20.44
N PHE A 667 -3.11 11.45 20.89
CA PHE A 667 -4.01 10.50 21.55
C PHE A 667 -4.42 10.94 22.94
N ARG A 668 -3.83 12.00 23.50
CA ARG A 668 -4.27 12.48 24.79
C ARG A 668 -5.63 13.16 24.74
N LEU A 669 -6.15 13.44 23.54
CA LEU A 669 -7.50 13.96 23.43
C LEU A 669 -8.55 12.92 23.78
N GLN A 670 -8.21 11.63 23.65
CA GLN A 670 -9.13 10.58 24.04
C GLN A 670 -9.33 10.58 25.55
N PRO A 671 -10.53 10.23 26.02
CA PRO A 671 -10.76 10.16 27.46
C PRO A 671 -9.95 9.05 28.10
N ASP A 672 -9.65 9.24 29.39
CA ASP A 672 -8.87 8.25 30.13
C ASP A 672 -9.60 6.92 30.27
N THR A 673 -10.92 6.91 30.11
CA THR A 673 -11.65 5.65 30.12
C THR A 673 -11.24 4.77 28.94
N GLU A 674 -11.12 5.38 27.76
CA GLU A 674 -10.74 4.60 26.57
C GLU A 674 -9.33 4.06 26.68
N HIS A 675 -8.40 4.86 27.24
CA HIS A 675 -7.03 4.43 27.39
C HIS A 675 -6.42 5.22 28.54
N PRO A 676 -5.57 4.59 29.36
CA PRO A 676 -4.94 5.34 30.47
C PRO A 676 -4.10 6.52 30.01
N HIS A 677 -3.63 6.51 28.77
CA HIS A 677 -2.79 7.59 28.27
C HIS A 677 -3.57 8.88 28.11
N GLY A 678 -4.88 8.80 27.88
CA GLY A 678 -5.66 9.98 27.59
C GLY A 678 -5.87 10.85 28.82
N LEU A 679 -6.21 12.11 28.56
CA LEU A 679 -6.51 13.04 29.63
C LEU A 679 -7.83 12.69 30.30
N SER A 680 -7.89 12.94 31.60
CA SER A 680 -9.13 12.78 32.33
C SER A 680 -10.08 13.94 32.02
N ASP A 681 -11.34 13.79 32.45
CA ASP A 681 -12.29 14.86 32.25
C ASP A 681 -11.92 16.11 33.04
N ARG A 682 -11.38 15.94 34.24
CA ARG A 682 -10.90 17.08 35.00
C ARG A 682 -9.79 17.81 34.27
N ASP A 683 -8.83 17.06 33.72
CA ASP A 683 -7.70 17.70 33.06
C ASP A 683 -8.10 18.30 31.72
N PHE A 684 -8.96 17.63 30.97
CA PHE A 684 -9.41 18.16 29.70
C PHE A 684 -10.20 19.45 29.89
N ASP A 685 -11.06 19.49 30.90
CA ASP A 685 -11.84 20.69 31.15
C ASP A 685 -10.99 21.86 31.65
N SER A 686 -9.84 21.57 32.26
CA SER A 686 -8.96 22.66 32.69
C SER A 686 -8.26 23.30 31.50
N LEU A 687 -7.85 22.51 30.52
CA LEU A 687 -7.23 23.07 29.32
C LEU A 687 -8.28 23.73 28.43
N PHE A 688 -9.16 22.92 27.86
CA PHE A 688 -10.30 23.42 27.10
C PHE A 688 -11.47 23.53 28.06
N THR A 689 -12.02 24.74 28.19
CA THR A 689 -13.03 24.98 29.20
C THR A 689 -14.27 24.12 28.93
N VAL A 690 -15.22 24.17 29.88
CA VAL A 690 -16.46 23.42 29.73
C VAL A 690 -17.50 24.12 28.89
N ASP A 691 -17.33 25.41 28.61
CA ASP A 691 -18.36 26.16 27.90
C ASP A 691 -17.84 27.17 26.88
N LYS A 692 -16.55 27.25 26.65
CA LYS A 692 -16.16 28.25 25.67
C LYS A 692 -15.86 27.60 24.33
N PRO A 693 -16.04 28.33 23.22
CA PRO A 693 -15.73 27.77 21.91
C PRO A 693 -14.26 27.43 21.78
N ILE A 694 -13.97 26.33 21.08
CA ILE A 694 -12.61 25.89 20.82
C ILE A 694 -12.40 25.91 19.32
N ILE A 695 -11.44 26.71 18.87
CA ILE A 695 -11.07 26.77 17.47
C ILE A 695 -9.82 25.91 17.34
N PHE A 696 -9.98 24.69 16.83
CA PHE A 696 -8.91 23.71 16.77
C PHE A 696 -8.36 23.68 15.36
N ASN A 697 -7.09 24.05 15.21
CA ASN A 697 -6.40 23.97 13.94
C ASN A 697 -5.59 22.69 13.90
N PHE A 698 -5.80 21.88 12.87
CA PHE A 698 -5.26 20.53 12.85
C PHE A 698 -4.52 20.26 11.55
N HIS A 699 -3.38 19.58 11.66
CA HIS A 699 -2.63 19.07 10.52
C HIS A 699 -3.20 17.69 10.19
N GLY A 700 -4.24 17.66 9.39
CA GLY A 700 -4.87 16.40 9.03
C GLY A 700 -6.35 16.59 8.82
N TYR A 701 -7.02 15.48 8.60
CA TYR A 701 -8.45 15.53 8.34
C TYR A 701 -9.20 15.90 9.62
N PRO A 702 -10.07 16.90 9.56
CA PRO A 702 -10.73 17.38 10.79
C PRO A 702 -11.56 16.34 11.51
N TRP A 703 -12.12 15.39 10.77
CA TRP A 703 -12.97 14.35 11.36
C TRP A 703 -12.25 13.49 12.41
N LEU A 704 -10.93 13.43 12.32
CA LEU A 704 -10.13 12.63 13.25
C LEU A 704 -10.17 13.22 14.66
N ILE A 705 -10.16 14.54 14.77
CA ILE A 705 -10.24 15.17 16.08
C ILE A 705 -11.59 14.87 16.74
N HIS A 706 -12.63 14.86 15.91
CA HIS A 706 -13.97 14.56 16.39
C HIS A 706 -14.05 13.11 16.86
N LYS A 707 -13.40 12.22 16.12
CA LYS A 707 -13.39 10.80 16.49
C LYS A 707 -12.73 10.59 17.84
N LEU A 708 -11.64 11.32 18.11
CA LEU A 708 -10.90 11.12 19.35
C LEU A 708 -11.63 11.71 20.55
N ALA A 709 -12.26 12.87 20.38
CA ALA A 709 -12.80 13.62 21.50
C ALA A 709 -14.29 13.86 21.38
N TYR A 710 -15.04 12.84 20.93
CA TYR A 710 -16.47 13.05 20.75
C TYR A 710 -17.22 13.06 22.07
N ARG A 711 -16.75 12.27 23.04
CA ARG A 711 -17.42 12.16 24.33
C ARG A 711 -16.99 13.15 25.42
N ARG A 712 -16.31 14.22 25.02
CA ARG A 712 -15.88 15.21 25.99
C ARG A 712 -17.05 16.12 26.38
N HIS A 713 -16.91 16.78 27.52
CA HIS A 713 -17.99 17.61 28.03
C HIS A 713 -18.19 18.89 27.21
N ASN A 714 -17.20 19.29 26.43
CA ASN A 714 -17.28 20.51 25.64
C ASN A 714 -17.15 20.21 24.15
N HIS A 715 -17.57 19.02 23.72
CA HIS A 715 -17.45 18.66 22.32
C HIS A 715 -18.38 19.48 21.43
N ASN A 716 -19.49 19.99 21.99
CA ASN A 716 -20.38 20.83 21.20
C ASN A 716 -19.75 22.17 20.86
N ASN A 717 -18.66 22.55 21.52
CA ASN A 717 -17.96 23.78 21.22
C ASN A 717 -16.63 23.55 20.49
N LEU A 718 -16.39 22.34 20.02
CA LEU A 718 -15.15 22.01 19.33
C LEU A 718 -15.33 22.22 17.83
N HIS A 719 -14.61 23.19 17.28
CA HIS A 719 -14.69 23.53 15.87
C HIS A 719 -13.31 23.34 15.25
N VAL A 720 -13.20 22.36 14.36
CA VAL A 720 -11.90 21.87 13.88
C VAL A 720 -11.73 22.30 12.43
N ARG A 721 -10.54 22.83 12.12
CA ARG A 721 -10.17 23.24 10.78
C ARG A 721 -8.91 22.44 10.43
N GLY A 722 -8.91 21.78 9.27
CA GLY A 722 -7.79 20.96 8.89
C GLY A 722 -7.69 20.84 7.40
N TYR A 723 -7.03 19.76 6.97
CA TYR A 723 -6.82 19.51 5.56
C TYR A 723 -8.14 19.13 4.89
N LYS A 724 -8.45 19.79 3.78
CA LYS A 724 -9.59 19.42 2.95
C LYS A 724 -9.14 18.93 1.58
N GLU A 725 -8.40 19.74 0.83
CA GLU A 725 -7.83 19.34 -0.44
C GLU A 725 -6.62 20.22 -0.71
N VAL A 726 -5.58 19.63 -1.28
CA VAL A 726 -4.32 20.34 -1.51
C VAL A 726 -4.28 21.03 -2.87
N GLY A 727 -5.16 20.65 -3.80
CA GLY A 727 -5.13 21.26 -5.11
C GLY A 727 -3.81 21.01 -5.81
N ASN A 728 -3.27 22.05 -6.44
CA ASN A 728 -2.04 21.92 -7.22
C ASN A 728 -1.25 23.21 -7.21
N ILE A 729 0.03 23.10 -6.81
CA ILE A 729 1.00 24.19 -6.92
C ILE A 729 0.48 25.47 -6.30
N ASN A 730 0.06 25.41 -5.04
CA ASN A 730 -0.32 26.59 -4.29
C ASN A 730 0.87 27.07 -3.46
N THR A 731 0.96 28.38 -3.28
CA THR A 731 1.92 28.92 -2.33
C THR A 731 1.52 28.50 -0.92
N PRO A 732 2.46 28.48 0.02
CA PRO A 732 2.11 28.03 1.39
C PRO A 732 0.95 28.78 2.01
N LEU A 733 0.88 30.10 1.83
CA LEU A 733 -0.26 30.85 2.35
C LEU A 733 -1.54 30.55 1.56
N GLU A 734 -1.42 30.41 0.23
CA GLU A 734 -2.59 30.12 -0.59
C GLU A 734 -3.17 28.76 -0.23
N LEU A 735 -2.32 27.77 0.02
CA LEU A 735 -2.80 26.45 0.39
C LEU A 735 -3.56 26.49 1.72
N ALA A 736 -3.07 27.30 2.67
CA ALA A 736 -3.78 27.45 3.94
C ALA A 736 -5.11 28.14 3.75
N ILE A 737 -5.21 29.08 2.80
CA ILE A 737 -6.47 29.75 2.55
C ILE A 737 -7.49 28.80 1.93
N ARG A 738 -7.04 27.91 1.05
CA ARG A 738 -7.96 26.97 0.41
C ARG A 738 -8.60 26.05 1.44
N ASN A 739 -7.82 25.62 2.44
CA ASN A 739 -8.31 24.73 3.48
C ASN A 739 -8.89 25.50 4.67
N GLN A 740 -8.89 26.82 4.63
CA GLN A 740 -9.43 27.67 5.70
C GLN A 740 -8.74 27.41 7.03
N VAL A 741 -7.46 27.04 6.99
CA VAL A 741 -6.64 26.98 8.19
C VAL A 741 -5.73 28.19 8.31
N ASP A 742 -5.88 29.16 7.41
CA ASP A 742 -5.03 30.34 7.40
C ASP A 742 -5.33 31.22 8.61
N ARG A 743 -4.41 32.15 8.87
CA ARG A 743 -4.58 33.08 9.98
C ARG A 743 -5.84 33.92 9.82
N PHE A 744 -6.17 34.30 8.58
CA PHE A 744 -7.33 35.15 8.38
C PHE A 744 -8.62 34.36 8.52
N ASN A 745 -8.65 33.12 8.03
CA ASN A 745 -9.83 32.28 8.20
C ASN A 745 -10.06 31.93 9.66
N LEU A 746 -8.98 31.65 10.40
CA LEU A 746 -9.12 31.34 11.82
C LEU A 746 -9.65 32.52 12.60
N ALA A 747 -9.18 33.73 12.28
CA ALA A 747 -9.70 34.93 12.94
C ALA A 747 -11.16 35.14 12.62
N ILE A 748 -11.57 34.87 11.37
CA ILE A 748 -12.97 34.93 11.01
C ILE A 748 -13.77 33.88 11.78
N ASP A 749 -13.22 32.68 11.94
CA ASP A 749 -13.89 31.64 12.69
C ASP A 749 -14.09 32.04 14.14
N VAL A 750 -13.11 32.71 14.74
CA VAL A 750 -13.25 33.17 16.12
C VAL A 750 -14.36 34.21 16.22
N ILE A 751 -14.42 35.13 15.27
CA ILE A 751 -15.43 36.19 15.32
C ILE A 751 -16.83 35.61 15.26
N ASP A 752 -17.02 34.57 14.44
CA ASP A 752 -18.33 33.94 14.36
C ASP A 752 -18.70 33.22 15.65
N ARG A 753 -17.75 32.46 16.20
CA ARG A 753 -17.99 31.64 17.39
C ARG A 753 -18.19 32.37 18.72
N VAL A 754 -17.51 33.51 18.88
CA VAL A 754 -17.59 34.25 20.14
C VAL A 754 -18.87 35.08 20.15
N PRO A 755 -19.75 34.87 21.14
CA PRO A 755 -21.07 35.51 21.10
C PRO A 755 -21.05 37.03 21.10
N HIS A 756 -20.11 37.65 21.80
CA HIS A 756 -20.11 39.11 21.91
C HIS A 756 -19.31 39.78 20.80
N LEU A 757 -18.77 39.02 19.85
CA LEU A 757 -18.11 39.58 18.68
C LEU A 757 -18.99 39.52 17.44
N ARG A 758 -20.20 38.98 17.53
CA ARG A 758 -21.01 38.78 16.34
C ARG A 758 -21.56 40.08 15.78
N ASP A 759 -21.56 41.16 16.56
CA ASP A 759 -21.90 42.48 16.07
C ASP A 759 -20.70 43.41 15.96
N ARG A 760 -19.83 43.43 16.97
CA ARG A 760 -18.68 44.31 16.95
C ARG A 760 -17.54 43.79 16.07
N GLY A 761 -17.59 42.55 15.64
CA GLY A 761 -16.57 42.01 14.77
C GLY A 761 -16.88 42.10 13.29
N ALA A 762 -17.96 42.78 12.90
CA ALA A 762 -18.36 42.78 11.50
C ALA A 762 -17.37 43.54 10.63
N HIS A 763 -16.89 44.69 11.09
CA HIS A 763 -15.97 45.48 10.27
C HIS A 763 -14.61 44.81 10.16
N VAL A 764 -14.16 44.18 11.25
CA VAL A 764 -12.91 43.43 11.20
C VAL A 764 -13.06 42.22 10.27
N LYS A 765 -14.22 41.58 10.30
CA LYS A 765 -14.44 40.41 9.45
C LYS A 765 -14.36 40.79 7.98
N GLU A 766 -14.87 41.96 7.61
CA GLU A 766 -14.75 42.42 6.24
C GLU A 766 -13.30 42.72 5.89
N TRP A 767 -12.56 43.31 6.82
CA TRP A 767 -11.15 43.59 6.56
C TRP A 767 -10.34 42.31 6.40
N LEU A 768 -10.66 41.30 7.20
CA LEU A 768 -9.96 40.01 7.07
C LEU A 768 -10.21 39.38 5.71
N LYS A 769 -11.44 39.49 5.20
CA LYS A 769 -11.74 38.96 3.88
C LYS A 769 -11.00 39.73 2.79
N ASP A 770 -10.81 41.04 2.97
CA ASP A 770 -10.03 41.80 2.01
C ASP A 770 -8.58 41.35 1.98
N GLN A 771 -8.03 40.99 3.15
CA GLN A 771 -6.66 40.47 3.19
C GLN A 771 -6.56 39.15 2.44
N ILE A 772 -7.56 38.29 2.59
CA ILE A 772 -7.55 37.02 1.87
C ILE A 772 -7.52 37.25 0.37
N HIS A 773 -8.34 38.20 -0.11
CA HIS A 773 -8.32 38.52 -1.53
C HIS A 773 -6.97 39.07 -1.96
N ASP A 774 -6.38 39.97 -1.17
CA ASP A 774 -5.13 40.59 -1.56
C ASP A 774 -4.00 39.58 -1.67
N HIS A 775 -3.91 38.66 -0.72
CA HIS A 775 -2.82 37.69 -0.74
C HIS A 775 -3.00 36.66 -1.85
N ILE A 776 -4.24 36.29 -2.15
CA ILE A 776 -4.48 35.38 -3.26
C ILE A 776 -4.09 36.02 -4.58
N GLN A 777 -4.44 37.29 -4.78
CA GLN A 777 -4.09 37.98 -6.01
C GLN A 777 -2.58 38.13 -6.15
N TYR A 778 -1.89 38.45 -5.06
CA TYR A 778 -0.44 38.59 -5.13
C TYR A 778 0.22 37.26 -5.44
N ALA A 779 -0.33 36.15 -4.93
CA ALA A 779 0.22 34.84 -5.21
C ALA A 779 0.06 34.48 -6.69
N TYR A 780 -1.00 34.94 -7.33
CA TYR A 780 -1.20 34.63 -8.74
C TYR A 780 -0.26 35.42 -9.64
N GLN A 781 0.06 36.66 -9.28
CA GLN A 781 0.91 37.50 -10.12
C GLN A 781 2.39 37.35 -9.80
N GLU A 782 2.75 36.64 -8.75
CA GLU A 782 4.16 36.54 -8.36
C GLU A 782 4.57 35.09 -8.17
N GLY A 783 3.63 34.23 -7.82
CA GLY A 783 3.96 32.86 -7.49
C GLY A 783 4.53 32.65 -6.12
N ILE A 784 4.66 33.72 -5.33
CA ILE A 784 5.22 33.67 -3.99
C ILE A 784 4.37 34.53 -3.08
N ASP A 785 4.48 34.30 -1.78
CA ASP A 785 3.79 35.13 -0.81
C ASP A 785 4.56 36.41 -0.55
N ARG A 786 3.88 37.37 0.07
CA ARG A 786 4.52 38.64 0.39
C ARG A 786 5.59 38.44 1.46
N PRO A 787 6.62 39.29 1.47
CA PRO A 787 7.65 39.17 2.52
C PRO A 787 7.11 39.34 3.93
N GLU A 788 6.02 40.09 4.10
CA GLU A 788 5.44 40.25 5.43
C GLU A 788 4.93 38.92 5.96
N ILE A 789 4.33 38.10 5.09
CA ILE A 789 3.83 36.80 5.51
C ILE A 789 4.99 35.84 5.78
N ASN A 790 6.00 35.85 4.91
CA ASN A 790 7.11 34.90 5.06
C ASN A 790 7.94 35.21 6.28
N GLN A 791 8.11 36.48 6.61
CA GLN A 791 8.95 36.90 7.73
C GLN A 791 8.13 37.28 8.96
N TRP A 792 6.94 36.71 9.10
CA TRP A 792 6.10 37.04 10.23
C TRP A 792 6.71 36.54 11.54
N GLN A 793 6.68 37.40 12.55
CA GLN A 793 7.16 37.06 13.88
C GLN A 793 6.09 37.37 14.90
N TRP A 794 6.17 36.71 16.03
CA TRP A 794 5.22 36.95 17.10
C TRP A 794 5.44 38.34 17.68
N PRO A 795 4.46 39.22 17.66
CA PRO A 795 4.60 40.51 18.34
C PRO A 795 4.32 40.36 19.83
N PHE A 796 4.26 41.47 20.56
CA PHE A 796 4.09 41.44 22.01
C PHE A 796 5.26 40.74 22.70
N ASP B 9 16.58 1.39 -45.54
CA ASP B 9 17.45 2.42 -44.98
C ASP B 9 16.79 3.06 -43.77
N ILE B 10 15.80 2.37 -43.19
CA ILE B 10 15.13 2.90 -42.01
C ILE B 10 16.08 2.93 -40.82
N ALA B 11 16.97 1.94 -40.72
CA ALA B 11 17.91 1.90 -39.61
C ALA B 11 18.93 3.03 -39.69
N THR B 12 19.47 3.28 -40.88
CA THR B 12 20.48 4.30 -41.05
C THR B 12 19.86 5.69 -40.94
N LEU B 13 20.55 6.59 -40.27
CA LEU B 13 20.10 7.96 -40.08
C LEU B 13 20.92 8.87 -40.99
N SER B 14 20.23 9.58 -41.88
CA SER B 14 20.92 10.46 -42.81
C SER B 14 21.52 11.65 -42.06
N PRO B 15 22.68 12.14 -42.51
CA PRO B 15 23.24 13.35 -41.87
C PRO B 15 22.32 14.54 -41.96
N ASN B 16 21.62 14.70 -43.09
CA ASN B 16 20.61 15.74 -43.20
C ASN B 16 19.45 15.48 -42.26
N GLU B 17 19.02 14.22 -42.15
CA GLU B 17 17.94 13.87 -41.25
C GLU B 17 18.36 14.01 -39.79
N GLN B 18 19.63 13.73 -39.49
CA GLN B 18 20.10 13.84 -38.11
C GLN B 18 20.11 15.29 -37.65
N ALA B 19 20.40 16.23 -38.55
CA ALA B 19 20.45 17.63 -38.17
C ALA B 19 19.09 18.13 -37.71
N ALA B 20 18.02 17.76 -38.43
CA ALA B 20 16.68 18.16 -38.02
C ALA B 20 16.28 17.50 -36.71
N ILE B 21 16.64 16.23 -36.53
CA ILE B 21 16.34 15.54 -35.27
C ILE B 21 17.08 16.22 -34.13
N ASP B 22 18.36 16.54 -34.33
CA ASP B 22 19.12 17.22 -33.29
C ASP B 22 18.55 18.61 -33.01
N ALA B 23 18.13 19.33 -34.05
CA ALA B 23 17.56 20.65 -33.84
C ALA B 23 16.27 20.58 -33.03
N TRP B 24 15.43 19.58 -33.30
CA TRP B 24 14.22 19.38 -32.52
C TRP B 24 14.57 19.09 -31.07
N TRP B 25 15.60 18.28 -30.84
CA TRP B 25 16.00 17.95 -29.48
C TRP B 25 16.48 19.17 -28.72
N ARG B 26 17.26 20.04 -29.37
CA ARG B 26 17.68 21.28 -28.74
C ARG B 26 16.50 22.18 -28.44
N ALA B 27 15.54 22.27 -29.37
CA ALA B 27 14.35 23.07 -29.12
C ALA B 27 13.55 22.52 -27.95
N ALA B 28 13.41 21.20 -27.86
CA ALA B 28 12.71 20.60 -26.75
C ALA B 28 13.41 20.87 -25.44
N ASN B 29 14.74 20.76 -25.42
CA ASN B 29 15.49 21.05 -24.21
C ASN B 29 15.40 22.52 -23.83
N TYR B 30 15.42 23.40 -24.83
CA TYR B 30 15.33 24.83 -24.56
C TYR B 30 14.01 25.17 -23.89
N LEU B 31 12.91 24.62 -24.40
CA LEU B 31 11.61 24.89 -23.82
C LEU B 31 11.47 24.29 -22.43
N SER B 32 12.12 23.15 -22.19
CA SER B 32 12.10 22.57 -20.85
C SER B 32 12.76 23.49 -19.84
N VAL B 33 13.91 24.06 -20.20
CA VAL B 33 14.59 24.97 -19.29
C VAL B 33 13.79 26.26 -19.13
N GLY B 34 13.17 26.73 -20.21
CA GLY B 34 12.34 27.92 -20.11
C GLY B 34 11.16 27.74 -19.18
N GLN B 35 10.53 26.56 -19.22
CA GLN B 35 9.40 26.30 -18.34
C GLN B 35 9.81 26.31 -16.89
N ILE B 36 11.00 25.77 -16.58
CA ILE B 36 11.43 25.69 -15.19
C ILE B 36 11.79 27.07 -14.65
N TYR B 37 12.51 27.87 -15.43
CA TYR B 37 13.11 29.09 -14.93
C TYR B 37 12.38 30.37 -15.32
N LEU B 38 12.07 30.54 -16.60
CA LEU B 38 11.62 31.83 -17.10
C LEU B 38 10.13 32.02 -16.87
N ARG B 39 9.75 33.24 -16.54
CA ARG B 39 8.36 33.67 -16.57
C ARG B 39 8.14 34.82 -17.54
N ASP B 40 9.19 35.29 -18.19
CA ASP B 40 9.10 36.36 -19.17
C ASP B 40 10.33 36.26 -20.06
N ASN B 41 10.27 36.97 -21.19
CA ASN B 41 11.38 37.02 -22.15
C ASN B 41 11.72 35.61 -22.60
N PRO B 42 10.81 34.93 -23.31
CA PRO B 42 11.05 33.51 -23.63
C PRO B 42 12.23 33.31 -24.55
N LEU B 43 12.23 33.99 -25.69
CA LEU B 43 13.40 34.05 -26.55
C LEU B 43 14.24 35.23 -26.08
N LEU B 44 15.52 34.97 -25.83
CA LEU B 44 16.34 35.96 -25.15
C LEU B 44 16.65 37.14 -26.05
N GLN B 45 15.62 37.91 -26.42
CA GLN B 45 15.83 39.09 -27.24
C GLN B 45 16.52 40.20 -26.45
N GLU B 46 16.21 40.31 -25.17
CA GLU B 46 16.84 41.26 -24.28
C GLU B 46 17.66 40.52 -23.22
N PRO B 47 18.64 41.18 -22.60
CA PRO B 47 19.45 40.50 -21.59
C PRO B 47 18.60 39.96 -20.45
N LEU B 48 18.99 38.80 -19.95
CA LEU B 48 18.21 38.14 -18.91
C LEU B 48 18.35 38.88 -17.59
N ARG B 49 17.24 39.39 -17.09
CA ARG B 49 17.15 40.13 -15.85
C ARG B 49 16.47 39.29 -14.78
N PRO B 50 16.74 39.56 -13.50
CA PRO B 50 16.11 38.76 -12.44
C PRO B 50 14.60 38.86 -12.41
N GLU B 51 14.00 39.91 -13.00
CA GLU B 51 12.55 39.97 -13.06
C GLU B 51 11.96 38.99 -14.06
N HIS B 52 12.78 38.43 -14.95
CA HIS B 52 12.32 37.40 -15.88
C HIS B 52 12.29 36.03 -15.26
N ILE B 53 12.92 35.83 -14.13
CA ILE B 53 13.10 34.52 -13.53
C ILE B 53 11.96 34.22 -12.58
N LYS B 54 11.50 32.99 -12.59
CA LYS B 54 10.48 32.57 -11.63
C LYS B 54 11.03 32.58 -10.21
N GLN B 55 10.14 32.84 -9.26
CA GLN B 55 10.41 32.64 -7.86
C GLN B 55 9.78 31.34 -7.42
N ARG B 56 10.45 30.65 -6.49
CA ARG B 56 10.04 29.31 -6.04
C ARG B 56 10.04 28.33 -7.22
N LEU B 57 11.24 28.06 -7.71
CA LEU B 57 11.43 27.05 -8.74
C LEU B 57 11.02 25.67 -8.23
N LEU B 58 10.22 24.96 -9.02
CA LEU B 58 9.72 23.66 -8.62
C LEU B 58 9.88 22.57 -9.68
N GLY B 59 10.24 22.92 -10.91
CA GLY B 59 10.39 21.91 -11.94
C GLY B 59 11.68 21.12 -11.80
N HIS B 60 11.70 19.98 -12.48
CA HIS B 60 12.84 19.09 -12.45
C HIS B 60 13.51 19.08 -13.82
N TRP B 61 14.84 19.02 -13.82
CA TRP B 61 15.63 19.08 -15.05
C TRP B 61 16.32 17.77 -15.40
N GLY B 62 16.76 17.00 -14.42
CA GLY B 62 17.66 15.89 -14.70
C GLY B 62 17.12 14.89 -15.70
N SER B 63 15.83 14.59 -15.61
CA SER B 63 15.24 13.58 -16.48
C SER B 63 14.81 14.13 -17.84
N ASP B 64 14.70 15.45 -17.99
CA ASP B 64 14.13 16.02 -19.21
C ASP B 64 14.92 15.70 -20.47
N PRO B 65 16.25 15.86 -20.53
CA PRO B 65 16.93 15.58 -21.81
C PRO B 65 16.75 14.16 -22.29
N GLY B 66 16.72 13.18 -21.38
CA GLY B 66 16.49 11.81 -21.80
C GLY B 66 15.10 11.60 -22.35
N LEU B 67 14.09 12.19 -21.71
CA LEU B 67 12.72 12.03 -22.17
C LEU B 67 12.53 12.64 -23.56
N SER B 68 13.09 13.83 -23.78
CA SER B 68 12.98 14.46 -25.09
C SER B 68 13.81 13.72 -26.13
N PHE B 69 14.92 13.12 -25.73
CA PHE B 69 15.73 12.36 -26.65
C PHE B 69 14.96 11.16 -27.20
N VAL B 70 14.24 10.47 -26.32
CA VAL B 70 13.41 9.35 -26.76
C VAL B 70 12.26 9.84 -27.62
N TYR B 71 11.66 10.97 -27.25
CA TYR B 71 10.47 11.47 -27.93
C TYR B 71 10.76 11.78 -29.40
N VAL B 72 11.85 12.48 -29.68
CA VAL B 72 12.14 12.88 -31.05
C VAL B 72 12.46 11.67 -31.91
N HIS B 73 13.10 10.65 -31.33
CA HIS B 73 13.42 9.46 -32.10
C HIS B 73 12.20 8.59 -32.33
N LEU B 74 11.25 8.58 -31.40
CA LEU B 74 9.98 7.90 -31.65
C LEU B 74 9.20 8.57 -32.76
N ASN B 75 9.24 9.91 -32.81
CA ASN B 75 8.55 10.63 -33.87
C ASN B 75 9.11 10.28 -35.24
N ARG B 76 10.39 9.95 -35.31
CA ARG B 76 10.98 9.58 -36.59
C ARG B 76 10.35 8.31 -37.14
N LEU B 77 10.12 7.31 -36.28
CA LEU B 77 9.52 6.07 -36.73
C LEU B 77 8.05 6.24 -37.07
N ILE B 78 7.35 7.14 -36.37
CA ILE B 78 5.95 7.40 -36.68
C ILE B 78 5.82 7.95 -38.09
N ARG B 79 6.68 8.89 -38.46
CA ARG B 79 6.63 9.45 -39.81
C ARG B 79 7.03 8.42 -40.85
N ARG B 80 8.08 7.65 -40.57
CA ARG B 80 8.59 6.70 -41.56
C ARG B 80 7.69 5.47 -41.70
N LEU B 81 7.24 4.91 -40.59
CA LEU B 81 6.54 3.63 -40.59
C LEU B 81 5.05 3.74 -40.32
N ASP B 82 4.53 4.95 -40.11
CA ASP B 82 3.11 5.16 -39.82
C ASP B 82 2.67 4.37 -38.59
N LEU B 83 3.51 4.38 -37.57
CA LEU B 83 3.21 3.64 -36.34
C LEU B 83 2.18 4.37 -35.50
N ASN B 84 1.41 3.60 -34.75
CA ASN B 84 0.45 4.12 -33.78
C ASN B 84 1.10 3.99 -32.40
N LEU B 85 1.71 5.07 -31.93
CA LEU B 85 2.45 5.07 -30.67
C LEU B 85 1.77 5.95 -29.64
N ILE B 86 1.98 5.61 -28.38
CA ILE B 86 1.71 6.51 -27.27
C ILE B 86 2.93 6.50 -26.36
N TYR B 87 3.03 7.52 -25.52
CA TYR B 87 4.21 7.76 -24.70
C TYR B 87 3.77 7.75 -23.23
N VAL B 88 4.21 6.74 -22.50
CA VAL B 88 3.95 6.65 -21.06
C VAL B 88 5.22 7.04 -20.33
N THR B 89 5.12 8.05 -19.48
CA THR B 89 6.27 8.63 -18.81
C THR B 89 6.34 8.13 -17.38
N GLY B 90 7.38 7.36 -17.08
CA GLY B 90 7.63 6.90 -15.73
C GLY B 90 8.00 8.03 -14.80
N PRO B 91 9.11 8.72 -15.10
CA PRO B 91 9.48 9.89 -14.29
C PRO B 91 8.59 11.08 -14.56
N GLY B 92 7.44 11.13 -13.89
CA GLY B 92 6.48 12.19 -14.13
C GLY B 92 6.98 13.57 -13.79
N HIS B 93 8.04 13.68 -13.00
CA HIS B 93 8.66 14.98 -12.75
C HIS B 93 9.32 15.55 -13.99
N GLY B 94 9.50 14.74 -15.03
CA GLY B 94 9.99 15.24 -16.30
C GLY B 94 8.88 15.73 -17.20
N ALA B 95 7.81 16.22 -16.58
CA ALA B 95 6.69 16.77 -17.35
C ALA B 95 7.07 17.87 -18.33
N PRO B 96 7.96 18.83 -18.00
CA PRO B 96 8.26 19.88 -18.98
C PRO B 96 8.83 19.37 -20.28
N ALA B 97 9.49 18.20 -20.28
CA ALA B 97 9.92 17.61 -21.54
C ALA B 97 8.74 17.18 -22.40
N LEU B 98 7.72 16.60 -21.78
CA LEU B 98 6.55 16.16 -22.53
C LEU B 98 5.76 17.34 -23.07
N LEU B 99 5.63 18.40 -22.28
CA LEU B 99 4.90 19.58 -22.74
C LEU B 99 5.67 20.30 -23.84
N ALA B 100 6.99 20.30 -23.76
CA ALA B 100 7.80 20.97 -24.77
C ALA B 100 7.63 20.30 -26.13
N ASN B 101 7.62 18.96 -26.16
CA ASN B 101 7.45 18.26 -27.42
C ASN B 101 6.02 18.38 -27.93
N ALA B 102 5.03 18.41 -27.02
CA ALA B 102 3.66 18.65 -27.43
C ALA B 102 3.50 20.02 -28.06
N TRP B 103 4.19 21.02 -27.51
CA TRP B 103 4.15 22.36 -28.08
C TRP B 103 4.77 22.39 -29.47
N LEU B 104 5.91 21.71 -29.65
CA LEU B 104 6.58 21.71 -30.95
C LEU B 104 5.74 21.02 -32.00
N GLU B 105 5.08 19.92 -31.65
CA GLU B 105 4.21 19.22 -32.59
C GLU B 105 2.99 20.03 -32.98
N GLY B 106 2.65 21.05 -32.20
CA GLY B 106 1.44 21.80 -32.41
C GLY B 106 0.24 21.29 -31.66
N THR B 107 0.36 20.17 -30.95
CA THR B 107 -0.75 19.64 -30.19
C THR B 107 -1.16 20.57 -29.06
N TYR B 108 -0.17 21.14 -28.35
CA TYR B 108 -0.49 21.96 -27.19
C TYR B 108 -1.22 23.23 -27.58
N SER B 109 -0.90 23.80 -28.75
CA SER B 109 -1.58 25.01 -29.19
C SER B 109 -3.03 24.71 -29.56
N GLU B 110 -3.31 23.53 -30.11
CA GLU B 110 -4.68 23.17 -30.43
C GLU B 110 -5.50 22.97 -29.17
N VAL B 111 -4.97 22.25 -28.19
CA VAL B 111 -5.71 21.98 -26.97
C VAL B 111 -5.85 23.26 -26.14
N TYR B 112 -4.78 24.03 -26.02
CA TYR B 112 -4.78 25.27 -25.25
C TYR B 112 -4.43 26.42 -26.18
N PRO B 113 -5.43 27.09 -26.76
CA PRO B 113 -5.13 28.15 -27.74
C PRO B 113 -4.42 29.36 -27.16
N ASN B 114 -4.43 29.55 -25.83
CA ASN B 114 -3.70 30.66 -25.25
C ASN B 114 -2.20 30.50 -25.40
N CYS B 115 -1.71 29.27 -25.49
CA CYS B 115 -0.28 29.00 -25.67
C CYS B 115 -0.05 28.73 -27.15
N GLN B 116 -0.05 29.80 -27.94
CA GLN B 116 0.17 29.70 -29.38
C GLN B 116 1.65 29.46 -29.68
N GLN B 117 1.95 29.24 -30.97
CA GLN B 117 3.32 29.05 -31.41
C GLN B 117 4.13 30.34 -31.42
N SER B 118 3.51 31.48 -31.20
CA SER B 118 4.18 32.77 -31.29
C SER B 118 5.05 33.02 -30.06
N THR B 119 5.69 34.19 -30.03
CA THR B 119 6.44 34.61 -28.86
C THR B 119 5.51 34.87 -27.68
N ALA B 120 4.34 35.47 -27.93
CA ALA B 120 3.38 35.69 -26.87
C ALA B 120 2.87 34.37 -26.31
N GLY B 121 2.71 33.36 -27.16
CA GLY B 121 2.34 32.05 -26.67
C GLY B 121 3.41 31.44 -25.79
N LEU B 122 4.69 31.71 -26.12
CA LEU B 122 5.78 31.19 -25.30
C LEU B 122 5.83 31.87 -23.94
N GLN B 123 5.43 33.13 -23.84
CA GLN B 123 5.37 33.78 -22.53
C GLN B 123 4.39 33.05 -21.63
N GLN B 124 3.22 32.70 -22.15
CA GLN B 124 2.24 31.97 -21.36
C GLN B 124 2.69 30.54 -21.11
N PHE B 125 3.34 29.92 -22.10
CA PHE B 125 3.78 28.54 -21.94
C PHE B 125 4.83 28.41 -20.86
N PHE B 126 5.79 29.34 -20.81
CA PHE B 126 6.80 29.29 -19.77
C PHE B 126 6.23 29.69 -18.42
N LYS B 127 5.41 30.74 -18.39
CA LYS B 127 4.89 31.28 -17.14
C LYS B 127 4.04 30.28 -16.39
N GLN B 128 3.26 29.47 -17.12
CA GLN B 128 2.25 28.63 -16.49
C GLN B 128 2.85 27.46 -15.72
N PHE B 129 4.05 27.01 -16.05
CA PHE B 129 4.55 25.76 -15.49
C PHE B 129 4.93 25.93 -14.02
N SER B 130 4.41 25.03 -13.19
CA SER B 130 4.68 25.03 -11.74
C SER B 130 4.43 26.39 -11.13
N PHE B 131 3.29 26.97 -11.49
CA PHE B 131 2.92 28.32 -11.07
C PHE B 131 1.51 28.31 -10.51
N PRO B 132 1.24 29.11 -9.49
CA PRO B 132 -0.14 29.23 -9.00
C PRO B 132 -1.07 29.74 -10.10
N GLY B 133 -2.17 29.03 -10.29
CA GLY B 133 -3.07 29.33 -11.38
C GLY B 133 -2.66 28.78 -12.72
N GLY B 134 -1.53 28.08 -12.79
CA GLY B 134 -1.07 27.50 -14.04
C GLY B 134 -1.28 26.00 -14.07
N ILE B 135 -0.21 25.25 -14.31
CA ILE B 135 -0.27 23.79 -14.36
C ILE B 135 0.71 23.22 -13.35
N GLY B 136 0.62 21.91 -13.13
CA GLY B 136 1.46 21.24 -12.17
C GLY B 136 2.82 20.90 -12.72
N SER B 137 3.62 20.25 -11.87
CA SER B 137 4.96 19.82 -12.22
C SER B 137 5.03 18.38 -12.70
N HIS B 138 3.90 17.68 -12.75
CA HIS B 138 3.84 16.30 -13.18
C HIS B 138 2.89 16.18 -14.36
N CYS B 139 2.79 14.96 -14.92
CA CYS B 139 1.97 14.70 -16.09
C CYS B 139 0.51 14.51 -15.65
N THR B 140 -0.08 15.60 -15.19
CA THR B 140 -1.45 15.62 -14.72
C THR B 140 -2.41 15.41 -15.89
N PRO B 141 -3.71 15.26 -15.63
CA PRO B 141 -4.66 15.14 -16.74
C PRO B 141 -4.67 16.32 -17.69
N GLU B 142 -4.16 17.49 -17.26
CA GLU B 142 -4.06 18.62 -18.16
C GLU B 142 -3.06 18.40 -19.28
N THR B 143 -2.17 17.43 -19.13
CA THR B 143 -1.13 17.19 -20.13
C THR B 143 -1.73 16.41 -21.30
N PRO B 144 -1.66 16.92 -22.52
CA PRO B 144 -2.12 16.14 -23.66
C PRO B 144 -1.28 14.88 -23.85
N GLY B 145 -1.95 13.80 -24.21
CA GLY B 145 -1.25 12.55 -24.46
C GLY B 145 -0.78 11.82 -23.23
N SER B 146 -1.35 12.11 -22.06
CA SER B 146 -0.93 11.50 -20.82
C SER B 146 -2.07 10.66 -20.23
N ILE B 147 -1.76 9.43 -19.86
CA ILE B 147 -2.68 8.57 -19.12
C ILE B 147 -2.19 8.27 -17.73
N HIS B 148 -1.03 8.80 -17.34
CA HIS B 148 -0.40 8.42 -16.09
C HIS B 148 0.55 9.51 -15.66
N GLU B 149 0.45 9.94 -14.41
CA GLU B 149 1.42 10.86 -13.85
C GLU B 149 2.40 10.09 -12.98
N GLY B 150 3.68 10.45 -13.09
CA GLY B 150 4.69 9.73 -12.36
C GLY B 150 4.98 10.34 -11.00
N GLY B 151 3.96 10.92 -10.38
CA GLY B 151 4.14 11.46 -9.04
C GLY B 151 4.44 10.36 -8.04
N GLU B 152 3.69 9.26 -8.10
CA GLU B 152 3.96 8.07 -7.31
C GLU B 152 4.60 7.04 -8.23
N LEU B 153 5.82 6.63 -7.89
CA LEU B 153 6.61 5.81 -8.80
C LEU B 153 6.27 4.33 -8.66
N GLY B 154 6.43 3.61 -9.77
CA GLY B 154 6.27 2.17 -9.79
C GLY B 154 5.10 1.64 -10.58
N TYR B 155 4.24 2.51 -11.09
CA TYR B 155 3.02 2.08 -11.78
C TYR B 155 3.06 2.33 -13.27
N SER B 156 4.16 2.88 -13.80
CA SER B 156 4.18 3.27 -15.21
C SER B 156 4.12 2.05 -16.13
N LEU B 157 4.85 1.00 -15.82
CA LEU B 157 4.93 -0.14 -16.73
C LEU B 157 3.62 -0.92 -16.73
N SER B 158 2.96 -1.07 -15.58
CA SER B 158 1.68 -1.74 -15.56
C SER B 158 0.62 -0.96 -16.32
N HIS B 159 0.71 0.37 -16.30
CA HIS B 159 -0.18 1.18 -17.14
C HIS B 159 0.13 0.99 -18.61
N ALA B 160 1.39 0.79 -18.96
CA ALA B 160 1.73 0.56 -20.36
C ALA B 160 1.10 -0.74 -20.88
N PHE B 161 1.14 -1.79 -20.08
CA PHE B 161 0.53 -3.05 -20.49
C PHE B 161 -0.99 -2.98 -20.46
N GLY B 162 -1.56 -2.17 -19.57
CA GLY B 162 -3.00 -2.00 -19.56
C GLY B 162 -3.51 -1.32 -20.82
N ALA B 163 -2.76 -0.37 -21.34
CA ALA B 163 -3.16 0.30 -22.57
C ALA B 163 -2.98 -0.59 -23.79
N ALA B 164 -2.03 -1.51 -23.75
CA ALA B 164 -1.78 -2.39 -24.88
C ALA B 164 -2.80 -3.50 -25.02
N LEU B 165 -3.60 -3.78 -23.99
CA LEU B 165 -4.59 -4.83 -24.06
C LEU B 165 -5.66 -4.51 -25.08
N ASP B 166 -5.96 -5.47 -25.95
CA ASP B 166 -7.01 -5.36 -26.97
C ASP B 166 -6.78 -4.19 -27.91
N ASN B 167 -5.51 -3.81 -28.12
CA ASN B 167 -5.13 -2.72 -29.01
C ASN B 167 -4.05 -3.23 -29.96
N PRO B 168 -4.41 -4.11 -30.89
CA PRO B 168 -3.38 -4.83 -31.65
C PRO B 168 -2.44 -3.94 -32.45
N ASP B 169 -2.89 -2.79 -32.94
CA ASP B 169 -2.05 -1.92 -33.75
C ASP B 169 -1.32 -0.87 -32.93
N LEU B 170 -1.45 -0.88 -31.61
CA LEU B 170 -0.86 0.11 -30.74
C LEU B 170 0.47 -0.39 -30.19
N ILE B 171 1.48 0.47 -30.22
CA ILE B 171 2.75 0.21 -29.54
C ILE B 171 2.89 1.26 -28.46
N VAL B 172 3.07 0.82 -27.22
CA VAL B 172 3.20 1.70 -26.08
C VAL B 172 4.66 1.79 -25.68
N ALA B 173 5.25 2.97 -25.82
CA ALA B 173 6.63 3.20 -25.42
C ALA B 173 6.62 3.74 -24.00
N CYS B 174 7.08 2.94 -23.06
CA CYS B 174 7.10 3.30 -21.65
C CYS B 174 8.53 3.62 -21.24
N VAL B 175 8.77 4.86 -20.86
CA VAL B 175 10.09 5.28 -20.39
C VAL B 175 10.11 5.13 -18.88
N ILE B 176 11.07 4.36 -18.37
CA ILE B 176 11.11 3.97 -16.98
C ILE B 176 12.37 4.54 -16.36
N GLY B 177 12.21 5.31 -15.29
CA GLY B 177 13.36 5.81 -14.56
C GLY B 177 14.06 4.70 -13.79
N ASP B 178 15.37 4.80 -13.70
CA ASP B 178 16.14 3.75 -13.04
C ASP B 178 15.85 3.71 -11.55
N GLY B 179 15.62 4.87 -10.93
CA GLY B 179 15.19 4.88 -9.54
C GLY B 179 13.82 4.29 -9.36
N GLU B 180 12.90 4.59 -10.29
CA GLU B 180 11.57 3.99 -10.24
C GLU B 180 11.62 2.48 -10.35
N ALA B 181 12.62 1.94 -11.05
CA ALA B 181 12.73 0.50 -11.22
C ALA B 181 13.09 -0.21 -9.92
N GLU B 182 13.53 0.52 -8.90
CA GLU B 182 13.80 -0.08 -7.60
C GLU B 182 12.54 -0.34 -6.79
N THR B 183 11.42 0.25 -7.17
CA THR B 183 10.20 0.10 -6.39
C THR B 183 9.62 -1.30 -6.55
N GLY B 184 8.81 -1.70 -5.58
CA GLY B 184 8.16 -2.99 -5.59
C GLY B 184 7.23 -3.22 -6.76
N PRO B 185 6.24 -2.34 -6.94
CA PRO B 185 5.28 -2.55 -8.03
C PRO B 185 5.92 -2.62 -9.41
N LEU B 186 7.01 -1.89 -9.64
CA LEU B 186 7.60 -1.89 -10.97
C LEU B 186 8.40 -3.15 -11.25
N ALA B 187 9.04 -3.72 -10.24
CA ALA B 187 9.85 -4.92 -10.45
C ALA B 187 8.98 -6.10 -10.87
N THR B 188 7.76 -6.18 -10.34
CA THR B 188 6.86 -7.26 -10.72
C THR B 188 6.27 -7.03 -12.11
N SER B 189 5.97 -5.78 -12.46
CA SER B 189 5.27 -5.50 -13.69
C SER B 189 6.07 -5.85 -14.93
N TRP B 190 7.37 -6.12 -14.80
CA TRP B 190 8.15 -6.64 -15.91
C TRP B 190 7.58 -7.95 -16.41
N HIS B 191 7.03 -8.76 -15.51
CA HIS B 191 6.49 -10.06 -15.86
C HIS B 191 5.15 -9.98 -16.58
N SER B 192 4.66 -8.78 -16.89
CA SER B 192 3.39 -8.64 -17.58
C SER B 192 3.41 -9.17 -19.00
N ASN B 193 4.60 -9.44 -19.55
CA ASN B 193 4.68 -9.99 -20.90
C ASN B 193 4.21 -11.44 -20.96
N LYS B 194 4.02 -12.09 -19.83
CA LYS B 194 3.43 -13.43 -19.81
C LYS B 194 1.90 -13.39 -19.88
N PHE B 195 1.31 -12.20 -19.91
CA PHE B 195 -0.14 -12.05 -20.01
C PHE B 195 -0.54 -11.22 -21.22
N LEU B 196 0.41 -10.87 -22.07
CA LEU B 196 0.16 -10.08 -23.26
C LEU B 196 0.15 -11.02 -24.46
N ASN B 197 -1.01 -11.11 -25.13
CA ASN B 197 -1.15 -12.00 -26.27
C ASN B 197 -0.75 -11.26 -27.54
N PRO B 198 0.31 -11.65 -28.23
CA PRO B 198 0.73 -10.91 -29.43
C PRO B 198 -0.30 -10.93 -30.55
N ALA B 199 -1.19 -11.92 -30.57
CA ALA B 199 -2.16 -12.01 -31.66
C ALA B 199 -3.26 -10.97 -31.52
N GLN B 200 -3.73 -10.72 -30.29
CA GLN B 200 -4.87 -9.84 -30.09
C GLN B 200 -4.54 -8.54 -29.37
N ASP B 201 -3.42 -8.47 -28.68
CA ASP B 201 -3.06 -7.27 -27.94
C ASP B 201 -1.96 -6.50 -28.66
N GLY B 202 -1.67 -5.31 -28.15
CA GLY B 202 -0.62 -4.49 -28.68
C GLY B 202 0.73 -4.90 -28.15
N ALA B 203 1.69 -4.01 -28.30
CA ALA B 203 3.05 -4.26 -27.85
C ALA B 203 3.49 -3.13 -26.93
N VAL B 204 4.28 -3.49 -25.93
CA VAL B 204 4.92 -2.52 -25.04
C VAL B 204 6.41 -2.53 -25.34
N LEU B 205 6.97 -1.36 -25.59
CA LEU B 205 8.41 -1.18 -25.79
C LEU B 205 8.96 -0.47 -24.57
N PRO B 206 9.35 -1.19 -23.53
CA PRO B 206 9.88 -0.51 -22.33
C PRO B 206 11.27 0.04 -22.61
N ILE B 207 11.49 1.27 -22.15
CA ILE B 207 12.78 1.94 -22.29
C ILE B 207 13.24 2.32 -20.90
N LEU B 208 14.33 1.73 -20.45
CA LEU B 208 14.87 2.00 -19.12
C LEU B 208 15.80 3.19 -19.20
N HIS B 209 15.38 4.32 -18.64
CA HIS B 209 16.17 5.55 -18.65
C HIS B 209 17.20 5.46 -17.53
N LEU B 210 18.31 4.81 -17.83
CA LEU B 210 19.35 4.50 -16.85
C LEU B 210 20.36 5.62 -16.82
N ASN B 211 19.96 6.75 -16.21
CA ASN B 211 20.87 7.89 -16.10
C ASN B 211 21.78 7.79 -14.89
N GLY B 212 21.65 6.76 -14.07
CA GLY B 212 22.60 6.46 -13.02
C GLY B 212 22.25 6.98 -11.65
N TYR B 213 21.26 7.85 -11.53
CA TYR B 213 20.93 8.47 -10.25
C TYR B 213 19.43 8.69 -10.16
N LYS B 214 18.94 8.85 -8.93
CA LYS B 214 17.53 9.14 -8.71
C LYS B 214 17.29 10.53 -8.11
N ILE B 215 17.75 10.77 -6.90
CA ILE B 215 17.67 12.12 -6.32
C ILE B 215 19.03 12.52 -5.78
N ALA B 216 19.57 11.70 -4.87
CA ALA B 216 20.88 11.96 -4.30
C ALA B 216 21.73 10.71 -4.22
N ASN B 217 21.27 9.58 -4.75
CA ASN B 217 21.98 8.31 -4.69
C ASN B 217 22.11 7.73 -6.08
N PRO B 218 23.14 6.94 -6.33
CA PRO B 218 23.15 6.11 -7.53
C PRO B 218 22.08 5.05 -7.45
N THR B 219 21.51 4.72 -8.61
CA THR B 219 20.50 3.68 -8.66
C THR B 219 21.17 2.31 -8.73
N LEU B 220 20.57 1.33 -8.07
CA LEU B 220 21.21 0.02 -8.01
C LEU B 220 21.25 -0.65 -9.37
N LEU B 221 20.29 -0.37 -10.24
CA LEU B 221 20.33 -0.96 -11.58
C LEU B 221 21.47 -0.40 -12.40
N SER B 222 21.87 0.84 -12.16
CA SER B 222 23.00 1.41 -12.89
C SER B 222 24.33 0.87 -12.39
N ARG B 223 24.42 0.60 -11.09
CA ARG B 223 25.69 0.21 -10.48
C ARG B 223 25.94 -1.29 -10.48
N ILE B 224 24.99 -2.11 -10.91
CA ILE B 224 25.30 -3.53 -11.13
C ILE B 224 26.01 -3.68 -12.45
N SER B 225 26.67 -4.83 -12.62
CA SER B 225 27.46 -5.04 -13.82
C SER B 225 26.57 -5.17 -15.04
N HIS B 226 27.17 -4.94 -16.21
CA HIS B 226 26.40 -5.03 -17.45
C HIS B 226 25.87 -6.43 -17.69
N GLU B 227 26.64 -7.44 -17.29
CA GLU B 227 26.18 -8.82 -17.43
C GLU B 227 24.99 -9.10 -16.54
N GLU B 228 25.02 -8.61 -15.30
CA GLU B 228 23.88 -8.77 -14.41
C GLU B 228 22.66 -8.04 -14.96
N LEU B 229 22.85 -6.83 -15.49
CA LEU B 229 21.74 -6.07 -16.02
C LEU B 229 21.13 -6.78 -17.22
N ARG B 230 21.97 -7.34 -18.09
CA ARG B 230 21.45 -8.08 -19.23
C ARG B 230 20.74 -9.35 -18.80
N SER B 231 21.30 -10.07 -17.82
CA SER B 231 20.67 -11.29 -17.35
C SER B 231 19.35 -11.01 -16.66
N LEU B 232 19.22 -9.87 -15.99
CA LEU B 232 17.99 -9.55 -15.29
C LEU B 232 16.82 -9.43 -16.25
N PHE B 233 17.03 -8.78 -17.40
CA PHE B 233 15.93 -8.58 -18.33
C PHE B 233 15.70 -9.78 -19.24
N ILE B 234 16.72 -10.62 -19.44
CA ILE B 234 16.46 -11.91 -20.06
C ILE B 234 15.59 -12.76 -19.17
N GLY B 235 15.84 -12.74 -17.86
CA GLY B 235 14.99 -13.46 -16.92
C GLY B 235 13.58 -12.93 -16.87
N TYR B 236 13.41 -11.62 -17.04
CA TYR B 236 12.08 -11.04 -17.13
C TYR B 236 11.38 -11.38 -18.44
N GLY B 237 12.07 -11.97 -19.39
CA GLY B 237 11.48 -12.34 -20.65
C GLY B 237 11.65 -11.35 -21.78
N TYR B 238 12.64 -10.48 -21.71
CA TYR B 238 12.88 -9.48 -22.73
C TYR B 238 14.18 -9.76 -23.46
N GLU B 239 14.38 -9.03 -24.56
CA GLU B 239 15.61 -9.07 -25.33
C GLU B 239 16.21 -7.68 -25.25
N PRO B 240 17.10 -7.42 -24.29
CA PRO B 240 17.54 -6.05 -24.05
C PRO B 240 18.50 -5.54 -25.12
N PHE B 241 18.33 -4.27 -25.46
CA PHE B 241 19.23 -3.55 -26.35
C PHE B 241 19.76 -2.34 -25.61
N PHE B 242 21.07 -2.15 -25.65
CA PHE B 242 21.73 -1.13 -24.86
C PHE B 242 22.15 0.04 -25.75
N VAL B 243 21.71 1.24 -25.37
CA VAL B 243 22.09 2.48 -26.04
C VAL B 243 22.78 3.32 -24.97
N GLU B 244 24.10 3.40 -25.03
CA GLU B 244 24.90 4.04 -24.00
C GLU B 244 25.84 5.05 -24.61
N GLY B 245 26.04 6.16 -23.92
CA GLY B 245 26.97 7.17 -24.38
C GLY B 245 26.62 8.53 -23.80
N ASN B 246 27.43 9.51 -24.17
CA ASN B 246 27.21 10.88 -23.75
C ASN B 246 27.39 11.89 -24.88
N ASP B 247 27.74 11.46 -26.08
CA ASP B 247 27.92 12.37 -27.20
C ASP B 247 26.70 12.31 -28.08
N PRO B 248 25.91 13.39 -28.19
CA PRO B 248 24.70 13.34 -29.01
C PRO B 248 24.96 13.04 -30.47
N ALA B 249 26.12 13.46 -31.00
CA ALA B 249 26.43 13.16 -32.40
C ALA B 249 26.53 11.66 -32.65
N ILE B 250 26.96 10.91 -31.64
CA ILE B 250 27.07 9.47 -31.78
C ILE B 250 25.76 8.78 -31.39
N LEU B 251 25.13 9.24 -30.30
CA LEU B 251 23.94 8.55 -29.80
C LEU B 251 22.74 8.69 -30.72
N HIS B 252 22.69 9.72 -31.56
CA HIS B 252 21.55 9.86 -32.47
C HIS B 252 21.49 8.70 -33.44
N GLY B 253 22.63 8.33 -34.02
CA GLY B 253 22.65 7.20 -34.93
C GLY B 253 22.40 5.89 -34.23
N VAL B 254 22.97 5.70 -33.04
CA VAL B 254 22.77 4.47 -32.29
C VAL B 254 21.32 4.33 -31.88
N MET B 255 20.71 5.40 -31.38
CA MET B 255 19.31 5.32 -30.95
C MET B 255 18.38 5.05 -32.13
N ALA B 256 18.65 5.67 -33.28
CA ALA B 256 17.82 5.44 -34.45
C ALA B 256 17.90 4.00 -34.92
N SER B 257 19.12 3.43 -34.93
CA SER B 257 19.28 2.04 -35.32
C SER B 257 18.58 1.11 -34.34
N THR B 258 18.73 1.37 -33.04
CA THR B 258 18.16 0.48 -32.04
C THR B 258 16.63 0.52 -32.07
N LEU B 259 16.05 1.70 -32.16
CA LEU B 259 14.59 1.80 -32.20
C LEU B 259 14.01 1.14 -33.44
N ALA B 260 14.68 1.32 -34.60
CA ALA B 260 14.21 0.67 -35.82
C ALA B 260 14.25 -0.84 -35.70
N THR B 261 15.33 -1.37 -35.10
CA THR B 261 15.42 -2.82 -34.90
C THR B 261 14.33 -3.31 -33.94
N CYS B 262 14.07 -2.56 -32.87
CA CYS B 262 13.06 -2.98 -31.91
C CYS B 262 11.68 -3.03 -32.53
N VAL B 263 11.34 -2.04 -33.35
CA VAL B 263 10.03 -2.01 -33.99
C VAL B 263 9.89 -3.14 -35.00
N GLN B 264 10.96 -3.43 -35.75
CA GLN B 264 10.92 -4.53 -36.69
C GLN B 264 10.70 -5.86 -35.98
N LYS B 265 11.37 -6.06 -34.84
CA LYS B 265 11.16 -7.28 -34.07
C LYS B 265 9.74 -7.35 -33.52
N ILE B 266 9.20 -6.22 -33.09
CA ILE B 266 7.83 -6.21 -32.59
C ILE B 266 6.84 -6.59 -33.68
N GLN B 267 7.02 -6.02 -34.87
CA GLN B 267 6.11 -6.33 -35.98
C GLN B 267 6.32 -7.74 -36.48
N ALA B 268 7.56 -8.25 -36.43
CA ALA B 268 7.79 -9.65 -36.76
C ALA B 268 7.11 -10.57 -35.76
N ILE B 269 7.14 -10.20 -34.48
CA ILE B 269 6.46 -11.00 -33.46
C ILE B 269 4.96 -11.04 -33.71
N GLN B 270 4.37 -9.88 -33.98
CA GLN B 270 2.92 -9.82 -34.18
C GLN B 270 2.51 -10.50 -35.48
N ALA B 271 3.30 -10.37 -36.53
CA ALA B 271 2.99 -11.02 -37.79
C ALA B 271 3.03 -12.54 -37.65
N ALA B 272 4.00 -13.06 -36.90
CA ALA B 272 4.09 -14.49 -36.69
C ALA B 272 2.91 -15.00 -35.86
N ALA B 273 2.49 -14.22 -34.85
CA ALA B 273 1.42 -14.66 -33.97
C ALA B 273 0.06 -14.61 -34.67
N ARG B 274 -0.13 -13.63 -35.55
CA ARG B 274 -1.43 -13.44 -36.19
C ARG B 274 -1.63 -14.33 -37.41
N SER B 275 -0.62 -15.08 -37.82
CA SER B 275 -0.75 -16.05 -38.89
C SER B 275 -0.88 -17.47 -38.36
N GLY B 276 -1.00 -17.64 -37.05
CA GLY B 276 -1.03 -18.96 -36.46
C GLY B 276 0.26 -19.73 -36.65
N GLU B 277 1.39 -19.08 -36.45
CA GLU B 277 2.70 -19.66 -36.73
C GLU B 277 3.56 -19.82 -35.49
N SER B 278 3.57 -18.84 -34.60
CA SER B 278 4.47 -18.79 -33.46
C SER B 278 3.71 -18.46 -32.18
N SER B 279 2.66 -19.24 -31.90
CA SER B 279 1.77 -18.95 -30.77
C SER B 279 2.43 -19.00 -29.41
N ASP B 280 3.70 -19.40 -29.34
CA ASP B 280 4.41 -19.40 -28.07
C ASP B 280 4.81 -17.99 -27.67
N ARG B 281 5.19 -17.83 -26.40
CA ARG B 281 5.51 -16.51 -25.88
C ARG B 281 6.83 -16.02 -26.44
N PRO B 282 6.88 -14.82 -27.00
CA PRO B 282 8.13 -14.32 -27.58
C PRO B 282 8.99 -13.56 -26.58
N MET B 283 10.16 -13.13 -27.00
CA MET B 283 11.04 -12.30 -26.18
C MET B 283 10.92 -10.87 -26.71
N TRP B 284 10.16 -10.05 -26.00
CA TRP B 284 9.90 -8.69 -26.45
C TRP B 284 11.16 -7.84 -26.33
N PRO B 285 11.46 -7.02 -27.34
CA PRO B 285 12.61 -6.12 -27.23
C PRO B 285 12.39 -5.05 -26.18
N MET B 286 13.48 -4.66 -25.53
CA MET B 286 13.48 -3.54 -24.60
C MET B 286 14.80 -2.81 -24.76
N ILE B 287 14.79 -1.54 -24.38
CA ILE B 287 15.95 -0.66 -24.57
C ILE B 287 16.42 -0.17 -23.21
N VAL B 288 17.72 -0.26 -22.97
CA VAL B 288 18.36 0.34 -21.81
C VAL B 288 19.13 1.55 -22.31
N LEU B 289 18.70 2.73 -21.92
CA LEU B 289 19.30 3.98 -22.35
C LEU B 289 20.13 4.54 -21.21
N ARG B 290 21.44 4.58 -21.38
CA ARG B 290 22.35 5.09 -20.37
C ARG B 290 22.92 6.42 -20.87
N THR B 291 22.42 7.52 -20.32
CA THR B 291 22.83 8.85 -20.66
C THR B 291 23.13 9.63 -19.39
N PRO B 292 23.95 10.68 -19.46
CA PRO B 292 24.18 11.51 -18.28
C PRO B 292 22.88 12.15 -17.82
N LYS B 293 22.73 12.27 -16.51
CA LYS B 293 21.60 13.00 -15.95
C LYS B 293 21.87 14.50 -16.04
N GLY B 294 20.87 15.25 -16.48
CA GLY B 294 21.09 16.65 -16.80
C GLY B 294 22.04 16.75 -17.98
N TRP B 295 21.66 16.06 -19.07
CA TRP B 295 22.62 15.73 -20.12
C TRP B 295 23.23 16.97 -20.75
N THR B 296 22.42 17.96 -21.12
CA THR B 296 22.94 19.14 -21.79
C THR B 296 22.95 20.37 -20.88
N GLY B 297 22.85 20.16 -19.57
CA GLY B 297 22.81 21.26 -18.64
C GLY B 297 24.21 21.75 -18.29
N PRO B 298 24.29 22.61 -17.28
CA PRO B 298 25.60 23.12 -16.85
C PRO B 298 26.50 21.98 -16.39
N ALA B 299 27.78 22.08 -16.78
CA ALA B 299 28.72 21.00 -16.46
C ALA B 299 29.04 20.98 -14.97
N THR B 300 29.36 22.14 -14.40
CA THR B 300 29.73 22.24 -12.99
C THR B 300 29.11 23.50 -12.39
N ILE B 301 28.62 23.37 -11.16
CA ILE B 301 28.14 24.49 -10.37
C ILE B 301 28.86 24.46 -9.04
N LYS B 302 29.51 25.58 -8.69
CA LYS B 302 30.26 25.70 -7.44
C LYS B 302 31.36 24.65 -7.33
N GLY B 303 31.93 24.24 -8.45
CA GLY B 303 33.00 23.26 -8.47
C GLY B 303 32.55 21.81 -8.38
N HIS B 304 31.25 21.55 -8.28
CA HIS B 304 30.73 20.20 -8.20
C HIS B 304 30.16 19.78 -9.55
N VAL B 305 30.36 18.52 -9.90
CA VAL B 305 29.83 17.98 -11.13
C VAL B 305 28.30 17.95 -11.06
N VAL B 306 27.65 18.51 -12.07
CA VAL B 306 26.20 18.59 -12.13
C VAL B 306 25.64 17.69 -13.23
N GLU B 307 26.15 17.85 -14.45
CA GLU B 307 25.75 16.98 -15.54
C GLU B 307 26.26 15.56 -15.31
N GLY B 308 25.39 14.58 -15.50
CA GLY B 308 25.76 13.21 -15.18
C GLY B 308 25.85 12.94 -13.70
N SER B 309 25.17 13.73 -12.87
CA SER B 309 25.22 13.57 -11.44
C SER B 309 23.81 13.70 -10.89
N TRP B 310 23.65 13.34 -9.61
CA TRP B 310 22.37 13.50 -8.95
C TRP B 310 22.05 14.96 -8.66
N ARG B 311 23.05 15.84 -8.74
CA ARG B 311 22.84 17.26 -8.44
C ARG B 311 22.01 17.98 -9.50
N SER B 312 21.79 17.37 -10.65
CA SER B 312 20.97 17.96 -11.70
C SER B 312 19.52 17.51 -11.63
N HIS B 313 19.14 16.72 -10.61
CA HIS B 313 17.82 16.13 -10.56
C HIS B 313 16.73 17.19 -10.54
N GLN B 314 16.83 18.16 -9.63
CA GLN B 314 15.80 19.18 -9.51
C GLN B 314 16.15 20.42 -10.31
N VAL B 315 17.24 21.09 -9.93
CA VAL B 315 17.72 22.28 -10.65
C VAL B 315 19.25 22.31 -10.52
N PRO B 316 19.98 22.54 -11.59
CA PRO B 316 21.43 22.75 -11.46
C PRO B 316 21.78 23.92 -10.57
N MET B 317 20.93 24.95 -10.53
CA MET B 317 21.17 26.12 -9.69
C MET B 317 19.84 26.70 -9.27
N ALA B 318 19.60 26.77 -7.96
CA ALA B 318 18.34 27.26 -7.42
C ALA B 318 18.45 28.69 -6.88
N ASP B 319 19.58 29.35 -7.09
CA ASP B 319 19.80 30.69 -6.56
C ASP B 319 20.08 31.70 -7.66
N VAL B 320 19.58 31.44 -8.87
CA VAL B 320 19.81 32.36 -9.99
C VAL B 320 19.18 33.72 -9.73
N LEU B 321 18.11 33.75 -8.92
CA LEU B 321 17.46 35.01 -8.60
C LEU B 321 18.33 35.90 -7.74
N THR B 322 19.14 35.31 -6.86
CA THR B 322 19.94 36.10 -5.92
C THR B 322 21.24 36.58 -6.56
N ASN B 323 22.10 35.66 -6.98
CA ASN B 323 23.38 36.24 -7.40
C ASN B 323 23.49 36.30 -8.92
N PRO B 324 24.10 37.37 -9.44
CA PRO B 324 24.22 37.51 -10.89
C PRO B 324 25.12 36.47 -11.54
N GLU B 325 26.01 35.83 -10.77
CA GLU B 325 26.91 34.84 -11.36
C GLU B 325 26.12 33.65 -11.90
N HIS B 326 25.15 33.16 -11.14
CA HIS B 326 24.33 32.06 -11.61
C HIS B 326 23.30 32.51 -12.64
N LEU B 327 22.87 33.77 -12.58
CA LEU B 327 21.99 34.29 -13.62
C LEU B 327 22.68 34.30 -14.96
N GLN B 328 23.97 34.62 -14.99
CA GLN B 328 24.73 34.58 -16.24
C GLN B 328 24.89 33.16 -16.74
N LEU B 329 25.05 32.20 -15.82
CA LEU B 329 25.14 30.80 -16.21
C LEU B 329 23.82 30.32 -16.81
N LEU B 330 22.70 30.78 -16.27
CA LEU B 330 21.40 30.40 -16.83
C LEU B 330 21.24 30.92 -18.24
N GLU B 331 21.65 32.16 -18.50
CA GLU B 331 21.58 32.70 -19.85
C GLU B 331 22.52 31.97 -20.78
N ASP B 332 23.73 31.64 -20.32
CA ASP B 332 24.65 30.86 -21.14
C ASP B 332 24.12 29.47 -21.40
N TRP B 333 23.45 28.87 -20.40
CA TRP B 333 22.81 27.58 -20.59
C TRP B 333 21.73 27.65 -21.65
N LEU B 334 20.88 28.67 -21.60
CA LEU B 334 19.81 28.82 -22.58
C LEU B 334 20.37 29.08 -23.98
N ARG B 335 21.42 29.88 -24.08
CA ARG B 335 21.98 30.19 -25.40
C ARG B 335 22.80 29.06 -25.97
N SER B 336 23.15 28.05 -25.18
CA SER B 336 23.87 26.90 -25.71
C SER B 336 23.01 26.07 -26.64
N TYR B 337 21.69 26.18 -26.54
CA TYR B 337 20.79 25.52 -27.47
C TYR B 337 20.62 26.28 -28.76
N ARG B 338 21.17 27.48 -28.86
CA ARG B 338 21.09 28.34 -30.04
C ARG B 338 19.64 28.56 -30.45
N PRO B 339 18.85 29.26 -29.63
CA PRO B 339 17.44 29.47 -29.99
C PRO B 339 17.25 30.36 -31.20
N GLU B 340 18.27 31.13 -31.60
CA GLU B 340 18.13 31.98 -32.78
C GLU B 340 17.96 31.16 -34.05
N GLU B 341 18.46 29.93 -34.05
CA GLU B 341 18.31 29.03 -35.19
C GLU B 341 17.07 28.16 -35.12
N LEU B 342 16.37 28.15 -33.98
CA LEU B 342 15.27 27.22 -33.77
C LEU B 342 13.90 27.87 -33.88
N PHE B 343 13.78 29.15 -33.56
CA PHE B 343 12.52 29.87 -33.63
C PHE B 343 12.69 31.07 -34.54
N ASP B 344 11.67 31.33 -35.37
CA ASP B 344 11.74 32.45 -36.28
C ASP B 344 11.39 33.74 -35.54
N ALA B 345 11.25 34.83 -36.28
CA ALA B 345 10.99 36.13 -35.65
C ALA B 345 9.66 36.13 -34.91
N SER B 346 8.64 35.50 -35.51
CA SER B 346 7.33 35.45 -34.87
C SER B 346 7.31 34.58 -33.62
N GLY B 347 8.32 33.73 -33.44
CA GLY B 347 8.38 32.84 -32.31
C GLY B 347 8.02 31.40 -32.60
N ALA B 348 7.49 31.12 -33.79
CA ALA B 348 7.17 29.76 -34.14
C ALA B 348 8.45 28.97 -34.44
N PRO B 349 8.44 27.66 -34.22
CA PRO B 349 9.58 26.85 -34.65
C PRO B 349 9.76 26.94 -36.16
N VAL B 350 11.02 26.89 -36.58
CA VAL B 350 11.37 27.10 -37.99
C VAL B 350 10.80 25.98 -38.84
N ALA B 351 10.76 26.20 -40.17
CA ALA B 351 10.18 25.23 -41.08
C ALA B 351 10.94 23.90 -41.08
N GLU B 352 12.21 23.91 -40.70
CA GLU B 352 12.96 22.68 -40.57
C GLU B 352 12.34 21.78 -39.50
N LEU B 353 11.95 22.36 -38.37
CA LEU B 353 11.33 21.57 -37.31
C LEU B 353 9.90 21.18 -37.65
N GLN B 354 9.17 22.03 -38.37
CA GLN B 354 7.80 21.70 -38.75
C GLN B 354 7.75 20.50 -39.68
N ALA B 355 8.77 20.32 -40.52
CA ALA B 355 8.76 19.24 -41.50
C ALA B 355 8.79 17.87 -40.83
N ILE B 356 9.43 17.75 -39.68
CA ILE B 356 9.56 16.46 -39.01
C ILE B 356 8.53 16.28 -37.90
N ALA B 357 7.51 17.12 -37.85
CA ALA B 357 6.52 16.75 -36.85
C ALA B 357 5.47 15.84 -37.46
N PRO B 358 4.99 14.84 -36.72
CA PRO B 358 3.92 13.99 -37.22
C PRO B 358 2.63 14.77 -37.37
N ILE B 359 1.68 14.17 -38.07
CA ILE B 359 0.46 14.85 -38.50
C ILE B 359 -0.75 14.16 -37.88
N GLY B 360 -1.65 14.97 -37.32
CA GLY B 360 -2.94 14.47 -36.89
C GLY B 360 -2.91 13.63 -35.64
N ASP B 361 -3.61 12.50 -35.66
CA ASP B 361 -3.69 11.60 -34.53
C ASP B 361 -2.51 10.65 -34.43
N ARG B 362 -1.42 10.94 -35.14
CA ARG B 362 -0.22 10.14 -35.08
C ARG B 362 0.84 10.75 -34.17
N ARG B 363 0.51 11.80 -33.44
CA ARG B 363 1.51 12.65 -32.80
C ARG B 363 1.88 12.23 -31.39
N MET B 364 1.30 11.15 -30.85
CA MET B 364 1.57 10.63 -29.51
C MET B 364 1.03 11.54 -28.42
N SER B 365 0.66 12.76 -28.78
CA SER B 365 0.00 13.68 -27.87
C SER B 365 -1.40 14.05 -28.31
N ALA B 366 -1.71 13.87 -29.60
CA ALA B 366 -3.06 13.93 -30.12
C ALA B 366 -3.65 12.55 -30.37
N ASN B 367 -2.99 11.50 -29.88
CA ASN B 367 -3.49 10.15 -30.08
C ASN B 367 -4.77 9.95 -29.28
N PRO B 368 -5.86 9.51 -29.92
CA PRO B 368 -7.13 9.37 -29.18
C PRO B 368 -7.10 8.34 -28.08
N VAL B 369 -6.15 7.40 -28.11
CA VAL B 369 -6.06 6.39 -27.07
C VAL B 369 -5.80 7.03 -25.71
N THR B 370 -4.93 8.04 -25.68
CA THR B 370 -4.61 8.72 -24.42
C THR B 370 -5.79 9.50 -23.86
N ASN B 371 -6.80 9.77 -24.68
CA ASN B 371 -8.04 10.40 -24.21
C ASN B 371 -9.17 9.39 -24.37
N GLY B 372 -8.93 8.17 -23.88
CA GLY B 372 -9.74 7.00 -24.15
C GLY B 372 -11.25 7.14 -24.02
N GLY B 373 -11.71 8.13 -23.26
CA GLY B 373 -13.14 8.35 -23.17
C GLY B 373 -13.79 8.63 -24.51
N LEU B 374 -13.02 9.18 -25.45
CA LEU B 374 -13.54 9.40 -26.79
C LEU B 374 -13.76 8.08 -27.53
N LEU B 375 -12.97 7.07 -27.22
CA LEU B 375 -13.09 5.76 -27.86
C LEU B 375 -14.01 4.82 -27.10
N ARG B 376 -14.60 5.28 -26.00
CA ARG B 376 -15.36 4.39 -25.13
C ARG B 376 -16.70 4.04 -25.75
N ARG B 377 -17.03 2.75 -25.72
CA ARG B 377 -18.30 2.23 -26.21
C ARG B 377 -19.00 1.59 -25.01
N ALA B 378 -20.27 1.94 -24.79
CA ALA B 378 -21.00 1.41 -23.65
C ALA B 378 -21.19 -0.09 -23.78
N LEU B 379 -21.15 -0.77 -22.64
CA LEU B 379 -21.29 -2.22 -22.64
C LEU B 379 -22.70 -2.64 -23.04
N THR B 380 -22.79 -3.76 -23.75
CA THR B 380 -24.08 -4.38 -24.07
C THR B 380 -24.46 -5.29 -22.90
N LEU B 381 -25.07 -4.69 -21.90
CA LEU B 381 -25.40 -5.43 -20.68
C LEU B 381 -26.65 -6.26 -20.89
N PRO B 382 -26.61 -7.56 -20.62
CA PRO B 382 -27.83 -8.36 -20.60
C PRO B 382 -28.67 -8.03 -19.38
N ASP B 383 -29.94 -8.43 -19.45
CA ASP B 383 -30.84 -8.22 -18.32
C ASP B 383 -30.38 -9.09 -17.15
N PHE B 384 -30.04 -8.46 -16.03
CA PHE B 384 -29.59 -9.21 -14.88
C PHE B 384 -30.71 -10.01 -14.22
N ARG B 385 -31.96 -9.75 -14.57
CA ARG B 385 -33.06 -10.51 -14.00
C ARG B 385 -33.08 -11.95 -14.46
N ASP B 386 -32.34 -12.28 -15.52
CA ASP B 386 -32.23 -13.68 -15.93
C ASP B 386 -31.39 -14.47 -14.95
N GLN B 387 -30.43 -13.84 -14.28
CA GLN B 387 -29.60 -14.50 -13.30
C GLN B 387 -30.12 -14.33 -11.87
N ALA B 388 -31.23 -13.61 -11.69
CA ALA B 388 -31.73 -13.36 -10.35
C ALA B 388 -32.24 -14.63 -9.70
N VAL B 389 -31.93 -14.79 -8.42
CA VAL B 389 -32.40 -15.95 -7.66
C VAL B 389 -33.88 -15.77 -7.32
N SER B 390 -34.54 -16.89 -7.09
CA SER B 390 -35.96 -16.88 -6.75
C SER B 390 -36.10 -16.70 -5.24
N VAL B 391 -36.84 -15.67 -4.84
CA VAL B 391 -37.07 -15.39 -3.42
C VAL B 391 -38.57 -15.31 -3.19
N PRO B 392 -39.28 -16.44 -3.14
CA PRO B 392 -40.73 -16.39 -2.87
C PRO B 392 -41.07 -15.79 -1.53
N ALA B 393 -40.24 -16.03 -0.51
CA ALA B 393 -40.48 -15.51 0.84
C ALA B 393 -39.18 -14.90 1.34
N PRO B 394 -39.18 -13.64 1.76
CA PRO B 394 -37.94 -13.00 2.20
C PRO B 394 -37.39 -13.66 3.46
N GLY B 395 -36.07 -13.82 3.50
CA GLY B 395 -35.40 -14.31 4.68
C GLY B 395 -35.59 -15.78 4.98
N LYS B 396 -36.08 -16.57 4.03
CA LYS B 396 -36.30 -17.98 4.26
C LYS B 396 -35.50 -18.90 3.35
N SER B 397 -35.02 -18.41 2.21
CA SER B 397 -34.25 -19.21 1.27
C SER B 397 -32.77 -18.87 1.36
N ARG B 398 -31.94 -19.86 1.07
CA ARG B 398 -30.49 -19.73 1.09
C ARG B 398 -29.93 -19.86 -0.32
N ALA B 399 -28.92 -19.06 -0.62
CA ALA B 399 -28.24 -19.15 -1.90
C ALA B 399 -26.85 -18.53 -1.77
N ASP B 400 -25.96 -18.94 -2.66
CA ASP B 400 -24.64 -18.32 -2.71
C ASP B 400 -24.75 -16.93 -3.32
N SER B 401 -24.17 -15.94 -2.65
CA SER B 401 -24.43 -14.55 -3.03
C SER B 401 -23.74 -14.18 -4.34
N THR B 402 -22.50 -14.60 -4.52
CA THR B 402 -21.72 -14.16 -5.68
C THR B 402 -21.87 -15.06 -6.89
N ARG B 403 -22.48 -16.24 -6.75
CA ARG B 403 -22.66 -17.11 -7.91
C ARG B 403 -23.56 -16.51 -8.99
N PRO B 404 -24.72 -15.90 -8.69
CA PRO B 404 -25.44 -15.20 -9.75
C PRO B 404 -24.64 -14.09 -10.39
N LEU B 405 -23.78 -13.41 -9.62
CA LEU B 405 -22.94 -12.37 -10.20
C LEU B 405 -21.96 -12.96 -11.21
N GLY B 406 -21.39 -14.12 -10.90
CA GLY B 406 -20.51 -14.77 -11.86
C GLY B 406 -21.22 -15.13 -13.14
N GLN B 407 -22.45 -15.61 -13.03
CA GLN B 407 -23.25 -15.90 -14.22
C GLN B 407 -23.56 -14.63 -15.00
N PHE B 408 -23.85 -13.54 -14.28
CA PHE B 408 -24.10 -12.26 -14.96
C PHE B 408 -22.85 -11.76 -15.66
N LEU B 409 -21.70 -11.81 -14.97
CA LEU B 409 -20.45 -11.38 -15.58
C LEU B 409 -20.06 -12.29 -16.74
N ARG B 410 -20.49 -13.56 -16.69
CA ARG B 410 -20.26 -14.46 -17.81
C ARG B 410 -20.96 -13.97 -19.06
N GLU B 411 -22.18 -13.45 -18.93
CA GLU B 411 -22.91 -12.97 -20.08
C GLU B 411 -22.38 -11.62 -20.56
N VAL B 412 -21.82 -10.81 -19.66
CA VAL B 412 -21.19 -9.56 -20.07
C VAL B 412 -19.97 -9.87 -20.93
N ILE B 413 -19.18 -10.85 -20.53
CA ILE B 413 -18.01 -11.25 -21.31
C ILE B 413 -18.43 -11.77 -22.68
N ARG B 414 -19.53 -12.55 -22.72
CA ARG B 414 -19.99 -13.10 -23.98
C ARG B 414 -20.41 -12.01 -24.95
N HIS B 415 -21.11 -10.98 -24.47
CA HIS B 415 -21.64 -9.94 -25.33
C HIS B 415 -20.63 -8.83 -25.61
N ASN B 416 -19.50 -8.79 -24.90
CA ASN B 416 -18.47 -7.77 -25.08
C ASN B 416 -17.13 -8.47 -25.21
N PRO B 417 -16.87 -9.10 -26.35
CA PRO B 417 -15.70 -9.98 -26.45
C PRO B 417 -14.36 -9.26 -26.46
N ASP B 418 -14.33 -7.95 -26.70
CA ASP B 418 -13.07 -7.22 -26.77
C ASP B 418 -13.10 -5.93 -25.95
N ASN B 419 -14.15 -5.71 -25.18
CA ASN B 419 -14.36 -4.46 -24.49
C ASN B 419 -14.28 -4.59 -22.98
N PHE B 420 -14.32 -5.80 -22.44
CA PHE B 420 -14.50 -6.04 -21.03
C PHE B 420 -13.51 -7.10 -20.56
N ARG B 421 -12.96 -6.90 -19.36
CA ARG B 421 -12.07 -7.88 -18.77
C ARG B 421 -12.36 -7.99 -17.28
N LEU B 422 -12.00 -9.13 -16.72
CA LEU B 422 -12.15 -9.40 -15.29
C LEU B 422 -10.77 -9.54 -14.69
N PHE B 423 -10.52 -8.85 -13.58
CA PHE B 423 -9.22 -8.82 -12.94
C PHE B 423 -9.35 -9.37 -11.52
N GLY B 424 -8.48 -10.30 -11.17
CA GLY B 424 -8.51 -10.90 -9.86
C GLY B 424 -7.20 -11.57 -9.50
N PRO B 425 -6.81 -11.46 -8.23
CA PRO B 425 -5.52 -12.02 -7.78
C PRO B 425 -5.60 -13.47 -7.35
N ASP B 426 -5.82 -14.35 -8.33
CA ASP B 426 -5.94 -15.79 -8.09
C ASP B 426 -7.03 -16.08 -7.06
N GLU B 427 -8.13 -15.34 -7.16
CA GLU B 427 -9.24 -15.50 -6.23
C GLU B 427 -10.58 -15.66 -6.94
N THR B 428 -10.60 -15.74 -8.26
CA THR B 428 -11.85 -15.93 -8.98
C THR B 428 -12.52 -17.24 -8.57
N ALA B 429 -11.74 -18.31 -8.46
CA ALA B 429 -12.27 -19.57 -7.95
C ALA B 429 -12.66 -19.45 -6.48
N SER B 430 -11.84 -18.75 -5.68
CA SER B 430 -12.16 -18.59 -4.27
C SER B 430 -13.40 -17.74 -4.06
N ASN B 431 -13.55 -16.67 -4.85
CA ASN B 431 -14.71 -15.79 -4.75
C ASN B 431 -15.96 -16.38 -5.36
N ARG B 432 -15.92 -17.63 -5.79
CA ARG B 432 -17.08 -18.34 -6.35
C ARG B 432 -17.64 -17.62 -7.57
N LEU B 433 -16.75 -17.14 -8.43
CA LEU B 433 -17.11 -16.57 -9.72
C LEU B 433 -16.71 -17.52 -10.85
N ASP B 434 -16.76 -18.83 -10.61
CA ASP B 434 -16.32 -19.81 -11.60
C ASP B 434 -17.21 -19.80 -12.85
N ALA B 435 -18.42 -19.25 -12.75
CA ALA B 435 -19.33 -19.26 -13.88
C ALA B 435 -18.76 -18.57 -15.11
N VAL B 436 -17.82 -17.64 -14.92
CA VAL B 436 -17.21 -16.97 -16.07
C VAL B 436 -16.33 -17.91 -16.88
N TYR B 437 -15.89 -19.02 -16.29
CA TYR B 437 -15.07 -19.99 -17.01
C TYR B 437 -15.87 -20.79 -18.04
N GLU B 438 -17.20 -20.66 -18.04
CA GLU B 438 -18.01 -21.37 -19.01
C GLU B 438 -17.93 -20.77 -20.41
N VAL B 439 -17.52 -19.52 -20.54
CA VAL B 439 -17.40 -18.86 -21.83
C VAL B 439 -15.94 -18.49 -22.13
N THR B 440 -15.18 -18.11 -21.12
CA THR B 440 -13.79 -17.72 -21.33
C THR B 440 -12.88 -18.47 -20.38
N SER B 441 -11.62 -18.07 -20.30
CA SER B 441 -10.67 -18.68 -19.39
C SER B 441 -9.74 -17.58 -18.88
N LYS B 442 -8.67 -17.99 -18.20
CA LYS B 442 -7.66 -17.07 -17.70
C LYS B 442 -6.52 -16.98 -18.69
N VAL B 443 -6.09 -15.76 -19.00
CA VAL B 443 -5.03 -15.56 -19.97
C VAL B 443 -3.72 -16.11 -19.40
N TRP B 444 -3.00 -16.85 -20.23
CA TRP B 444 -1.74 -17.46 -19.79
C TRP B 444 -0.88 -17.70 -21.03
N LEU B 445 0.18 -16.91 -21.18
CA LEU B 445 1.13 -17.08 -22.27
C LEU B 445 2.36 -17.87 -21.87
N GLY B 446 2.43 -18.33 -20.62
CA GLY B 446 3.53 -19.15 -20.17
C GLY B 446 3.40 -20.58 -20.66
N ASP B 447 4.33 -21.42 -20.21
CA ASP B 447 4.30 -22.83 -20.58
C ASP B 447 3.06 -23.50 -20.02
N ARG B 448 2.50 -24.43 -20.79
CA ARG B 448 1.31 -25.16 -20.39
C ARG B 448 1.64 -26.65 -20.33
N ILE B 449 0.96 -27.35 -19.42
CA ILE B 449 1.14 -28.78 -19.25
C ILE B 449 -0.21 -29.45 -19.42
N PRO B 450 -0.23 -30.72 -19.80
CA PRO B 450 -1.53 -31.41 -19.99
C PRO B 450 -2.36 -31.51 -18.73
N GLU B 451 -1.75 -31.37 -17.54
CA GLU B 451 -2.52 -31.36 -16.30
C GLU B 451 -3.40 -30.13 -16.18
N ASP B 452 -3.11 -29.07 -16.94
CA ASP B 452 -3.92 -27.86 -16.92
C ASP B 452 -5.24 -28.02 -17.65
N GLU B 453 -5.43 -29.12 -18.39
CA GLU B 453 -6.65 -29.31 -19.14
C GLU B 453 -7.82 -29.76 -18.28
N ASP B 454 -7.56 -30.24 -17.06
CA ASP B 454 -8.64 -30.73 -16.21
C ASP B 454 -9.48 -29.58 -15.67
N GLY B 455 -8.86 -28.69 -14.90
CA GLY B 455 -9.57 -27.56 -14.33
C GLY B 455 -8.72 -26.31 -14.30
N GLY B 456 -7.68 -26.27 -15.13
CA GLY B 456 -6.79 -25.12 -15.13
C GLY B 456 -7.46 -23.85 -15.62
N HIS B 457 -8.30 -23.95 -16.66
CA HIS B 457 -8.97 -22.82 -17.27
C HIS B 457 -7.96 -21.76 -17.75
N LEU B 458 -7.04 -22.21 -18.59
CA LEU B 458 -5.99 -21.37 -19.12
C LEU B 458 -6.04 -21.39 -20.65
N SER B 459 -5.92 -20.21 -21.25
CA SER B 459 -5.78 -20.09 -22.69
C SER B 459 -5.12 -18.76 -23.00
N ASP B 460 -4.60 -18.64 -24.22
CA ASP B 460 -3.92 -17.43 -24.62
C ASP B 460 -4.87 -16.26 -24.84
N ARG B 461 -6.17 -16.53 -25.02
CA ARG B 461 -7.15 -15.48 -25.32
C ARG B 461 -8.21 -15.37 -24.23
N GLY B 462 -7.84 -15.63 -22.99
CA GLY B 462 -8.79 -15.48 -21.90
C GLY B 462 -9.11 -14.03 -21.62
N ARG B 463 -10.32 -13.80 -21.13
CA ARG B 463 -10.78 -12.48 -20.75
C ARG B 463 -10.61 -12.21 -19.26
N VAL B 464 -10.00 -13.13 -18.53
CA VAL B 464 -9.80 -13.01 -17.09
C VAL B 464 -8.30 -12.91 -16.84
N MET B 465 -7.89 -11.81 -16.21
CA MET B 465 -6.48 -11.60 -15.88
C MET B 465 -6.24 -12.07 -14.46
N GLU B 466 -5.21 -12.89 -14.28
CA GLU B 466 -4.96 -13.55 -12.99
C GLU B 466 -3.47 -13.48 -12.69
N ILE B 467 -3.09 -12.62 -11.76
CA ILE B 467 -1.72 -12.58 -11.25
C ILE B 467 -1.81 -12.21 -9.78
N LEU B 468 -0.84 -12.67 -9.00
CA LEU B 468 -0.93 -12.50 -7.55
C LEU B 468 -0.55 -11.10 -7.09
N SER B 469 -0.08 -10.24 -7.99
CA SER B 469 0.30 -8.88 -7.62
C SER B 469 -0.93 -7.98 -7.71
N GLU B 470 -1.38 -7.47 -6.56
CA GLU B 470 -2.48 -6.51 -6.57
C GLU B 470 -2.07 -5.20 -7.23
N HIS B 471 -0.81 -4.81 -7.08
CA HIS B 471 -0.34 -3.60 -7.74
C HIS B 471 -0.42 -3.73 -9.26
N THR B 472 -0.03 -4.88 -9.79
CA THR B 472 -0.01 -5.05 -11.24
C THR B 472 -1.42 -5.13 -11.79
N LEU B 473 -2.33 -5.84 -11.11
CA LEU B 473 -3.71 -5.93 -11.57
C LEU B 473 -4.37 -4.56 -11.57
N GLU B 474 -4.14 -3.79 -10.50
CA GLU B 474 -4.72 -2.44 -10.44
C GLU B 474 -4.15 -1.55 -11.53
N GLY B 475 -2.86 -1.68 -11.81
CA GLY B 475 -2.26 -0.89 -12.88
C GLY B 475 -2.81 -1.26 -14.24
N TRP B 476 -3.01 -2.56 -14.50
CA TRP B 476 -3.60 -2.99 -15.75
C TRP B 476 -5.00 -2.43 -15.92
N LEU B 477 -5.82 -2.53 -14.88
CA LEU B 477 -7.21 -2.12 -14.98
C LEU B 477 -7.35 -0.61 -15.11
N GLU B 478 -6.54 0.16 -14.37
CA GLU B 478 -6.64 1.61 -14.44
C GLU B 478 -6.33 2.11 -15.85
N ALA B 479 -5.29 1.58 -16.48
CA ALA B 479 -4.99 1.98 -17.84
C ALA B 479 -6.00 1.43 -18.84
N TYR B 480 -6.56 0.25 -18.55
CA TYR B 480 -7.60 -0.30 -19.41
C TYR B 480 -8.82 0.60 -19.43
N LEU B 481 -9.19 1.16 -18.29
CA LEU B 481 -10.31 2.10 -18.23
C LEU B 481 -9.97 3.43 -18.88
N LEU B 482 -8.76 3.94 -18.63
CA LEU B 482 -8.38 5.24 -19.16
C LEU B 482 -8.22 5.24 -20.67
N THR B 483 -8.10 4.06 -21.28
CA THR B 483 -8.04 3.95 -22.72
C THR B 483 -9.40 3.61 -23.33
N GLY B 484 -10.48 3.71 -22.55
CA GLY B 484 -11.82 3.61 -23.07
C GLY B 484 -12.48 2.25 -22.97
N ARG B 485 -11.95 1.34 -22.18
CA ARG B 485 -12.52 0.02 -22.04
C ARG B 485 -13.17 -0.14 -20.66
N HIS B 486 -13.70 -1.33 -20.41
CA HIS B 486 -14.45 -1.62 -19.20
C HIS B 486 -13.83 -2.79 -18.47
N GLY B 487 -13.98 -2.81 -17.15
CA GLY B 487 -13.43 -3.92 -16.39
C GLY B 487 -14.12 -4.08 -15.06
N PHE B 488 -13.78 -5.17 -14.39
CA PHE B 488 -14.31 -5.48 -13.07
C PHE B 488 -13.19 -6.09 -12.24
N PHE B 489 -12.98 -5.58 -11.04
CA PHE B 489 -11.91 -6.02 -10.16
C PHE B 489 -12.53 -6.73 -8.96
N ALA B 490 -12.15 -8.00 -8.76
CA ALA B 490 -12.65 -8.80 -7.66
C ALA B 490 -11.48 -9.24 -6.80
N THR B 491 -11.56 -8.99 -5.50
CA THR B 491 -10.47 -9.34 -4.60
C THR B 491 -11.04 -9.51 -3.20
N TYR B 492 -10.18 -9.93 -2.28
CA TYR B 492 -10.53 -10.02 -0.88
C TYR B 492 -10.44 -8.66 -0.21
N GLU B 493 -11.29 -8.45 0.80
CA GLU B 493 -11.23 -7.21 1.56
C GLU B 493 -9.97 -7.14 2.40
N ALA B 494 -9.40 -8.28 2.78
CA ALA B 494 -8.21 -8.29 3.61
C ALA B 494 -7.02 -7.67 2.89
N PHE B 495 -6.89 -7.92 1.59
CA PHE B 495 -5.76 -7.46 0.81
C PHE B 495 -6.07 -6.17 0.05
N ALA B 496 -7.06 -5.41 0.50
CA ALA B 496 -7.40 -4.15 -0.15
C ALA B 496 -6.49 -3.00 0.29
N HIS B 497 -5.82 -3.12 1.43
CA HIS B 497 -4.87 -2.09 1.84
C HIS B 497 -3.65 -2.05 0.95
N VAL B 498 -3.41 -3.10 0.16
CA VAL B 498 -2.26 -3.14 -0.73
C VAL B 498 -2.39 -2.07 -1.81
N ILE B 499 -3.60 -1.79 -2.26
CA ILE B 499 -3.81 -0.89 -3.39
C ILE B 499 -4.32 0.46 -2.92
N ASP B 500 -4.02 0.82 -1.66
CA ASP B 500 -4.45 2.10 -1.14
C ASP B 500 -3.85 3.26 -1.93
N SER B 501 -2.55 3.19 -2.22
CA SER B 501 -1.89 4.29 -2.92
C SER B 501 -2.36 4.38 -4.37
N MET B 502 -2.55 3.24 -5.04
CA MET B 502 -2.97 3.26 -6.43
C MET B 502 -4.37 3.82 -6.58
N VAL B 503 -5.27 3.48 -5.68
CA VAL B 503 -6.64 3.98 -5.75
C VAL B 503 -6.67 5.49 -5.49
N ASN B 504 -5.81 5.97 -4.59
CA ASN B 504 -5.71 7.41 -4.37
C ASN B 504 -5.25 8.12 -5.63
N GLN B 505 -4.27 7.54 -6.34
CA GLN B 505 -3.80 8.15 -7.58
C GLN B 505 -4.90 8.19 -8.63
N HIS B 506 -5.66 7.11 -8.75
CA HIS B 506 -6.73 7.08 -9.76
C HIS B 506 -7.87 8.01 -9.36
N ALA B 507 -8.15 8.13 -8.07
CA ALA B 507 -9.20 9.04 -7.62
C ALA B 507 -8.82 10.48 -7.91
N LYS B 508 -7.55 10.84 -7.71
CA LYS B 508 -7.10 12.17 -8.06
C LYS B 508 -7.21 12.41 -9.56
N TRP B 509 -6.85 11.42 -10.36
CA TRP B 509 -6.93 11.57 -11.81
C TRP B 509 -8.37 11.77 -12.26
N LEU B 510 -9.30 11.00 -11.71
CA LEU B 510 -10.70 11.17 -12.08
C LEU B 510 -11.25 12.50 -11.62
N ASP B 511 -10.90 12.92 -10.40
CA ASP B 511 -11.42 14.17 -9.86
C ASP B 511 -10.95 15.37 -10.66
N VAL B 512 -9.66 15.42 -11.00
CA VAL B 512 -9.13 16.52 -11.78
C VAL B 512 -9.71 16.52 -13.19
N SER B 513 -9.80 15.33 -13.81
CA SER B 513 -10.30 15.26 -15.17
C SER B 513 -11.75 15.72 -15.26
N LYS B 514 -12.57 15.34 -14.29
CA LYS B 514 -13.99 15.66 -14.36
C LYS B 514 -14.24 17.14 -14.10
N ARG B 515 -13.49 17.74 -13.18
CA ARG B 515 -13.73 19.12 -12.78
C ARG B 515 -12.91 20.13 -13.55
N GLU B 516 -11.59 19.92 -13.66
CA GLU B 516 -10.69 20.97 -14.11
C GLU B 516 -10.33 20.89 -15.59
N VAL B 517 -10.37 19.72 -16.20
CA VAL B 517 -9.95 19.55 -17.59
C VAL B 517 -11.19 19.30 -18.43
N ASP B 518 -11.55 20.28 -19.26
CA ASP B 518 -12.79 20.18 -20.01
C ASP B 518 -12.68 19.23 -21.19
N TRP B 519 -11.51 19.12 -21.80
CA TRP B 519 -11.38 18.36 -23.04
C TRP B 519 -11.21 16.86 -22.83
N ARG B 520 -11.12 16.39 -21.59
CA ARG B 520 -10.96 14.96 -21.34
C ARG B 520 -12.34 14.33 -21.21
N ALA B 521 -12.63 13.36 -22.08
CA ALA B 521 -13.91 12.69 -22.05
C ALA B 521 -13.99 11.75 -20.85
N PRO B 522 -15.20 11.52 -20.33
CA PRO B 522 -15.35 10.59 -19.21
C PRO B 522 -14.98 9.17 -19.61
N VAL B 523 -14.39 8.45 -18.66
CA VAL B 523 -13.97 7.07 -18.86
C VAL B 523 -14.86 6.16 -18.01
N SER B 524 -14.68 4.85 -18.12
CA SER B 524 -15.48 3.93 -17.32
C SER B 524 -15.04 3.94 -15.86
N SER B 525 -15.95 3.54 -14.99
CA SER B 525 -15.69 3.53 -13.56
C SER B 525 -14.75 2.39 -13.18
N LEU B 526 -14.04 2.60 -12.08
CA LEU B 526 -13.20 1.58 -11.47
C LEU B 526 -14.06 0.79 -10.50
N ASN B 527 -14.50 -0.38 -10.92
CA ASN B 527 -15.44 -1.20 -10.16
C ASN B 527 -14.67 -2.25 -9.38
N ILE B 528 -14.63 -2.08 -8.06
CA ILE B 528 -13.89 -2.96 -7.16
C ILE B 528 -14.90 -3.76 -6.35
N LEU B 529 -14.80 -5.08 -6.41
CA LEU B 529 -15.64 -5.97 -5.62
C LEU B 529 -14.78 -6.64 -4.56
N LEU B 530 -15.15 -6.43 -3.30
CA LEU B 530 -14.46 -7.07 -2.17
C LEU B 530 -15.29 -8.29 -1.80
N SER B 531 -14.97 -9.43 -2.42
CA SER B 531 -15.84 -10.59 -2.42
C SER B 531 -15.83 -11.36 -1.10
N SER B 532 -14.80 -11.21 -0.29
CA SER B 532 -14.75 -11.88 1.01
C SER B 532 -14.57 -10.82 2.08
N THR B 533 -15.45 -10.84 3.08
CA THR B 533 -15.49 -9.82 4.10
C THR B 533 -14.73 -10.27 5.34
N VAL B 534 -14.66 -9.37 6.33
CA VAL B 534 -13.95 -9.66 7.57
C VAL B 534 -14.81 -10.41 8.58
N TRP B 535 -16.09 -10.61 8.30
CA TRP B 535 -16.97 -11.32 9.23
C TRP B 535 -17.03 -12.81 8.94
N ARG B 536 -17.13 -13.19 7.66
CA ARG B 536 -17.14 -14.59 7.27
C ARG B 536 -15.74 -15.00 6.83
N GLN B 537 -14.83 -15.04 7.80
CA GLN B 537 -13.44 -15.36 7.53
C GLN B 537 -13.28 -16.81 7.11
N ASP B 538 -12.55 -17.04 6.02
CA ASP B 538 -12.36 -18.39 5.50
C ASP B 538 -10.95 -18.93 5.73
N HIS B 539 -10.52 -19.87 4.89
CA HIS B 539 -9.19 -20.46 5.05
C HIS B 539 -8.07 -19.47 4.74
N ASN B 540 -8.25 -18.68 3.69
CA ASN B 540 -7.26 -17.70 3.29
C ASN B 540 -7.52 -16.35 3.95
N GLY B 541 -6.46 -15.59 4.20
CA GLY B 541 -6.60 -14.29 4.81
C GLY B 541 -6.06 -14.30 6.23
N PHE B 542 -5.34 -13.25 6.61
CA PHE B 542 -4.74 -13.20 7.93
C PHE B 542 -5.80 -12.95 8.99
N SER B 543 -5.38 -13.10 10.25
CA SER B 543 -6.34 -13.10 11.36
C SER B 543 -6.96 -11.72 11.56
N HIS B 544 -6.15 -10.72 11.90
CA HIS B 544 -6.67 -9.41 12.24
C HIS B 544 -6.88 -8.55 10.99
N GLN B 545 -7.65 -9.10 10.06
CA GLN B 545 -8.06 -8.35 8.89
C GLN B 545 -9.15 -7.37 9.28
N ASP B 546 -9.11 -6.18 8.69
CA ASP B 546 -9.98 -5.08 9.08
C ASP B 546 -10.56 -4.44 7.84
N PRO B 547 -11.72 -3.78 7.97
CA PRO B 547 -12.32 -3.06 6.83
C PRO B 547 -11.82 -1.62 6.72
N GLY B 548 -10.51 -1.44 6.81
CA GLY B 548 -9.94 -0.11 6.75
C GLY B 548 -9.94 0.50 5.36
N PHE B 549 -10.02 -0.33 4.32
CA PHE B 549 -10.05 0.19 2.96
C PHE B 549 -11.30 1.02 2.72
N ILE B 550 -12.41 0.67 3.36
CA ILE B 550 -13.63 1.46 3.21
C ILE B 550 -13.43 2.87 3.74
N ASP B 551 -12.75 2.97 4.87
CA ASP B 551 -12.49 4.26 5.50
C ASP B 551 -11.59 5.14 4.63
N LEU B 552 -10.57 4.54 4.04
CA LEU B 552 -9.64 5.27 3.19
C LEU B 552 -10.34 5.80 1.94
N VAL B 553 -11.21 4.99 1.35
CA VAL B 553 -11.93 5.40 0.16
C VAL B 553 -12.85 6.56 0.45
N THR B 554 -13.49 6.52 1.61
CA THR B 554 -14.42 7.55 2.00
C THR B 554 -13.81 8.87 2.29
N ASN B 555 -12.48 8.93 2.41
CA ASN B 555 -11.78 10.20 2.59
C ASN B 555 -11.95 11.06 1.37
N LYS B 556 -11.94 10.46 0.19
CA LYS B 556 -12.25 11.13 -1.04
C LYS B 556 -13.75 11.36 -1.00
N SER B 557 -14.24 12.39 -1.64
CA SER B 557 -15.66 12.68 -1.55
C SER B 557 -16.57 11.76 -2.35
N ALA B 558 -17.86 11.93 -2.17
CA ALA B 558 -18.84 11.20 -2.89
C ALA B 558 -18.77 11.67 -4.33
N ARG B 559 -18.03 12.73 -4.58
CA ARG B 559 -17.84 13.24 -5.91
C ARG B 559 -17.18 12.25 -6.83
N VAL B 560 -16.30 11.44 -6.28
CA VAL B 560 -15.49 10.55 -7.11
C VAL B 560 -15.62 9.08 -6.72
N THR B 561 -16.18 8.75 -5.56
CA THR B 561 -16.26 7.36 -5.17
C THR B 561 -17.62 7.06 -4.52
N ARG B 562 -18.01 5.79 -4.61
CA ARG B 562 -19.25 5.31 -4.03
C ARG B 562 -18.98 3.98 -3.33
N ILE B 563 -19.69 3.73 -2.23
CA ILE B 563 -19.57 2.49 -1.48
C ILE B 563 -20.94 1.83 -1.48
N TYR B 564 -20.97 0.56 -1.86
CA TYR B 564 -22.22 -0.21 -1.90
C TYR B 564 -22.04 -1.47 -1.07
N LEU B 565 -23.04 -1.76 -0.24
CA LEU B 565 -23.02 -2.95 0.61
C LEU B 565 -24.34 -3.68 0.41
N PRO B 566 -24.50 -4.36 -0.71
CA PRO B 566 -25.74 -5.08 -0.98
C PRO B 566 -25.96 -6.19 0.04
N PRO B 567 -27.20 -6.39 0.49
CA PRO B 567 -27.44 -7.40 1.53
C PRO B 567 -27.58 -8.82 1.02
N ASP B 568 -27.92 -9.03 -0.25
CA ASP B 568 -28.14 -10.38 -0.75
C ASP B 568 -27.69 -10.44 -2.21
N ALA B 569 -28.04 -11.55 -2.88
CA ALA B 569 -27.53 -11.80 -4.23
C ALA B 569 -28.22 -10.92 -5.27
N ASN B 570 -29.53 -10.75 -5.16
CA ASN B 570 -30.25 -9.95 -6.14
C ASN B 570 -29.87 -8.48 -6.04
N CYS B 571 -29.60 -7.99 -4.83
CA CYS B 571 -29.09 -6.64 -4.69
C CYS B 571 -27.69 -6.52 -5.26
N LEU B 572 -26.87 -7.56 -5.14
CA LEU B 572 -25.53 -7.53 -5.73
C LEU B 572 -25.61 -7.45 -7.24
N LEU B 573 -26.58 -8.15 -7.86
CA LEU B 573 -26.77 -8.06 -9.30
C LEU B 573 -27.16 -6.66 -9.73
N SER B 574 -28.09 -6.04 -9.00
CA SER B 574 -28.52 -4.69 -9.35
C SER B 574 -27.40 -3.69 -9.19
N VAL B 575 -26.62 -3.81 -8.10
CA VAL B 575 -25.51 -2.91 -7.88
C VAL B 575 -24.45 -3.07 -8.96
N ALA B 576 -24.12 -4.30 -9.31
CA ALA B 576 -23.12 -4.53 -10.35
C ALA B 576 -23.62 -4.04 -11.71
N ASP B 577 -24.91 -4.23 -12.00
CA ASP B 577 -25.45 -3.75 -13.26
C ASP B 577 -25.40 -2.23 -13.35
N HIS B 578 -25.74 -1.55 -12.25
CA HIS B 578 -25.71 -0.10 -12.26
C HIS B 578 -24.29 0.42 -12.39
N CYS B 579 -23.34 -0.19 -11.67
CA CYS B 579 -21.97 0.29 -11.68
C CYS B 579 -21.26 0.00 -12.98
N LEU B 580 -21.70 -1.00 -13.75
CA LEU B 580 -21.13 -1.23 -15.07
C LEU B 580 -21.56 -0.18 -16.09
N ARG B 581 -22.48 0.72 -15.72
CA ARG B 581 -22.88 1.81 -16.59
C ARG B 581 -22.34 3.17 -16.16
N SER B 582 -21.90 3.31 -14.91
CA SER B 582 -21.38 4.57 -14.43
C SER B 582 -20.02 4.87 -15.06
N THR B 583 -19.62 6.14 -15.04
CA THR B 583 -18.40 6.53 -15.74
C THR B 583 -17.30 7.05 -14.82
N ASP B 584 -17.48 8.16 -14.13
CA ASP B 584 -16.35 8.82 -13.48
C ASP B 584 -16.32 8.53 -11.98
N TYR B 585 -16.25 7.25 -11.62
CA TYR B 585 -16.37 6.89 -10.23
C TYR B 585 -15.47 5.73 -9.89
N ILE B 586 -15.18 5.60 -8.60
CA ILE B 586 -14.55 4.42 -8.04
C ILE B 586 -15.63 3.72 -7.22
N ASN B 587 -16.19 2.65 -7.77
CA ASN B 587 -17.26 1.92 -7.11
C ASN B 587 -16.67 0.79 -6.30
N VAL B 588 -16.85 0.84 -4.98
CA VAL B 588 -16.42 -0.22 -4.09
C VAL B 588 -17.65 -0.98 -3.65
N ILE B 589 -17.72 -2.26 -4.03
CA ILE B 589 -18.86 -3.12 -3.71
C ILE B 589 -18.37 -4.16 -2.71
N VAL B 590 -18.99 -4.20 -1.55
CA VAL B 590 -18.66 -5.14 -0.49
C VAL B 590 -19.76 -6.19 -0.42
N ALA B 591 -19.40 -7.44 -0.70
CA ALA B 591 -20.38 -8.52 -0.70
C ALA B 591 -19.68 -9.82 -0.36
N ASP B 592 -20.12 -10.47 0.70
CA ASP B 592 -19.54 -11.75 1.09
C ASP B 592 -20.05 -12.87 0.21
N LYS B 593 -19.19 -13.85 -0.03
CA LYS B 593 -19.52 -14.96 -0.93
C LYS B 593 -20.09 -16.22 -0.28
N GLN B 594 -20.24 -16.22 1.04
CA GLN B 594 -20.79 -17.41 1.69
C GLN B 594 -22.28 -17.53 1.42
N SER B 595 -22.79 -18.75 1.60
CA SER B 595 -24.22 -18.99 1.45
C SER B 595 -25.00 -18.17 2.48
N HIS B 596 -25.91 -17.34 1.99
CA HIS B 596 -26.60 -16.37 2.84
C HIS B 596 -28.09 -16.43 2.58
N LEU B 597 -28.85 -15.87 3.51
CA LEU B 597 -30.28 -15.68 3.32
C LEU B 597 -30.54 -14.67 2.21
N GLN B 598 -31.59 -14.92 1.46
CA GLN B 598 -32.02 -14.03 0.38
C GLN B 598 -33.27 -13.29 0.82
N TYR B 599 -33.29 -11.98 0.57
CA TYR B 599 -34.36 -11.13 1.07
C TYR B 599 -35.24 -10.55 -0.04
N LEU B 600 -34.65 -9.94 -1.05
CA LEU B 600 -35.39 -9.23 -2.07
C LEU B 600 -35.35 -10.01 -3.38
N ASP B 601 -36.49 -10.10 -4.04
CA ASP B 601 -36.54 -10.70 -5.38
C ASP B 601 -36.01 -9.68 -6.38
N ALA B 602 -36.09 -10.02 -7.67
CA ALA B 602 -35.44 -9.20 -8.69
C ALA B 602 -36.03 -7.80 -8.75
N GLU B 603 -37.35 -7.67 -8.69
CA GLU B 603 -37.97 -6.36 -8.80
C GLU B 603 -37.76 -5.53 -7.54
N ALA B 604 -37.89 -6.16 -6.37
CA ALA B 604 -37.67 -5.43 -5.13
C ALA B 604 -36.21 -5.01 -4.98
N ALA B 605 -35.28 -5.84 -5.45
CA ALA B 605 -33.87 -5.48 -5.36
C ALA B 605 -33.55 -4.28 -6.22
N ALA B 606 -34.13 -4.21 -7.43
CA ALA B 606 -33.89 -3.08 -8.31
C ALA B 606 -34.43 -1.79 -7.71
N ARG B 607 -35.63 -1.84 -7.12
CA ARG B 607 -36.16 -0.65 -6.47
C ARG B 607 -35.30 -0.23 -5.28
N HIS B 608 -34.87 -1.20 -4.48
CA HIS B 608 -34.10 -0.89 -3.28
C HIS B 608 -32.75 -0.30 -3.63
N CYS B 609 -32.08 -0.83 -4.66
CA CYS B 609 -30.77 -0.30 -5.04
C CYS B 609 -30.90 1.08 -5.68
N ALA B 610 -31.98 1.33 -6.40
CA ALA B 610 -32.20 2.67 -6.96
C ALA B 610 -32.35 3.70 -5.85
N LYS B 611 -33.09 3.35 -4.79
CA LYS B 611 -33.24 4.28 -3.68
C LYS B 611 -31.97 4.35 -2.83
N GLY B 612 -31.18 3.29 -2.81
CA GLY B 612 -29.96 3.27 -2.03
C GLY B 612 -30.20 2.91 -0.57
N ILE B 613 -31.38 3.27 -0.07
CA ILE B 613 -31.72 3.05 1.33
C ILE B 613 -33.23 3.05 1.44
N GLY B 614 -33.76 2.11 2.22
CA GLY B 614 -35.20 2.02 2.33
C GLY B 614 -35.64 1.15 3.49
N ILE B 615 -36.93 1.20 3.74
CA ILE B 615 -37.57 0.43 4.80
C ILE B 615 -37.98 -0.92 4.24
N TRP B 616 -37.60 -1.99 4.93
CA TRP B 616 -38.05 -3.33 4.58
C TRP B 616 -39.37 -3.58 5.27
N ASP B 617 -40.45 -3.61 4.47
CA ASP B 617 -41.79 -3.72 5.03
C ASP B 617 -42.02 -5.07 5.68
N TRP B 618 -41.51 -6.14 5.09
CA TRP B 618 -41.73 -7.47 5.63
C TRP B 618 -41.06 -7.66 6.98
N ALA B 619 -39.93 -7.01 7.20
CA ALA B 619 -39.21 -7.09 8.45
C ALA B 619 -39.63 -6.02 9.45
N SER B 620 -40.49 -5.10 9.05
CA SER B 620 -40.92 -4.02 9.91
C SER B 620 -42.23 -4.38 10.60
N ASN B 621 -42.51 -3.65 11.67
CA ASN B 621 -43.61 -3.95 12.55
C ASN B 621 -44.47 -2.72 12.85
N ASP B 622 -44.11 -1.57 12.33
CA ASP B 622 -44.67 -0.29 12.73
C ASP B 622 -45.54 0.33 11.65
N GLN B 623 -46.25 -0.49 10.88
CA GLN B 623 -47.10 0.03 9.82
C GLN B 623 -48.24 0.84 10.42
N GLY B 624 -48.34 2.11 10.03
CA GLY B 624 -49.39 2.95 10.53
C GLY B 624 -49.22 3.42 11.96
N ALA B 625 -47.99 3.38 12.48
CA ALA B 625 -47.74 3.79 13.84
C ALA B 625 -46.31 4.29 13.95
N SER B 626 -46.04 5.06 14.99
CA SER B 626 -44.69 5.52 15.24
C SER B 626 -43.85 4.37 15.80
N PRO B 627 -42.72 4.05 15.20
CA PRO B 627 -41.89 2.97 15.73
C PRO B 627 -41.29 3.35 17.08
N ASP B 628 -41.12 2.33 17.92
CA ASP B 628 -40.41 2.54 19.18
C ASP B 628 -38.90 2.60 18.96
N VAL B 629 -38.41 1.93 17.92
CA VAL B 629 -36.98 1.89 17.64
C VAL B 629 -36.81 1.64 16.14
N VAL B 630 -35.72 2.17 15.59
CA VAL B 630 -35.34 1.93 14.22
C VAL B 630 -34.08 1.07 14.23
N ILE B 631 -34.15 -0.10 13.61
CA ILE B 631 -33.01 -0.99 13.47
C ILE B 631 -32.53 -0.90 12.04
N ALA B 632 -31.28 -0.51 11.85
CA ALA B 632 -30.70 -0.30 10.53
C ALA B 632 -29.47 -1.19 10.37
N SER B 633 -29.25 -1.66 9.15
CA SER B 633 -28.12 -2.50 8.83
C SER B 633 -27.48 -2.06 7.53
N CYS B 634 -26.19 -2.38 7.38
CA CYS B 634 -25.45 -2.04 6.17
C CYS B 634 -24.38 -3.10 6.01
N GLY B 635 -24.65 -4.10 5.17
CA GLY B 635 -23.77 -5.24 5.02
C GLY B 635 -24.55 -6.54 5.12
N ASP B 636 -24.16 -7.55 4.34
CA ASP B 636 -24.95 -8.78 4.27
C ASP B 636 -24.91 -9.53 5.60
N VAL B 637 -23.72 -9.71 6.18
CA VAL B 637 -23.61 -10.46 7.43
C VAL B 637 -24.23 -9.67 8.57
N VAL B 638 -24.00 -8.36 8.55
CA VAL B 638 -24.55 -7.48 9.56
C VAL B 638 -26.07 -7.48 9.49
N THR B 639 -26.61 -7.50 8.28
CA THR B 639 -28.05 -7.52 8.09
C THR B 639 -28.69 -8.76 8.70
N LEU B 640 -28.04 -9.89 8.59
CA LEU B 640 -28.60 -11.07 9.17
C LEU B 640 -28.71 -10.97 10.67
N GLU B 641 -27.71 -10.44 11.34
CA GLU B 641 -27.80 -10.32 12.78
C GLU B 641 -28.86 -9.31 13.19
N ALA B 642 -29.02 -8.24 12.42
CA ALA B 642 -30.06 -7.27 12.72
C ALA B 642 -31.45 -7.87 12.56
N LEU B 643 -31.63 -8.71 11.55
CA LEU B 643 -32.92 -9.38 11.36
C LEU B 643 -33.17 -10.39 12.46
N ALA B 644 -32.15 -11.14 12.87
CA ALA B 644 -32.31 -12.10 13.95
C ALA B 644 -32.59 -11.39 15.26
N ALA B 645 -31.96 -10.24 15.49
CA ALA B 645 -32.27 -9.45 16.68
C ALA B 645 -33.70 -8.94 16.64
N THR B 646 -34.17 -8.54 15.45
CA THR B 646 -35.55 -8.11 15.32
C THR B 646 -36.52 -9.23 15.65
N ALA B 647 -36.22 -10.45 15.17
CA ALA B 647 -37.08 -11.59 15.46
C ALA B 647 -37.11 -11.92 16.94
N LEU B 648 -35.96 -11.81 17.62
CA LEU B 648 -35.92 -12.06 19.05
C LEU B 648 -36.76 -11.05 19.81
N LEU B 649 -36.70 -9.78 19.43
CA LEU B 649 -37.47 -8.75 20.13
C LEU B 649 -38.97 -8.91 19.87
N ARG B 650 -39.34 -9.34 18.67
CA ARG B 650 -40.75 -9.56 18.38
C ARG B 650 -41.34 -10.69 19.20
N GLU B 651 -40.53 -11.72 19.49
CA GLU B 651 -41.04 -12.85 20.25
C GLU B 651 -41.19 -12.51 21.73
N HIS B 652 -40.24 -11.76 22.29
CA HIS B 652 -40.26 -11.46 23.71
C HIS B 652 -41.03 -10.19 24.05
N PHE B 653 -41.15 -9.25 23.12
CA PHE B 653 -41.91 -8.02 23.33
C PHE B 653 -42.92 -7.88 22.20
N PRO B 654 -44.06 -8.55 22.30
CA PRO B 654 -45.04 -8.51 21.20
C PRO B 654 -45.56 -7.11 20.90
N ASP B 655 -45.58 -6.22 21.87
CA ASP B 655 -46.08 -4.87 21.65
C ASP B 655 -45.02 -3.91 21.11
N LEU B 656 -43.77 -4.33 21.03
CA LEU B 656 -42.71 -3.45 20.55
C LEU B 656 -42.81 -3.29 19.05
N LYS B 657 -42.75 -2.03 18.59
CA LYS B 657 -42.85 -1.72 17.18
C LYS B 657 -41.46 -1.35 16.65
N ILE B 658 -41.00 -2.11 15.66
CA ILE B 658 -39.66 -1.97 15.12
C ILE B 658 -39.76 -1.64 13.65
N ARG B 659 -39.05 -0.60 13.21
CA ARG B 659 -38.90 -0.29 11.81
C ARG B 659 -37.52 -0.76 11.37
N PHE B 660 -37.48 -1.56 10.31
CA PHE B 660 -36.23 -2.08 9.78
C PHE B 660 -35.84 -1.30 8.53
N VAL B 661 -34.62 -0.76 8.54
CA VAL B 661 -34.08 0.01 7.43
C VAL B 661 -32.80 -0.65 6.98
N ASN B 662 -32.64 -0.80 5.67
CA ASN B 662 -31.42 -1.33 5.10
C ASN B 662 -30.75 -0.28 4.24
N VAL B 663 -29.45 -0.10 4.43
CA VAL B 663 -28.65 0.86 3.69
C VAL B 663 -27.75 0.10 2.73
N VAL B 664 -27.86 0.40 1.45
CA VAL B 664 -26.98 -0.14 0.43
C VAL B 664 -25.98 0.90 -0.04
N ASP B 665 -26.45 2.06 -0.46
CA ASP B 665 -25.60 3.16 -0.86
C ASP B 665 -25.21 3.93 0.39
N LEU B 666 -23.97 3.75 0.84
CA LEU B 666 -23.55 4.30 2.13
C LEU B 666 -23.50 5.82 2.11
N PHE B 667 -23.14 6.43 0.98
CA PHE B 667 -23.00 7.87 0.93
C PHE B 667 -24.32 8.62 0.95
N ARG B 668 -25.44 7.92 0.85
CA ARG B 668 -26.73 8.60 1.00
C ARG B 668 -27.01 9.05 2.42
N LEU B 669 -26.21 8.60 3.39
CA LEU B 669 -26.36 9.11 4.75
C LEU B 669 -25.87 10.55 4.89
N GLN B 670 -24.98 10.99 4.01
CA GLN B 670 -24.54 12.37 4.03
C GLN B 670 -25.69 13.30 3.64
N PRO B 671 -25.76 14.48 4.24
CA PRO B 671 -26.81 15.43 3.87
C PRO B 671 -26.67 15.89 2.44
N ASP B 672 -27.80 16.25 1.84
CA ASP B 672 -27.81 16.70 0.45
C ASP B 672 -27.05 18.00 0.26
N THR B 673 -26.81 18.75 1.34
CA THR B 673 -25.98 19.94 1.22
C THR B 673 -24.54 19.57 0.87
N GLU B 674 -24.01 18.53 1.50
CA GLU B 674 -22.64 18.12 1.22
C GLU B 674 -22.49 17.59 -0.19
N HIS B 675 -23.47 16.84 -0.67
CA HIS B 675 -23.43 16.31 -2.02
C HIS B 675 -24.87 16.08 -2.48
N PRO B 676 -25.18 16.34 -3.76
CA PRO B 676 -26.55 16.09 -4.24
C PRO B 676 -27.00 14.66 -4.10
N HIS B 677 -26.07 13.70 -4.07
CA HIS B 677 -26.45 12.30 -3.96
C HIS B 677 -27.07 11.98 -2.62
N GLY B 678 -26.75 12.73 -1.58
CA GLY B 678 -27.21 12.40 -0.25
C GLY B 678 -28.69 12.68 -0.04
N LEU B 679 -29.24 12.03 0.98
CA LEU B 679 -30.63 12.23 1.33
C LEU B 679 -30.85 13.62 1.92
N SER B 680 -32.01 14.19 1.63
CA SER B 680 -32.39 15.45 2.24
C SER B 680 -32.80 15.24 3.69
N ASP B 681 -32.95 16.35 4.42
CA ASP B 681 -33.36 16.26 5.81
C ASP B 681 -34.77 15.67 5.93
N ARG B 682 -35.67 16.06 5.04
CA ARG B 682 -37.00 15.48 5.05
C ARG B 682 -36.96 13.99 4.77
N ASP B 683 -36.16 13.57 3.78
CA ASP B 683 -36.08 12.16 3.44
C ASP B 683 -35.41 11.35 4.55
N PHE B 684 -34.36 11.89 5.14
CA PHE B 684 -33.69 11.19 6.24
C PHE B 684 -34.61 11.04 7.43
N ASP B 685 -35.37 12.10 7.76
CA ASP B 685 -36.27 12.05 8.90
C ASP B 685 -37.45 11.12 8.66
N SER B 686 -37.79 10.85 7.40
CA SER B 686 -38.88 9.90 7.13
C SER B 686 -38.43 8.47 7.37
N LEU B 687 -37.19 8.14 6.99
CA LEU B 687 -36.67 6.80 7.23
C LEU B 687 -36.32 6.60 8.70
N PHE B 688 -35.31 7.32 9.17
CA PHE B 688 -34.97 7.36 10.59
C PHE B 688 -35.71 8.54 11.19
N THR B 689 -36.50 8.28 12.22
CA THR B 689 -37.36 9.31 12.78
C THR B 689 -36.52 10.46 13.35
N VAL B 690 -37.22 11.49 13.83
CA VAL B 690 -36.54 12.64 14.43
C VAL B 690 -36.25 12.45 15.91
N ASP B 691 -36.86 11.47 16.56
CA ASP B 691 -36.68 11.32 18.00
C ASP B 691 -36.57 9.87 18.48
N LYS B 692 -36.58 8.89 17.62
CA LYS B 692 -36.48 7.55 18.18
C LYS B 692 -35.05 7.05 18.10
N PRO B 693 -34.66 6.15 19.01
CA PRO B 693 -33.30 5.60 18.95
C PRO B 693 -33.10 4.81 17.67
N ILE B 694 -31.89 4.89 17.13
CA ILE B 694 -31.50 4.15 15.92
C ILE B 694 -30.37 3.22 16.31
N ILE B 695 -30.59 1.92 16.13
CA ILE B 695 -29.56 0.91 16.37
C ILE B 695 -29.01 0.53 15.00
N PHE B 696 -27.84 1.06 14.67
CA PHE B 696 -27.26 0.91 13.34
C PHE B 696 -26.19 -0.17 13.40
N ASN B 697 -26.41 -1.27 12.71
CA ASN B 697 -25.42 -2.32 12.58
C ASN B 697 -24.65 -2.11 11.29
N PHE B 698 -23.32 -2.04 11.38
CA PHE B 698 -22.50 -1.63 10.26
C PHE B 698 -21.38 -2.63 10.02
N HIS B 699 -21.14 -2.91 8.75
CA HIS B 699 -19.98 -3.67 8.30
C HIS B 699 -18.84 -2.68 8.11
N GLY B 700 -18.09 -2.44 9.17
CA GLY B 700 -16.99 -1.50 9.10
C GLY B 700 -16.80 -0.82 10.44
N TYR B 701 -15.91 0.15 10.45
CA TYR B 701 -15.62 0.88 11.67
C TYR B 701 -16.79 1.80 12.01
N PRO B 702 -17.31 1.74 13.23
CA PRO B 702 -18.51 2.51 13.57
C PRO B 702 -18.35 4.02 13.43
N TRP B 703 -17.14 4.52 13.60
CA TRP B 703 -16.88 5.96 13.50
C TRP B 703 -17.21 6.54 12.13
N LEU B 704 -17.17 5.71 11.11
CA LEU B 704 -17.46 6.16 9.74
C LEU B 704 -18.92 6.57 9.58
N ILE B 705 -19.83 5.86 10.22
CA ILE B 705 -21.24 6.25 10.17
C ILE B 705 -21.44 7.61 10.81
N HIS B 706 -20.73 7.84 11.92
CA HIS B 706 -20.81 9.10 12.63
C HIS B 706 -20.27 10.22 11.75
N LYS B 707 -19.17 9.95 11.05
CA LYS B 707 -18.58 10.95 10.17
C LYS B 707 -19.55 11.36 9.07
N LEU B 708 -20.28 10.38 8.51
CA LEU B 708 -21.18 10.68 7.40
C LEU B 708 -22.43 11.41 7.86
N ALA B 709 -22.99 11.01 9.00
CA ALA B 709 -24.33 11.47 9.36
C ALA B 709 -24.36 12.24 10.67
N TYR B 710 -23.39 13.12 10.89
CA TYR B 710 -23.38 13.92 12.12
C TYR B 710 -24.23 15.17 12.01
N ARG B 711 -24.54 15.60 10.79
CA ARG B 711 -25.35 16.80 10.58
C ARG B 711 -26.83 16.51 10.47
N ARG B 712 -27.27 15.36 11.00
CA ARG B 712 -28.67 15.01 10.95
C ARG B 712 -29.38 15.44 12.23
N HIS B 713 -30.69 15.60 12.14
CA HIS B 713 -31.48 16.05 13.28
C HIS B 713 -31.60 15.01 14.36
N ASN B 714 -31.32 13.74 14.05
CA ASN B 714 -31.46 12.66 15.01
C ASN B 714 -30.13 11.95 15.23
N HIS B 715 -29.01 12.67 15.06
CA HIS B 715 -27.71 12.05 15.29
C HIS B 715 -27.49 11.71 16.76
N ASN B 716 -28.16 12.43 17.68
CA ASN B 716 -28.03 12.12 19.09
C ASN B 716 -28.66 10.79 19.46
N ASN B 717 -29.47 10.21 18.57
CA ASN B 717 -30.07 8.90 18.79
C ASN B 717 -29.47 7.82 17.91
N LEU B 718 -28.34 8.10 17.27
CA LEU B 718 -27.69 7.13 16.38
C LEU B 718 -26.66 6.35 17.18
N HIS B 719 -26.91 5.05 17.31
CA HIS B 719 -26.01 4.12 18.00
C HIS B 719 -25.50 3.21 16.91
N VAL B 720 -24.18 3.13 16.78
CA VAL B 720 -23.60 2.32 15.71
C VAL B 720 -22.77 1.22 16.33
N ARG B 721 -23.00 -0.01 15.84
CA ARG B 721 -22.25 -1.19 16.24
C ARG B 721 -21.58 -1.70 14.96
N GLY B 722 -20.27 -1.94 15.02
CA GLY B 722 -19.54 -2.37 13.84
C GLY B 722 -18.30 -3.14 14.20
N TYR B 723 -17.32 -3.08 13.31
CA TYR B 723 -16.08 -3.80 13.50
C TYR B 723 -15.23 -3.14 14.58
N LYS B 724 -14.75 -3.94 15.53
CA LYS B 724 -13.80 -3.46 16.52
C LYS B 724 -12.46 -4.16 16.42
N GLU B 725 -12.43 -5.48 16.59
CA GLU B 725 -11.19 -6.26 16.62
C GLU B 725 -11.54 -7.69 16.25
N VAL B 726 -10.53 -8.44 15.82
CA VAL B 726 -10.70 -9.84 15.46
C VAL B 726 -9.69 -10.67 16.24
N GLY B 727 -10.20 -11.57 17.08
CA GLY B 727 -9.36 -12.61 17.62
C GLY B 727 -9.17 -13.74 16.64
N ASN B 728 -8.18 -14.59 16.91
CA ASN B 728 -7.87 -15.65 15.97
C ASN B 728 -8.96 -16.72 15.97
N ILE B 729 -9.35 -17.15 14.76
CA ILE B 729 -10.22 -18.30 14.52
C ILE B 729 -11.51 -18.23 15.32
N ASN B 730 -12.21 -17.11 15.26
CA ASN B 730 -13.55 -17.07 15.81
C ASN B 730 -14.51 -17.76 14.84
N THR B 731 -15.52 -18.43 15.40
CA THR B 731 -16.61 -18.88 14.57
C THR B 731 -17.42 -17.67 14.12
N PRO B 732 -18.22 -17.79 13.06
CA PRO B 732 -18.97 -16.62 12.58
C PRO B 732 -19.83 -15.98 13.65
N LEU B 733 -20.47 -16.79 14.51
CA LEU B 733 -21.26 -16.21 15.59
C LEU B 733 -20.36 -15.65 16.69
N GLU B 734 -19.26 -16.34 16.99
CA GLU B 734 -18.34 -15.87 18.02
C GLU B 734 -17.72 -14.55 17.65
N LEU B 735 -17.35 -14.37 16.38
CA LEU B 735 -16.78 -13.11 15.92
C LEU B 735 -17.79 -11.98 16.06
N ALA B 736 -19.05 -12.25 15.74
CA ALA B 736 -20.08 -11.22 15.91
C ALA B 736 -20.29 -10.87 17.37
N ILE B 737 -20.13 -11.84 18.27
CA ILE B 737 -20.26 -11.57 19.70
C ILE B 737 -19.12 -10.69 20.20
N ARG B 738 -17.91 -10.94 19.71
CA ARG B 738 -16.76 -10.15 20.16
C ARG B 738 -16.92 -8.69 19.80
N ASN B 739 -17.45 -8.41 18.61
CA ASN B 739 -17.67 -7.05 18.15
C ASN B 739 -19.02 -6.50 18.57
N GLN B 740 -19.83 -7.28 19.28
CA GLN B 740 -21.15 -6.86 19.77
C GLN B 740 -22.08 -6.46 18.62
N VAL B 741 -21.90 -7.07 17.45
CA VAL B 741 -22.86 -6.92 16.37
C VAL B 741 -23.78 -8.12 16.26
N ASP B 742 -23.72 -9.02 17.22
CA ASP B 742 -24.51 -10.24 17.18
C ASP B 742 -26.00 -9.92 17.42
N ARG B 743 -26.84 -10.90 17.11
CA ARG B 743 -28.27 -10.75 17.35
C ARG B 743 -28.57 -10.50 18.82
N PHE B 744 -27.83 -11.16 19.72
CA PHE B 744 -28.12 -11.02 21.14
C PHE B 744 -27.64 -9.67 21.66
N ASN B 745 -26.47 -9.22 21.21
CA ASN B 745 -25.99 -7.90 21.64
C ASN B 745 -26.87 -6.79 21.09
N LEU B 746 -27.35 -6.91 19.85
CA LEU B 746 -28.23 -5.90 19.30
C LEU B 746 -29.55 -5.84 20.06
N ALA B 747 -30.09 -6.99 20.45
CA ALA B 747 -31.32 -7.00 21.23
C ALA B 747 -31.10 -6.36 22.59
N ILE B 748 -29.94 -6.59 23.20
CA ILE B 748 -29.60 -5.93 24.45
C ILE B 748 -29.49 -4.42 24.25
N ASP B 749 -28.90 -3.99 23.13
CA ASP B 749 -28.76 -2.57 22.84
C ASP B 749 -30.13 -1.91 22.68
N VAL B 750 -31.08 -2.62 22.06
CA VAL B 750 -32.43 -2.07 21.93
C VAL B 750 -33.09 -1.92 23.30
N ILE B 751 -32.93 -2.91 24.17
CA ILE B 751 -33.54 -2.85 25.49
C ILE B 751 -32.98 -1.68 26.29
N ASP B 752 -31.69 -1.42 26.17
CA ASP B 752 -31.10 -0.27 26.86
C ASP B 752 -31.62 1.04 26.32
N ARG B 753 -31.72 1.15 25.00
CA ARG B 753 -32.11 2.39 24.34
C ARG B 753 -33.59 2.78 24.41
N VAL B 754 -34.48 1.81 24.35
CA VAL B 754 -35.91 2.11 24.36
C VAL B 754 -36.33 2.46 25.78
N PRO B 755 -36.87 3.67 26.01
CA PRO B 755 -37.13 4.11 27.39
C PRO B 755 -38.11 3.24 28.16
N HIS B 756 -39.13 2.69 27.51
CA HIS B 756 -40.14 1.92 28.22
C HIS B 756 -39.79 0.45 28.35
N LEU B 757 -38.61 0.04 27.89
CA LEU B 757 -38.11 -1.31 28.10
C LEU B 757 -37.04 -1.38 29.18
N ARG B 758 -36.71 -0.27 29.83
CA ARG B 758 -35.59 -0.25 30.76
C ARG B 758 -35.91 -0.94 32.08
N ASP B 759 -37.18 -1.20 32.37
CA ASP B 759 -37.56 -2.00 33.52
C ASP B 759 -38.17 -3.33 33.15
N ARG B 760 -39.05 -3.36 32.14
CA ARG B 760 -39.67 -4.61 31.74
C ARG B 760 -38.77 -5.49 30.89
N GLY B 761 -37.65 -4.97 30.40
CA GLY B 761 -36.73 -5.77 29.63
C GLY B 761 -35.61 -6.41 30.40
N ALA B 762 -35.64 -6.34 31.74
CA ALA B 762 -34.51 -6.83 32.53
C ALA B 762 -34.39 -8.34 32.46
N HIS B 763 -35.51 -9.05 32.60
CA HIS B 763 -35.45 -10.51 32.57
C HIS B 763 -35.06 -11.03 31.19
N VAL B 764 -35.55 -10.39 30.14
CA VAL B 764 -35.12 -10.76 28.79
C VAL B 764 -33.65 -10.46 28.60
N LYS B 765 -33.18 -9.33 29.14
CA LYS B 765 -31.77 -8.98 28.99
C LYS B 765 -30.86 -10.02 29.66
N GLU B 766 -31.28 -10.54 30.81
CA GLU B 766 -30.52 -11.60 31.46
C GLU B 766 -30.54 -12.88 30.63
N TRP B 767 -31.69 -13.19 30.03
CA TRP B 767 -31.77 -14.38 29.18
C TRP B 767 -30.89 -14.25 27.96
N LEU B 768 -30.83 -13.04 27.37
CA LEU B 768 -29.98 -12.82 26.21
C LEU B 768 -28.50 -13.02 26.56
N LYS B 769 -28.09 -12.57 27.75
CA LYS B 769 -26.72 -12.77 28.17
C LYS B 769 -26.42 -14.25 28.40
N ASP B 770 -27.40 -15.01 28.85
CA ASP B 770 -27.21 -16.46 28.98
C ASP B 770 -27.01 -17.11 27.63
N GLN B 771 -27.73 -16.65 26.61
CA GLN B 771 -27.54 -17.18 25.26
C GLN B 771 -26.13 -16.88 24.76
N ILE B 772 -25.61 -15.69 25.03
CA ILE B 772 -24.26 -15.35 24.62
C ILE B 772 -23.26 -16.31 25.26
N HIS B 773 -23.42 -16.58 26.55
CA HIS B 773 -22.54 -17.51 27.24
C HIS B 773 -22.64 -18.92 26.65
N ASP B 774 -23.85 -19.38 26.38
CA ASP B 774 -24.03 -20.75 25.89
C ASP B 774 -23.38 -20.94 24.52
N HIS B 775 -23.56 -19.98 23.62
CA HIS B 775 -23.01 -20.12 22.28
C HIS B 775 -21.50 -20.00 22.27
N ILE B 776 -20.93 -19.16 23.14
CA ILE B 776 -19.48 -19.07 23.24
C ILE B 776 -18.90 -20.38 23.75
N GLN B 777 -19.53 -20.98 24.76
CA GLN B 777 -19.04 -22.26 25.28
C GLN B 777 -19.13 -23.36 24.23
N TYR B 778 -20.21 -23.39 23.46
CA TYR B 778 -20.33 -24.40 22.42
C TYR B 778 -19.29 -24.21 21.33
N ALA B 779 -18.93 -22.96 21.04
CA ALA B 779 -17.90 -22.71 20.03
C ALA B 779 -16.54 -23.22 20.48
N TYR B 780 -16.25 -23.16 21.77
CA TYR B 780 -14.98 -23.67 22.27
C TYR B 780 -14.97 -25.19 22.31
N GLN B 781 -16.11 -25.81 22.56
CA GLN B 781 -16.17 -27.27 22.64
C GLN B 781 -16.12 -27.90 21.26
N GLU B 782 -16.75 -27.28 20.27
CA GLU B 782 -16.92 -27.90 18.96
C GLU B 782 -16.18 -27.19 17.84
N GLY B 783 -15.85 -25.91 17.99
CA GLY B 783 -15.26 -25.16 16.90
C GLY B 783 -16.24 -24.69 15.86
N ILE B 784 -17.53 -24.95 16.05
CA ILE B 784 -18.57 -24.59 15.11
C ILE B 784 -19.76 -24.05 15.89
N ASP B 785 -20.63 -23.31 15.20
CA ASP B 785 -21.85 -22.82 15.82
C ASP B 785 -22.93 -23.91 15.81
N ARG B 786 -23.96 -23.70 16.61
CA ARG B 786 -25.04 -24.67 16.70
C ARG B 786 -25.84 -24.71 15.40
N PRO B 787 -26.47 -25.84 15.10
CA PRO B 787 -27.30 -25.91 13.89
C PRO B 787 -28.39 -24.85 13.84
N GLU B 788 -28.96 -24.48 14.98
CA GLU B 788 -30.02 -23.48 14.99
C GLU B 788 -29.51 -22.13 14.50
N ILE B 789 -28.29 -21.76 14.87
CA ILE B 789 -27.73 -20.50 14.42
C ILE B 789 -27.42 -20.54 12.93
N ASN B 790 -26.82 -21.64 12.46
CA ASN B 790 -26.41 -21.73 11.06
C ASN B 790 -27.61 -21.76 10.13
N GLN B 791 -28.68 -22.45 10.52
CA GLN B 791 -29.86 -22.63 9.69
C GLN B 791 -30.99 -21.70 10.10
N TRP B 792 -30.67 -20.53 10.65
CA TRP B 792 -31.69 -19.61 11.09
C TRP B 792 -32.44 -19.03 9.90
N GLN B 793 -33.76 -18.98 10.02
CA GLN B 793 -34.61 -18.38 9.01
C GLN B 793 -35.51 -17.35 9.67
N TRP B 794 -35.98 -16.42 8.85
CA TRP B 794 -36.89 -15.39 9.34
C TRP B 794 -38.23 -16.03 9.68
N PRO B 795 -38.70 -15.93 10.92
CA PRO B 795 -40.05 -16.41 11.23
C PRO B 795 -41.09 -15.39 10.79
N PHE B 796 -42.35 -15.59 11.16
CA PHE B 796 -43.44 -14.70 10.76
C PHE B 796 -43.64 -14.71 9.24
PG ANP C . -20.00 22.46 11.56
O1G ANP C . -20.90 23.61 11.85
O2G ANP C . -19.88 21.56 12.85
O3G ANP C . -20.61 21.59 10.39
PB ANP C . -17.51 23.35 12.42
O1B ANP C . -17.05 24.76 12.39
O2B ANP C . -18.34 23.10 13.71
N3B ANP C . -18.47 23.02 11.08
PA ANP C . -16.45 20.90 12.85
O1A ANP C . -17.74 20.69 13.53
O2A ANP C . -15.23 20.59 13.70
O3A ANP C . -16.28 22.40 12.39
O5' ANP C . -16.44 20.05 11.52
C5' ANP C . -15.21 19.53 10.96
C4' ANP C . -15.45 18.16 10.39
O4' ANP C . -15.61 17.21 11.45
C3' ANP C . -16.70 17.98 9.55
O3' ANP C . -16.45 18.36 8.19
C2' ANP C . -17.00 16.48 9.67
O2' ANP C . -16.61 15.74 8.52
C1' ANP C . -16.19 16.04 10.90
N9 ANP C . -16.97 15.37 11.94
C8 ANP C . -17.06 14.01 12.14
N7 ANP C . -17.83 13.69 13.15
C5 ANP C . -18.26 14.90 13.65
C6 ANP C . -19.11 15.24 14.73
N6 ANP C . -19.68 14.33 15.53
N1 ANP C . -19.34 16.55 14.95
C2 ANP C . -18.76 17.45 14.16
N3 ANP C . -17.95 17.25 13.11
C4 ANP C . -17.74 15.95 12.91
N1' TPP D . -2.54 -11.66 -2.12
C2' TPP D . -1.58 -11.32 -1.25
CM2 TPP D . -0.80 -10.09 -1.55
N3' TPP D . -1.26 -12.00 -0.15
C4' TPP D . -1.96 -13.11 0.13
N4' TPP D . -1.63 -13.78 1.24
C5' TPP D . -3.01 -13.56 -0.72
C6' TPP D . -3.24 -12.77 -1.83
C7' TPP D . -3.82 -14.79 -0.46
N3 TPP D . -2.99 -16.01 -0.30
C2 TPP D . -2.74 -16.58 0.87
S1 TPP D . -1.78 -17.94 0.71
C5 TPP D . -1.71 -17.75 -1.00
C4 TPP D . -2.41 -16.66 -1.39
CM4 TPP D . -2.60 -16.16 -2.77
C6 TPP D . -0.93 -18.71 -1.86
C7 TPP D . 0.40 -18.15 -2.32
O7 TPP D . 1.07 -19.16 -3.11
PA TPP D . 2.54 -19.65 -2.84
O1A TPP D . 3.03 -20.32 -4.11
O2A TPP D . 3.36 -18.55 -2.32
O3A TPP D . 2.34 -20.79 -1.76
PB TPP D . 2.48 -22.36 -1.63
O1B TPP D . 1.31 -22.76 -0.73
O2B TPP D . 2.23 -22.89 -3.03
O3B TPP D . 3.81 -22.74 -1.08
MG MG E . 3.41 -22.29 -4.64
PG ANP F . -21.55 5.94 23.30
O1G ANP F . -22.56 5.75 24.42
O2G ANP F . -21.92 7.04 22.33
O3G ANP F . -20.12 5.99 23.78
PB ANP F . -23.06 4.15 21.38
O1B ANP F . -23.98 5.35 21.48
O2B ANP F . -23.61 2.79 21.78
N3B ANP F . -21.65 4.46 22.36
PA ANP F . -22.03 5.32 19.07
O1A ANP F . -22.39 6.55 19.87
O2A ANP F . -22.46 5.22 17.62
O3A ANP F . -22.59 4.03 19.85
O5' ANP F . -20.44 5.11 19.14
C5' ANP F . -19.84 3.94 18.59
C4' ANP F . -18.45 4.29 18.06
O4' ANP F . -18.53 5.44 17.22
C3' ANP F . -17.49 4.60 19.19
O3' ANP F . -16.43 3.64 19.21
C2' ANP F . -16.99 6.02 18.95
O2' ANP F . -15.57 6.09 18.78
C1' ANP F . -17.68 6.49 17.68
N9 ANP F . -18.49 7.70 17.97
C8 ANP F . -19.61 7.74 18.70
N7 ANP F . -20.11 8.99 18.78
C5 ANP F . -19.30 9.80 18.07
C6 ANP F . -19.23 11.25 17.75
N6 ANP F . -20.18 12.10 18.19
N1 ANP F . -18.21 11.67 16.99
C2 ANP F . -17.26 10.83 16.53
N3 ANP F . -17.25 9.50 16.79
C4 ANP F . -18.22 8.95 17.54
N1' TPP G . 9.15 7.05 -3.40
C2' TPP G . 8.19 6.72 -4.29
CM2 TPP G . 7.59 5.36 -4.16
N3' TPP G . 7.73 7.49 -5.28
C4' TPP G . 8.27 8.72 -5.41
N4' TPP G . 7.80 9.49 -6.40
C5' TPP G . 9.29 9.17 -4.53
C6' TPP G . 9.66 8.27 -3.55
C7' TPP G . 9.93 10.53 -4.62
N3 TPP G . 10.59 10.77 -5.93
C2 TPP G . 10.06 11.47 -6.91
S1 TPP G . 11.06 11.54 -8.25
C5 TPP G . 12.25 10.57 -7.46
C4 TPP G . 11.84 10.24 -6.23
CM4 TPP G . 12.58 9.42 -5.22
C6 TPP G . 13.54 10.20 -8.15
C7 TPP G . 13.49 8.87 -8.86
O7 TPP G . 13.73 9.11 -10.26
PA TPP G . 14.26 8.02 -11.26
O1A TPP G . 13.29 6.87 -11.33
O2A TPP G . 15.67 7.68 -10.96
O3A TPP G . 14.17 8.78 -12.62
PB TPP G . 15.11 9.56 -13.64
O1B TPP G . 14.16 10.05 -14.72
O2B TPP G . 15.62 10.75 -12.84
O3B TPP G . 16.18 8.66 -14.16
MG MG H . 17.35 8.23 -12.58
#